data_4PZF
#
_entry.id   4PZF
#
_cell.length_a   80.820
_cell.length_b   175.440
_cell.length_c   195.810
_cell.angle_alpha   90.00
_cell.angle_beta   90.00
_cell.angle_gamma   90.00
#
_symmetry.space_group_name_H-M   'P 2 2 21'
#
loop_
_entity.id
_entity.type
_entity.pdbx_description
1 polymer 'Reticuline oxidase'
2 branched 2-acetamido-2-deoxy-beta-D-glucopyranose-(1-4)-2-acetamido-2-deoxy-beta-D-glucopyranose
3 non-polymer 'FLAVIN-ADENINE DINUCLEOTIDE'
4 non-polymer 2-acetamido-2-deoxy-beta-D-glucopyranose
5 non-polymer 'SULFATE ION'
6 non-polymer 'DODECAETHYLENE GLYCOL'
7 water water
#
_entity_poly.entity_id   1
_entity_poly.type   'polypeptide(L)'
_entity_poly.pdbx_seq_one_letter_code
;MENKTPIFFSLSIFLSLLNCAEAGNDLLSCLTFNGVRNHTVFSADSDSDFNRFLHLSIQNPLFQNSLISKPSAIILPGSK
EELSNTIRCIRKGSWTIRLRSGGHSYEGLSYTSDTPFILIDLMNLNRVSIDLESETAWVESGSTLGELYYAITESSSKLG
FTAAWCPTVGTGGHISGGGFGMMSRKYGLAADNVVDAILIDANGAILDRQAMGEDVFWAIRGGGGGVWGAIYAWKIKLLP
VPEKVTVFRVTKNVAIDEATSLLHKWQFVAEELEEDFTLSVLGGADEKQVWLTMLGFHFGLKTVAKSTFDLLFPELGLVE
EDYLEMSWGESFAYLAGLETVSQLNNRFLKFDERAFKTKVDLTKEPLPSKAFYGLLERLSKEPNGFIALNGFGGQMSKIS
SDFTPFPHRSGTRLMVEYIVAWNQSEQKKKTEFLDWLEKVYEFMKPFVSKNPRLGYVNHIDLDLGGIDWGNKTVVNNAIE
ISRSWGESYFLSNYERLIRAKTLIDPNNVFNHPQSIPPMANFDYLEKTLGSDGGEVVI
;
_entity_poly.pdbx_strand_id   A,B,C,D
#
# COMPACT_ATOMS: atom_id res chain seq x y z
N ASP A 26 -2.13 -29.40 -4.74
CA ASP A 26 -2.29 -30.34 -3.64
C ASP A 26 -1.35 -30.01 -2.49
N LEU A 27 -1.91 -29.80 -1.30
CA LEU A 27 -1.15 -29.36 -0.14
C LEU A 27 -0.11 -30.40 0.29
N LEU A 28 -0.53 -31.67 0.35
CA LEU A 28 0.35 -32.75 0.79
C LEU A 28 1.53 -32.93 -0.16
N SER A 29 1.28 -32.80 -1.46
CA SER A 29 2.36 -32.85 -2.44
C SER A 29 3.32 -31.68 -2.25
N CYS A 30 2.76 -30.49 -2.12
CA CYS A 30 3.56 -29.28 -1.90
C CYS A 30 4.43 -29.40 -0.65
N LEU A 31 3.80 -29.78 0.46
CA LEU A 31 4.51 -29.96 1.73
C LEU A 31 5.61 -31.01 1.62
N THR A 32 5.29 -32.15 1.02
CA THR A 32 6.27 -33.22 0.83
C THR A 32 7.47 -32.77 0.01
N PHE A 33 7.20 -32.10 -1.11
CA PHE A 33 8.27 -31.58 -1.96
C PHE A 33 9.11 -30.53 -1.24
N ASN A 34 8.47 -29.75 -0.37
CA ASN A 34 9.14 -28.66 0.33
C ASN A 34 9.84 -29.11 1.60
N GLY A 35 9.81 -30.42 1.87
CA GLY A 35 10.51 -30.97 3.02
C GLY A 35 9.86 -30.68 4.37
N VAL A 36 8.54 -30.57 4.38
CA VAL A 36 7.80 -30.42 5.62
C VAL A 36 7.05 -31.71 5.93
N ARG A 37 7.67 -32.59 6.72
CA ARG A 37 7.14 -33.94 6.89
C ARG A 37 6.14 -34.10 8.05
N ASN A 38 6.25 -33.27 9.09
CA ASN A 38 5.36 -33.42 10.24
C ASN A 38 4.03 -32.69 10.02
N HIS A 39 3.07 -33.41 9.45
CA HIS A 39 1.74 -32.88 9.20
C HIS A 39 0.70 -33.99 9.33
N THR A 40 -0.51 -33.62 9.75
CA THR A 40 -1.62 -34.57 9.84
C THR A 40 -2.90 -33.94 9.29
N VAL A 41 -3.64 -34.70 8.48
CA VAL A 41 -4.90 -34.22 7.92
C VAL A 41 -6.06 -34.43 8.90
N PHE A 42 -7.19 -33.76 8.65
CA PHE A 42 -8.36 -33.88 9.51
C PHE A 42 -8.80 -35.33 9.70
N SER A 43 -9.29 -35.63 10.90
CA SER A 43 -9.89 -36.92 11.18
C SER A 43 -10.93 -36.76 12.29
N ALA A 44 -12.10 -37.34 12.11
CA ALA A 44 -13.16 -37.24 13.12
C ALA A 44 -12.91 -38.23 14.25
N ASP A 45 -11.96 -39.12 14.05
CA ASP A 45 -11.58 -40.11 15.05
C ASP A 45 -10.93 -39.43 16.25
N SER A 46 -11.60 -39.51 17.40
CA SER A 46 -11.11 -38.91 18.64
C SER A 46 -9.73 -39.42 19.06
N ASP A 47 -9.36 -40.60 18.56
CA ASP A 47 -8.09 -41.22 18.94
C ASP A 47 -6.97 -40.95 17.94
N SER A 48 -7.27 -40.21 16.88
CA SER A 48 -6.27 -39.90 15.86
C SER A 48 -5.20 -38.95 16.38
N ASP A 49 -4.02 -39.00 15.77
CA ASP A 49 -2.94 -38.06 16.06
C ASP A 49 -3.41 -36.63 15.81
N PHE A 50 -4.26 -36.48 14.81
CA PHE A 50 -4.83 -35.17 14.46
C PHE A 50 -5.58 -34.56 15.64
N ASN A 51 -6.54 -35.29 16.18
CA ASN A 51 -7.39 -34.78 17.25
C ASN A 51 -6.58 -34.51 18.52
N ARG A 52 -5.56 -35.31 18.75
CA ARG A 52 -4.70 -35.13 19.92
C ARG A 52 -3.88 -33.85 19.80
N PHE A 53 -3.24 -33.66 18.65
CA PHE A 53 -2.46 -32.46 18.36
C PHE A 53 -3.33 -31.23 18.42
N LEU A 54 -4.53 -31.33 17.86
CA LEU A 54 -5.49 -30.22 17.85
C LEU A 54 -5.83 -29.75 19.26
N HIS A 55 -6.04 -30.70 20.16
CA HIS A 55 -6.52 -30.38 21.50
C HIS A 55 -5.39 -30.18 22.51
N LEU A 56 -4.20 -30.62 22.14
CA LEU A 56 -3.04 -30.54 23.03
C LEU A 56 -2.77 -29.12 23.53
N SER A 57 -3.06 -28.14 22.67
CA SER A 57 -2.78 -26.75 23.00
C SER A 57 -4.03 -25.87 22.98
N ILE A 58 -5.20 -26.47 23.14
CA ILE A 58 -6.41 -25.68 23.37
C ILE A 58 -6.51 -25.39 24.86
N GLN A 59 -6.33 -24.12 25.22
CA GLN A 59 -6.23 -23.75 26.63
C GLN A 59 -7.53 -23.12 27.15
N ASN A 60 -8.49 -22.95 26.25
CA ASN A 60 -9.83 -22.53 26.63
C ASN A 60 -10.86 -23.50 26.07
N PRO A 61 -11.25 -24.50 26.88
CA PRO A 61 -12.25 -25.52 26.54
C PRO A 61 -13.56 -24.96 25.99
N LEU A 62 -13.77 -23.66 26.09
CA LEU A 62 -14.93 -23.00 25.48
C LEU A 62 -14.94 -23.23 23.96
N PHE A 63 -13.78 -23.58 23.40
CA PHE A 63 -13.65 -23.75 21.96
C PHE A 63 -13.25 -25.15 21.51
N GLN A 64 -13.47 -26.16 22.35
CA GLN A 64 -13.02 -27.52 22.06
C GLN A 64 -14.09 -28.39 21.41
N ASN A 65 -15.35 -28.08 21.71
CA ASN A 65 -16.49 -28.97 21.43
C ASN A 65 -16.68 -29.35 19.96
N SER A 66 -17.53 -30.35 19.72
CA SER A 66 -17.69 -30.98 18.40
C SER A 66 -18.21 -30.02 17.33
N LEU A 67 -18.94 -28.99 17.74
CA LEU A 67 -19.22 -27.86 16.86
C LEU A 67 -17.89 -27.13 16.62
N ILE A 68 -17.93 -25.83 16.37
CA ILE A 68 -16.70 -25.03 16.27
C ILE A 68 -15.79 -25.46 15.10
N SER A 69 -15.15 -24.49 14.45
CA SER A 69 -14.32 -24.79 13.28
C SER A 69 -13.14 -25.70 13.62
N LYS A 70 -12.87 -26.64 12.72
CA LYS A 70 -11.71 -27.52 12.83
C LYS A 70 -10.82 -27.34 11.60
N PRO A 71 -9.50 -27.44 11.79
CA PRO A 71 -8.59 -27.29 10.65
C PRO A 71 -8.63 -28.49 9.72
N SER A 72 -8.40 -28.26 8.43
CA SER A 72 -8.36 -29.36 7.46
C SER A 72 -7.07 -30.15 7.62
N ALA A 73 -6.08 -29.52 8.22
CA ALA A 73 -4.80 -30.16 8.50
C ALA A 73 -4.02 -29.41 9.58
N ILE A 74 -3.15 -30.13 10.28
CA ILE A 74 -2.26 -29.51 11.26
C ILE A 74 -0.81 -29.75 10.87
N ILE A 75 -0.03 -28.68 10.77
CA ILE A 75 1.36 -28.80 10.35
C ILE A 75 2.30 -28.35 11.45
N LEU A 76 3.33 -29.15 11.71
CA LEU A 76 4.33 -28.83 12.72
C LEU A 76 5.71 -28.63 12.10
N PRO A 77 5.98 -27.41 11.59
CA PRO A 77 7.30 -27.12 11.02
C PRO A 77 8.39 -27.23 12.07
N GLY A 78 9.55 -27.76 11.69
CA GLY A 78 10.63 -28.00 12.62
C GLY A 78 11.80 -27.06 12.43
N SER A 79 11.64 -26.10 11.52
CA SER A 79 12.67 -25.12 11.24
C SER A 79 12.06 -23.86 10.64
N LYS A 80 12.82 -22.77 10.60
CA LYS A 80 12.29 -21.53 10.05
C LYS A 80 12.08 -21.67 8.54
N GLU A 81 12.91 -22.47 7.88
CA GLU A 81 12.75 -22.72 6.45
C GLU A 81 11.48 -23.52 6.20
N GLU A 82 11.21 -24.51 7.06
CA GLU A 82 9.99 -25.29 6.97
C GLU A 82 8.76 -24.43 7.24
N LEU A 83 8.90 -23.48 8.15
CA LEU A 83 7.82 -22.53 8.44
C LEU A 83 7.55 -21.65 7.23
N SER A 84 8.62 -21.20 6.59
CA SER A 84 8.53 -20.40 5.38
C SER A 84 7.78 -21.12 4.27
N ASN A 85 8.19 -22.36 4.00
CA ASN A 85 7.59 -23.16 2.93
C ASN A 85 6.18 -23.62 3.27
N THR A 86 5.91 -23.82 4.54
CA THR A 86 4.57 -24.19 4.99
C THR A 86 3.59 -23.08 4.64
N ILE A 87 3.99 -21.85 4.94
CA ILE A 87 3.19 -20.67 4.61
C ILE A 87 2.94 -20.59 3.11
N ARG A 88 3.99 -20.79 2.32
CA ARG A 88 3.90 -20.78 0.86
C ARG A 88 2.90 -21.83 0.35
N CYS A 89 2.98 -23.04 0.89
CA CYS A 89 2.16 -24.16 0.43
C CYS A 89 0.67 -23.97 0.73
N ILE A 90 0.35 -23.69 1.99
CA ILE A 90 -1.03 -23.43 2.40
C ILE A 90 -1.68 -22.39 1.51
N ARG A 91 -0.94 -21.34 1.22
CA ARG A 91 -1.45 -20.22 0.46
C ARG A 91 -1.72 -20.54 -1.02
N LYS A 92 -0.98 -21.50 -1.58
CA LYS A 92 -1.25 -21.96 -2.95
C LYS A 92 -2.66 -22.54 -3.07
N GLY A 93 -3.20 -22.99 -1.95
CA GLY A 93 -4.57 -23.43 -1.88
C GLY A 93 -5.49 -22.28 -1.54
N SER A 94 -6.70 -22.59 -1.06
CA SER A 94 -7.69 -21.57 -0.75
C SER A 94 -7.69 -21.24 0.74
N TRP A 95 -6.85 -21.93 1.49
CA TRP A 95 -6.94 -21.95 2.95
C TRP A 95 -6.51 -20.67 3.66
N THR A 96 -7.21 -20.38 4.75
CA THR A 96 -6.82 -19.37 5.72
C THR A 96 -5.71 -19.92 6.61
N ILE A 97 -4.67 -19.13 6.85
CA ILE A 97 -3.59 -19.58 7.72
C ILE A 97 -3.91 -19.27 9.19
N ARG A 98 -3.66 -20.23 10.06
CA ARG A 98 -3.74 -20.03 11.49
C ARG A 98 -2.45 -20.43 12.16
N LEU A 99 -1.89 -19.54 12.97
CA LEU A 99 -0.66 -19.82 13.70
C LEU A 99 -0.99 -20.09 15.17
N ARG A 100 -0.36 -21.10 15.75
CA ARG A 100 -0.54 -21.35 17.17
C ARG A 100 0.78 -21.64 17.87
N SER A 101 1.03 -20.90 18.94
CA SER A 101 2.22 -21.11 19.77
C SER A 101 1.85 -21.84 21.04
N GLY A 102 1.26 -21.12 21.98
CA GLY A 102 0.85 -21.71 23.24
C GLY A 102 -0.64 -22.01 23.30
N GLY A 103 -1.40 -21.41 22.38
CA GLY A 103 -2.83 -21.65 22.27
C GLY A 103 -3.67 -21.03 23.38
N HIS A 104 -3.15 -19.97 24.00
CA HIS A 104 -3.83 -19.34 25.12
C HIS A 104 -4.79 -18.23 24.73
N SER A 105 -5.02 -18.08 23.43
CA SER A 105 -5.95 -17.07 22.93
C SER A 105 -7.27 -17.12 23.67
N TYR A 106 -7.63 -16.01 24.30
CA TYR A 106 -8.87 -15.93 25.08
C TYR A 106 -10.09 -16.25 24.22
N GLU A 107 -9.99 -15.96 22.93
CA GLU A 107 -11.09 -16.18 21.99
C GLU A 107 -10.78 -17.30 21.00
N GLY A 108 -9.77 -18.10 21.30
CA GLY A 108 -9.42 -19.25 20.48
C GLY A 108 -9.10 -18.91 19.04
N LEU A 109 -8.52 -17.73 18.82
CA LEU A 109 -8.25 -17.24 17.48
C LEU A 109 -7.06 -17.94 16.80
N SER A 110 -6.33 -18.76 17.55
CA SER A 110 -5.16 -19.42 17.01
C SER A 110 -5.50 -20.79 16.41
N TYR A 111 -6.71 -21.27 16.69
CA TYR A 111 -7.12 -22.58 16.19
C TYR A 111 -8.57 -22.63 15.74
N THR A 112 -9.15 -21.48 15.42
CA THR A 112 -10.48 -21.41 14.84
C THR A 112 -10.53 -20.41 13.69
N SER A 113 -11.48 -20.61 12.78
CA SER A 113 -11.66 -19.71 11.64
C SER A 113 -13.04 -19.89 11.03
N ASP A 114 -13.64 -18.82 10.52
CA ASP A 114 -14.96 -18.92 9.91
C ASP A 114 -14.87 -19.40 8.46
N THR A 115 -13.65 -19.65 8.01
CA THR A 115 -13.40 -20.20 6.68
C THR A 115 -12.45 -21.40 6.82
N PRO A 116 -12.45 -22.32 5.83
CA PRO A 116 -11.55 -23.47 5.90
C PRO A 116 -10.10 -23.03 6.12
N PHE A 117 -9.41 -23.70 7.04
CA PHE A 117 -8.10 -23.21 7.42
C PHE A 117 -7.10 -24.33 7.72
N ILE A 118 -5.82 -24.00 7.64
CA ILE A 118 -4.76 -24.92 8.00
C ILE A 118 -4.07 -24.40 9.26
N LEU A 119 -3.89 -25.29 10.23
CA LEU A 119 -3.30 -24.91 11.51
C LEU A 119 -1.80 -25.16 11.54
N ILE A 120 -1.02 -24.09 11.63
CA ILE A 120 0.42 -24.21 11.82
C ILE A 120 0.74 -24.20 13.30
N ASP A 121 1.11 -25.36 13.84
CA ASP A 121 1.44 -25.46 15.26
C ASP A 121 2.96 -25.41 15.44
N LEU A 122 3.41 -24.49 16.29
CA LEU A 122 4.84 -24.18 16.40
C LEU A 122 5.54 -24.86 17.57
N MET A 123 4.91 -25.88 18.15
CA MET A 123 5.42 -26.51 19.37
C MET A 123 6.80 -27.13 19.20
N ASN A 124 7.15 -27.50 17.97
CA ASN A 124 8.47 -28.06 17.71
C ASN A 124 9.53 -26.99 17.52
N LEU A 125 9.09 -25.73 17.52
CA LEU A 125 10.01 -24.60 17.47
C LEU A 125 10.14 -23.98 18.85
N ASN A 126 10.79 -24.70 19.77
CA ASN A 126 10.88 -24.25 21.15
C ASN A 126 12.31 -24.23 21.70
N ARG A 127 13.26 -23.91 20.84
CA ARG A 127 14.66 -23.86 21.24
C ARG A 127 15.02 -22.48 21.78
N VAL A 128 15.78 -22.46 22.87
CA VAL A 128 16.26 -21.19 23.42
C VAL A 128 17.79 -21.17 23.38
N SER A 129 18.34 -20.15 22.72
CA SER A 129 19.79 -19.98 22.68
C SER A 129 20.16 -18.74 23.49
N ILE A 130 20.99 -18.94 24.52
CA ILE A 130 21.37 -17.83 25.39
C ILE A 130 22.82 -17.43 25.18
N ASP A 131 23.05 -16.13 25.04
CA ASP A 131 24.39 -15.58 24.95
C ASP A 131 24.68 -14.75 26.20
N LEU A 132 25.43 -15.34 27.12
CA LEU A 132 25.70 -14.73 28.41
C LEU A 132 26.65 -13.53 28.31
N GLU A 133 27.32 -13.39 27.18
CA GLU A 133 28.27 -12.30 26.97
C GLU A 133 27.56 -10.99 26.62
N SER A 134 26.56 -11.07 25.74
CA SER A 134 25.78 -9.89 25.39
C SER A 134 24.53 -9.81 26.24
N GLU A 135 24.30 -10.85 27.03
CA GLU A 135 23.11 -11.00 27.87
C GLU A 135 21.84 -10.85 27.03
N THR A 136 21.81 -11.57 25.91
CA THR A 136 20.65 -11.64 25.06
C THR A 136 20.27 -13.10 24.88
N ALA A 137 19.14 -13.35 24.23
CA ALA A 137 18.72 -14.71 23.95
C ALA A 137 17.85 -14.79 22.70
N TRP A 138 18.07 -15.81 21.89
CA TRP A 138 17.18 -16.08 20.77
C TRP A 138 16.14 -17.10 21.20
N VAL A 139 14.88 -16.77 21.00
CA VAL A 139 13.77 -17.58 21.48
C VAL A 139 12.82 -17.96 20.35
N GLU A 140 12.81 -19.22 19.97
CA GLU A 140 11.89 -19.69 18.94
C GLU A 140 10.46 -19.51 19.43
N SER A 141 9.57 -19.13 18.52
CA SER A 141 8.25 -18.63 18.90
C SER A 141 7.29 -19.68 19.44
N GLY A 142 7.69 -20.95 19.40
CA GLY A 142 6.89 -22.01 19.98
C GLY A 142 7.20 -22.20 21.44
N SER A 143 8.30 -21.59 21.88
CA SER A 143 8.71 -21.63 23.27
C SER A 143 7.64 -21.03 24.16
N THR A 144 7.36 -21.71 25.27
CA THR A 144 6.48 -21.15 26.28
C THR A 144 7.29 -20.28 27.23
N LEU A 145 6.60 -19.44 28.01
CA LEU A 145 7.27 -18.59 28.99
C LEU A 145 8.03 -19.43 29.99
N GLY A 146 7.43 -20.55 30.40
CA GLY A 146 8.04 -21.46 31.34
C GLY A 146 9.31 -22.10 30.81
N GLU A 147 9.24 -22.56 29.55
CA GLU A 147 10.41 -23.11 28.87
C GLU A 147 11.52 -22.07 28.81
N LEU A 148 11.15 -20.82 28.57
CA LEU A 148 12.10 -19.72 28.52
C LEU A 148 12.73 -19.42 29.89
N TYR A 149 11.88 -19.32 30.90
CA TYR A 149 12.35 -19.08 32.27
C TYR A 149 13.32 -20.15 32.70
N TYR A 150 12.94 -21.41 32.47
CA TYR A 150 13.77 -22.55 32.82
C TYR A 150 15.14 -22.49 32.15
N ALA A 151 15.14 -22.14 30.88
CA ALA A 151 16.36 -22.08 30.10
C ALA A 151 17.31 -21.01 30.63
N ILE A 152 16.74 -19.89 31.09
CA ILE A 152 17.54 -18.79 31.61
C ILE A 152 18.24 -19.17 32.92
N THR A 153 17.51 -19.82 33.81
CA THR A 153 18.05 -20.25 35.11
C THR A 153 19.22 -21.22 34.92
N GLU A 154 19.06 -22.14 33.98
CA GLU A 154 20.08 -23.15 33.68
C GLU A 154 21.36 -22.56 33.09
N SER A 155 21.36 -21.26 32.83
CA SER A 155 22.50 -20.56 32.26
C SER A 155 23.06 -19.51 33.21
N SER A 156 22.20 -18.95 34.06
CA SER A 156 22.60 -17.88 34.97
C SER A 156 21.62 -17.74 36.12
N SER A 157 22.12 -17.30 37.27
CA SER A 157 21.27 -17.03 38.42
C SER A 157 21.12 -15.53 38.62
N LYS A 158 21.84 -14.76 37.81
CA LYS A 158 21.80 -13.30 37.91
C LYS A 158 20.98 -12.68 36.79
N LEU A 159 20.33 -13.50 35.99
CA LEU A 159 19.55 -13.01 34.85
C LEU A 159 18.13 -13.55 34.86
N GLY A 160 17.20 -12.73 34.35
CA GLY A 160 15.81 -13.12 34.26
C GLY A 160 15.15 -12.41 33.09
N PHE A 161 13.82 -12.47 33.02
CA PHE A 161 13.09 -11.81 31.95
C PHE A 161 11.68 -11.46 32.39
N THR A 162 11.16 -10.34 31.89
CA THR A 162 9.84 -9.87 32.31
C THR A 162 8.73 -10.35 31.37
N ALA A 163 7.83 -11.15 31.92
CA ALA A 163 6.66 -11.64 31.20
C ALA A 163 5.67 -12.26 32.19
N ALA A 164 4.55 -12.75 31.65
CA ALA A 164 3.47 -13.32 32.46
C ALA A 164 3.92 -14.41 33.43
N TRP A 165 3.05 -14.70 34.40
CA TRP A 165 3.32 -15.76 35.36
C TRP A 165 2.86 -17.11 34.83
N CYS A 166 1.89 -17.10 33.92
CA CYS A 166 1.38 -18.31 33.28
C CYS A 166 2.48 -18.97 32.44
N PRO A 167 2.98 -20.12 32.90
CA PRO A 167 4.15 -20.74 32.26
C PRO A 167 3.87 -21.40 30.91
N THR A 168 2.61 -21.73 30.63
CA THR A 168 2.27 -22.44 29.40
C THR A 168 1.87 -21.48 28.28
N VAL A 169 1.88 -20.18 28.59
CA VAL A 169 1.66 -19.16 27.57
C VAL A 169 2.82 -19.14 26.59
N GLY A 170 2.53 -19.13 25.30
CA GLY A 170 3.57 -19.11 24.29
C GLY A 170 4.12 -17.72 24.02
N THR A 171 5.43 -17.64 23.78
CA THR A 171 6.08 -16.38 23.46
C THR A 171 5.57 -15.79 22.15
N GLY A 172 5.08 -16.67 21.27
CA GLY A 172 4.59 -16.27 19.97
C GLY A 172 3.47 -15.24 20.05
N GLY A 173 2.42 -15.57 20.80
CA GLY A 173 1.30 -14.66 20.95
C GLY A 173 1.54 -13.63 22.04
N HIS A 174 2.19 -14.05 23.13
CA HIS A 174 2.39 -13.19 24.29
C HIS A 174 3.19 -11.93 23.97
N ILE A 175 4.37 -12.12 23.39
CA ILE A 175 5.25 -11.01 23.08
C ILE A 175 4.67 -10.18 21.93
N SER A 176 4.01 -10.85 20.99
CA SER A 176 3.36 -10.18 19.87
C SER A 176 2.31 -9.17 20.32
N GLY A 177 1.73 -9.39 21.49
CA GLY A 177 0.69 -8.52 22.01
C GLY A 177 1.12 -7.64 23.17
N GLY A 178 2.41 -7.67 23.50
CA GLY A 178 2.92 -6.90 24.62
C GLY A 178 3.59 -7.77 25.67
N GLY A 179 2.81 -8.27 26.60
CA GLY A 179 3.33 -9.16 27.62
C GLY A 179 3.57 -8.49 28.96
N PHE A 180 2.53 -8.46 29.79
CA PHE A 180 2.60 -7.81 31.09
C PHE A 180 2.79 -8.85 32.20
N GLY A 181 3.64 -8.52 33.18
CA GLY A 181 3.94 -9.44 34.27
C GLY A 181 4.34 -8.79 35.59
N MET A 182 4.75 -9.62 36.54
CA MET A 182 5.08 -9.16 37.89
C MET A 182 6.33 -8.27 37.95
N MET A 183 7.10 -8.24 36.86
CA MET A 183 8.32 -7.43 36.82
C MET A 183 8.18 -6.26 35.86
N SER A 184 6.97 -6.02 35.37
CA SER A 184 6.74 -4.99 34.35
C SER A 184 6.82 -3.56 34.92
N ARG A 185 6.60 -3.40 36.21
CA ARG A 185 6.75 -2.10 36.84
C ARG A 185 8.23 -1.73 36.89
N LYS A 186 9.08 -2.74 36.79
CA LYS A 186 10.52 -2.55 36.78
C LYS A 186 11.09 -2.50 35.36
N TYR A 187 10.63 -3.40 34.51
CA TYR A 187 11.22 -3.55 33.18
C TYR A 187 10.25 -3.37 32.01
N GLY A 188 9.01 -3.03 32.30
CA GLY A 188 8.02 -2.89 31.25
C GLY A 188 7.57 -4.22 30.68
N LEU A 189 6.98 -4.18 29.49
CA LEU A 189 6.45 -5.39 28.87
C LEU A 189 7.53 -6.27 28.27
N ALA A 190 7.16 -7.52 27.98
CA ALA A 190 8.07 -8.44 27.30
C ALA A 190 8.51 -7.84 25.98
N ALA A 191 7.55 -7.29 25.24
CA ALA A 191 7.82 -6.70 23.93
C ALA A 191 8.71 -5.46 24.02
N ASP A 192 8.73 -4.82 25.19
CA ASP A 192 9.58 -3.65 25.41
C ASP A 192 11.06 -4.03 25.47
N ASN A 193 11.33 -5.32 25.63
CA ASN A 193 12.69 -5.80 25.78
C ASN A 193 13.12 -6.70 24.62
N VAL A 194 12.51 -6.49 23.46
CA VAL A 194 12.89 -7.22 22.24
C VAL A 194 13.81 -6.36 21.38
N VAL A 195 14.96 -6.91 21.01
CA VAL A 195 15.97 -6.14 20.28
C VAL A 195 16.11 -6.56 18.81
N ASP A 196 15.65 -7.78 18.50
CA ASP A 196 15.59 -8.25 17.12
C ASP A 196 14.55 -9.36 17.03
N ALA A 197 14.22 -9.76 15.80
CA ALA A 197 13.25 -10.82 15.59
C ALA A 197 13.36 -11.37 14.19
N ILE A 198 13.00 -12.64 14.03
CA ILE A 198 12.89 -13.23 12.70
C ILE A 198 11.42 -13.30 12.31
N LEU A 199 11.05 -12.53 11.29
CA LEU A 199 9.69 -12.52 10.80
C LEU A 199 9.61 -13.15 9.40
N ILE A 200 8.66 -14.04 9.22
CA ILE A 200 8.46 -14.69 7.93
C ILE A 200 7.18 -14.17 7.31
N ASP A 201 7.29 -13.50 6.17
CA ASP A 201 6.12 -12.85 5.60
C ASP A 201 5.29 -13.79 4.73
N ALA A 202 4.28 -13.22 4.08
CA ALA A 202 3.32 -13.99 3.30
C ALA A 202 3.95 -14.69 2.10
N ASN A 203 5.11 -14.22 1.67
CA ASN A 203 5.81 -14.84 0.54
C ASN A 203 6.87 -15.83 1.01
N GLY A 204 6.99 -15.99 2.32
CA GLY A 204 7.96 -16.91 2.89
C GLY A 204 9.33 -16.28 3.07
N ALA A 205 9.44 -15.00 2.75
CA ALA A 205 10.68 -14.26 2.94
C ALA A 205 11.07 -14.26 4.40
N ILE A 206 12.31 -14.60 4.69
CA ILE A 206 12.79 -14.67 6.07
C ILE A 206 13.52 -13.37 6.44
N LEU A 207 12.93 -12.61 7.35
CA LEU A 207 13.36 -11.24 7.62
C LEU A 207 13.80 -11.03 9.07
N ASP A 208 14.92 -10.34 9.27
CA ASP A 208 15.28 -9.85 10.60
C ASP A 208 14.90 -8.38 10.71
N ARG A 209 15.29 -7.75 11.83
CA ARG A 209 14.95 -6.36 12.08
C ARG A 209 15.42 -5.44 10.96
N GLN A 210 16.67 -5.63 10.53
CA GLN A 210 17.24 -4.86 9.45
C GLN A 210 16.43 -4.99 8.16
N ALA A 211 16.05 -6.22 7.84
CA ALA A 211 15.32 -6.50 6.61
C ALA A 211 13.86 -6.04 6.64
N MET A 212 13.21 -6.16 7.80
CA MET A 212 11.79 -5.84 7.90
C MET A 212 11.56 -4.34 8.09
N GLY A 213 12.58 -3.63 8.57
CA GLY A 213 12.46 -2.20 8.80
C GLY A 213 11.94 -1.89 10.18
N GLU A 214 12.18 -0.66 10.63
CA GLU A 214 11.84 -0.25 11.99
C GLU A 214 10.34 -0.13 12.22
N ASP A 215 9.57 0.15 11.18
CA ASP A 215 8.12 0.30 11.34
C ASP A 215 7.43 -1.05 11.58
N VAL A 216 7.86 -2.07 10.84
CA VAL A 216 7.34 -3.42 11.04
C VAL A 216 7.87 -4.01 12.34
N PHE A 217 9.15 -3.77 12.63
CA PHE A 217 9.76 -4.25 13.86
C PHE A 217 9.08 -3.64 15.09
N TRP A 218 8.55 -2.44 14.91
CA TRP A 218 7.79 -1.77 15.96
C TRP A 218 6.45 -2.46 16.14
N ALA A 219 5.76 -2.71 15.03
CA ALA A 219 4.41 -3.28 15.04
C ALA A 219 4.36 -4.68 15.68
N ILE A 220 5.34 -5.52 15.41
CA ILE A 220 5.31 -6.88 15.96
C ILE A 220 5.53 -6.91 17.47
N ARG A 221 6.07 -5.81 18.01
CA ARG A 221 6.33 -5.72 19.45
C ARG A 221 5.13 -5.19 20.23
N GLY A 222 3.95 -5.76 19.97
CA GLY A 222 2.75 -5.35 20.69
C GLY A 222 1.52 -5.16 19.82
N GLY A 223 1.72 -5.15 18.51
CA GLY A 223 0.62 -4.92 17.57
C GLY A 223 -0.35 -6.07 17.44
N GLY A 224 -0.07 -7.18 18.11
CA GLY A 224 -0.97 -8.33 18.10
C GLY A 224 -0.52 -9.44 17.18
N GLY A 225 -0.67 -10.68 17.65
CA GLY A 225 -0.25 -11.84 16.88
C GLY A 225 -1.18 -12.16 15.73
N GLY A 226 -0.66 -12.88 14.74
CA GLY A 226 -1.44 -13.33 13.60
C GLY A 226 -1.83 -12.23 12.64
N VAL A 227 -0.99 -11.21 12.51
CA VAL A 227 -1.33 -10.03 11.71
C VAL A 227 -0.22 -9.67 10.72
N TRP A 228 1.03 -9.90 11.11
CA TRP A 228 2.17 -9.35 10.40
C TRP A 228 2.94 -10.40 9.61
N GLY A 229 2.65 -11.66 9.90
CA GLY A 229 3.42 -12.77 9.38
C GLY A 229 3.66 -13.72 10.53
N ALA A 230 4.52 -14.71 10.32
CA ALA A 230 4.83 -15.66 11.38
C ALA A 230 6.16 -15.34 12.02
N ILE A 231 6.13 -14.96 13.29
CA ILE A 231 7.38 -14.78 14.04
C ILE A 231 8.04 -16.14 14.20
N TYR A 232 9.26 -16.28 13.69
CA TYR A 232 10.00 -17.51 13.91
C TYR A 232 10.69 -17.48 15.27
N ALA A 233 11.34 -16.35 15.57
CA ALA A 233 12.08 -16.22 16.82
C ALA A 233 12.15 -14.79 17.33
N TRP A 234 12.26 -14.65 18.65
CA TRP A 234 12.50 -13.35 19.28
C TRP A 234 13.93 -13.27 19.76
N LYS A 235 14.56 -12.11 19.57
CA LYS A 235 15.81 -11.83 20.26
C LYS A 235 15.51 -10.86 21.42
N ILE A 236 15.63 -11.37 22.64
CA ILE A 236 15.30 -10.58 23.82
C ILE A 236 16.53 -10.18 24.62
N LYS A 237 16.41 -9.07 25.34
CA LYS A 237 17.43 -8.67 26.29
C LYS A 237 17.17 -9.36 27.62
N LEU A 238 18.17 -10.07 28.14
CA LEU A 238 18.04 -10.67 29.46
C LEU A 238 18.29 -9.60 30.51
N LEU A 239 17.55 -9.66 31.61
CA LEU A 239 17.53 -8.57 32.58
C LEU A 239 18.13 -8.96 33.91
N PRO A 240 18.96 -8.07 34.50
CA PRO A 240 19.59 -8.30 35.79
C PRO A 240 18.58 -8.57 36.89
N VAL A 241 18.82 -9.63 37.67
CA VAL A 241 18.00 -9.96 38.83
C VAL A 241 18.92 -10.35 39.98
N PRO A 242 18.51 -10.05 41.22
CA PRO A 242 19.35 -10.42 42.37
C PRO A 242 19.44 -11.92 42.51
N GLU A 243 20.47 -12.40 43.20
CA GLU A 243 20.64 -13.83 43.44
C GLU A 243 19.48 -14.36 44.28
N LYS A 244 18.95 -13.48 45.13
CA LYS A 244 17.79 -13.79 45.94
C LYS A 244 16.75 -12.69 45.83
N VAL A 245 15.51 -13.07 45.52
CA VAL A 245 14.41 -12.11 45.52
C VAL A 245 13.39 -12.52 46.56
N THR A 246 12.39 -11.68 46.79
CA THR A 246 11.39 -11.97 47.81
C THR A 246 9.96 -11.98 47.28
N VAL A 247 9.22 -13.03 47.62
CA VAL A 247 7.80 -13.12 47.27
C VAL A 247 6.99 -13.47 48.49
N PHE A 248 5.68 -13.17 48.43
CA PHE A 248 4.76 -13.64 49.45
C PHE A 248 3.37 -13.79 48.85
N ARG A 249 2.61 -14.77 49.37
CA ARG A 249 1.24 -15.01 48.94
C ARG A 249 0.34 -15.16 50.14
N VAL A 250 -0.43 -14.12 50.43
CA VAL A 250 -1.28 -14.12 51.62
C VAL A 250 -2.74 -13.90 51.26
N THR A 251 -3.59 -14.80 51.74
CA THR A 251 -5.01 -14.77 51.42
C THR A 251 -5.83 -14.21 52.57
N LYS A 252 -6.67 -13.23 52.28
CA LYS A 252 -7.54 -12.66 53.31
C LYS A 252 -8.99 -13.01 53.06
N ASN A 253 -9.56 -13.80 53.97
CA ASN A 253 -10.98 -14.12 53.91
C ASN A 253 -11.78 -13.18 54.80
N VAL A 254 -12.39 -12.17 54.18
CA VAL A 254 -13.10 -11.13 54.92
C VAL A 254 -14.46 -10.82 54.30
N ALA A 255 -15.19 -9.89 54.92
CA ALA A 255 -16.48 -9.45 54.39
C ALA A 255 -16.31 -8.39 53.32
N ILE A 256 -17.38 -8.18 52.54
CA ILE A 256 -17.44 -7.19 51.47
C ILE A 256 -16.98 -5.80 51.94
N ASP A 257 -17.32 -5.45 53.17
CA ASP A 257 -16.98 -4.13 53.71
C ASP A 257 -15.49 -3.93 53.94
N GLU A 258 -14.84 -4.91 54.56
CA GLU A 258 -13.40 -4.83 54.79
C GLU A 258 -12.65 -4.99 53.46
N ALA A 259 -13.10 -5.93 52.65
CA ALA A 259 -12.53 -6.18 51.33
C ALA A 259 -12.52 -4.92 50.48
N THR A 260 -13.62 -4.18 50.52
CA THR A 260 -13.76 -2.95 49.77
C THR A 260 -12.71 -1.93 50.20
N SER A 261 -12.45 -1.87 51.50
CA SER A 261 -11.48 -0.92 52.04
C SER A 261 -10.05 -1.36 51.75
N LEU A 262 -9.81 -2.67 51.79
CA LEU A 262 -8.51 -3.22 51.43
C LEU A 262 -8.17 -2.90 49.97
N LEU A 263 -9.14 -3.13 49.09
CA LEU A 263 -8.96 -2.86 47.66
C LEU A 263 -8.84 -1.37 47.36
N HIS A 264 -9.61 -0.55 48.08
CA HIS A 264 -9.57 0.89 47.86
C HIS A 264 -8.20 1.46 48.22
N LYS A 265 -7.53 0.83 49.19
CA LYS A 265 -6.19 1.27 49.54
C LYS A 265 -5.15 0.62 48.64
N TRP A 266 -5.37 -0.65 48.30
CA TRP A 266 -4.45 -1.39 47.45
C TRP A 266 -4.09 -0.65 46.18
N GLN A 267 -5.08 -0.01 45.56
CA GLN A 267 -4.90 0.64 44.27
C GLN A 267 -3.86 1.74 44.33
N PHE A 268 -3.73 2.37 45.49
CA PHE A 268 -2.76 3.44 45.68
C PHE A 268 -1.38 2.86 45.96
N VAL A 269 -1.34 1.83 46.80
CA VAL A 269 -0.09 1.15 47.11
C VAL A 269 0.52 0.55 45.85
N ALA A 270 -0.29 -0.21 45.12
CA ALA A 270 0.15 -0.90 43.90
C ALA A 270 0.81 0.03 42.90
N GLU A 271 0.22 1.20 42.69
CA GLU A 271 0.75 2.14 41.71
C GLU A 271 1.91 2.98 42.25
N GLU A 272 1.88 3.25 43.56
CA GLU A 272 2.86 4.16 44.15
C GLU A 272 4.13 3.45 44.63
N LEU A 273 4.07 2.13 44.75
CA LEU A 273 5.24 1.35 45.15
C LEU A 273 6.43 1.65 44.25
N GLU A 274 7.63 1.62 44.83
CA GLU A 274 8.86 1.73 44.05
C GLU A 274 8.90 0.62 43.01
N GLU A 275 9.60 0.86 41.90
CA GLU A 275 9.55 -0.06 40.77
C GLU A 275 10.12 -1.44 41.09
N ASP A 276 10.85 -1.54 42.19
CA ASP A 276 11.38 -2.81 42.65
C ASP A 276 10.31 -3.65 43.38
N PHE A 277 9.08 -3.16 43.36
CA PHE A 277 7.98 -3.86 44.02
C PHE A 277 6.81 -4.12 43.08
N THR A 278 6.08 -5.20 43.33
CA THR A 278 4.80 -5.44 42.66
C THR A 278 3.84 -6.07 43.63
N LEU A 279 2.63 -5.51 43.73
CA LEU A 279 1.58 -6.09 44.55
C LEU A 279 0.34 -6.30 43.72
N SER A 280 -0.01 -7.57 43.49
CA SER A 280 -1.17 -7.90 42.67
C SER A 280 -2.25 -8.60 43.50
N VAL A 281 -3.48 -8.57 43.01
CA VAL A 281 -4.60 -9.16 43.75
C VAL A 281 -5.41 -10.10 42.89
N LEU A 282 -5.67 -11.30 43.42
CA LEU A 282 -6.64 -12.21 42.83
C LEU A 282 -7.85 -12.23 43.77
N GLY A 283 -9.01 -11.91 43.22
CA GLY A 283 -10.22 -11.83 44.02
C GLY A 283 -11.29 -12.78 43.57
N GLY A 284 -11.97 -13.39 44.53
CA GLY A 284 -13.08 -14.27 44.24
C GLY A 284 -14.06 -14.23 45.39
N ALA A 285 -15.28 -14.67 45.14
CA ALA A 285 -16.23 -14.86 46.22
C ALA A 285 -16.87 -16.25 46.08
N ASP A 286 -16.12 -17.25 46.51
CA ASP A 286 -16.54 -18.65 46.46
C ASP A 286 -17.81 -18.88 47.26
N GLU A 287 -18.12 -17.94 48.14
CA GLU A 287 -19.36 -17.94 48.90
C GLU A 287 -20.09 -16.60 48.68
N LYS A 288 -20.35 -15.89 49.76
CA LYS A 288 -20.88 -14.53 49.71
C LYS A 288 -20.11 -13.68 50.72
N GLN A 289 -19.04 -14.28 51.23
CA GLN A 289 -17.90 -13.53 51.74
C GLN A 289 -16.88 -13.59 50.60
N VAL A 290 -15.95 -12.65 50.57
CA VAL A 290 -14.95 -12.68 49.51
C VAL A 290 -13.60 -13.10 50.04
N TRP A 291 -12.76 -13.62 49.16
CA TRP A 291 -11.38 -13.88 49.49
C TRP A 291 -10.48 -13.01 48.62
N LEU A 292 -9.42 -12.49 49.21
CA LEU A 292 -8.44 -11.71 48.46
C LEU A 292 -7.05 -12.29 48.65
N THR A 293 -6.44 -12.74 47.57
CA THR A 293 -5.07 -13.23 47.63
C THR A 293 -4.12 -12.15 47.15
N MET A 294 -3.29 -11.65 48.05
CA MET A 294 -2.33 -10.62 47.72
C MET A 294 -1.00 -11.25 47.30
N LEU A 295 -0.56 -10.92 46.09
CA LEU A 295 0.69 -11.47 45.58
C LEU A 295 1.74 -10.38 45.46
N GLY A 296 2.88 -10.60 46.14
CA GLY A 296 3.93 -9.60 46.19
C GLY A 296 5.26 -10.10 45.64
N PHE A 297 6.02 -9.18 45.05
CA PHE A 297 7.33 -9.49 44.52
C PHE A 297 8.27 -8.32 44.78
N HIS A 298 9.50 -8.61 45.20
CA HIS A 298 10.49 -7.57 45.44
C HIS A 298 11.87 -7.97 44.90
N PHE A 299 12.45 -7.10 44.10
CA PHE A 299 13.83 -7.28 43.62
C PHE A 299 14.81 -7.04 44.75
N GLY A 300 14.87 -7.97 45.70
CA GLY A 300 15.75 -7.80 46.85
C GLY A 300 15.39 -8.72 47.98
N LEU A 301 16.01 -8.49 49.14
CA LEU A 301 15.83 -9.38 50.27
C LEU A 301 14.65 -8.96 51.14
N LYS A 302 14.27 -9.82 52.08
CA LYS A 302 13.00 -9.70 52.81
C LYS A 302 12.91 -8.47 53.71
N THR A 303 14.05 -8.03 54.24
CA THR A 303 14.08 -6.90 55.19
C THR A 303 13.60 -5.60 54.56
N VAL A 304 14.05 -5.32 53.34
CA VAL A 304 13.59 -4.14 52.61
C VAL A 304 12.13 -4.31 52.18
N ALA A 305 11.76 -5.55 51.84
CA ALA A 305 10.39 -5.88 51.46
C ALA A 305 9.41 -5.69 52.62
N LYS A 306 9.74 -6.24 53.78
CA LYS A 306 8.87 -6.15 54.97
C LYS A 306 8.76 -4.73 55.50
N SER A 307 9.91 -4.04 55.60
CA SER A 307 9.95 -2.64 56.02
C SER A 307 9.03 -1.77 55.19
N THR A 308 8.96 -2.07 53.90
CA THR A 308 8.15 -1.30 52.97
C THR A 308 6.66 -1.53 53.21
N PHE A 309 6.26 -2.79 53.41
CA PHE A 309 4.84 -3.11 53.55
C PHE A 309 4.32 -2.92 54.97
N ASP A 310 5.21 -3.02 55.97
CA ASP A 310 4.87 -2.59 57.32
C ASP A 310 4.39 -1.14 57.26
N LEU A 311 5.16 -0.33 56.54
CA LEU A 311 4.90 1.09 56.39
C LEU A 311 3.67 1.37 55.51
N LEU A 312 3.72 0.88 54.28
CA LEU A 312 2.70 1.20 53.28
C LEU A 312 1.40 0.41 53.41
N PHE A 313 1.47 -0.84 53.85
CA PHE A 313 0.27 -1.68 53.94
C PHE A 313 0.26 -2.58 55.18
N PRO A 314 0.20 -1.98 56.38
CA PRO A 314 0.20 -2.76 57.62
C PRO A 314 -1.07 -3.61 57.74
N GLU A 315 -2.15 -3.18 57.08
CA GLU A 315 -3.45 -3.86 57.14
C GLU A 315 -3.40 -5.32 56.64
N LEU A 316 -2.36 -5.68 55.91
CA LEU A 316 -2.25 -7.02 55.35
C LEU A 316 -1.84 -8.02 56.43
N GLY A 317 -1.27 -7.52 57.52
CA GLY A 317 -0.85 -8.39 58.61
C GLY A 317 0.26 -9.33 58.20
N LEU A 318 1.14 -8.84 57.31
CA LEU A 318 2.29 -9.61 56.87
C LEU A 318 3.32 -9.72 57.99
N VAL A 319 3.80 -10.94 58.23
CA VAL A 319 4.83 -11.15 59.23
C VAL A 319 6.11 -11.64 58.54
N GLU A 320 7.19 -11.78 59.31
CA GLU A 320 8.48 -12.14 58.76
C GLU A 320 8.48 -13.51 58.09
N GLU A 321 7.58 -14.38 58.55
CA GLU A 321 7.49 -15.74 58.02
C GLU A 321 6.89 -15.77 56.62
N ASP A 322 6.13 -14.73 56.28
CA ASP A 322 5.46 -14.68 54.98
C ASP A 322 6.41 -14.34 53.85
N TYR A 323 7.44 -13.55 54.16
CA TYR A 323 8.41 -13.15 53.15
C TYR A 323 9.38 -14.29 52.87
N LEU A 324 9.28 -14.83 51.66
CA LEU A 324 10.09 -15.97 51.25
C LEU A 324 11.18 -15.54 50.29
N GLU A 325 12.43 -15.83 50.64
CA GLU A 325 13.55 -15.55 49.77
C GLU A 325 13.88 -16.77 48.91
N MET A 326 14.17 -16.51 47.64
CA MET A 326 14.49 -17.56 46.69
C MET A 326 15.09 -16.93 45.44
N SER A 327 15.56 -17.78 44.52
CA SER A 327 16.10 -17.31 43.25
C SER A 327 14.96 -16.77 42.40
N TRP A 328 15.30 -16.03 41.34
CA TRP A 328 14.31 -15.47 40.44
C TRP A 328 13.45 -16.56 39.82
N GLY A 329 14.11 -17.61 39.34
CA GLY A 329 13.43 -18.74 38.74
C GLY A 329 12.50 -19.42 39.71
N GLU A 330 12.99 -19.63 40.94
CA GLU A 330 12.19 -20.25 41.99
C GLU A 330 10.97 -19.40 42.33
N SER A 331 11.12 -18.08 42.25
CA SER A 331 10.03 -17.17 42.54
C SER A 331 8.93 -17.28 41.49
N PHE A 332 9.30 -17.35 40.22
CA PHE A 332 8.33 -17.45 39.15
C PHE A 332 7.63 -18.81 39.15
N ALA A 333 8.36 -19.85 39.55
CA ALA A 333 7.75 -21.15 39.74
C ALA A 333 6.72 -21.08 40.86
N TYR A 334 7.11 -20.43 41.95
CA TYR A 334 6.24 -20.22 43.10
C TYR A 334 4.98 -19.44 42.71
N LEU A 335 5.17 -18.32 42.02
CA LEU A 335 4.05 -17.47 41.64
C LEU A 335 3.11 -18.16 40.65
N ALA A 336 3.64 -19.13 39.92
CA ALA A 336 2.85 -19.89 38.95
C ALA A 336 2.07 -21.00 39.64
N GLY A 337 2.29 -21.15 40.94
CA GLY A 337 1.63 -22.20 41.70
C GLY A 337 2.28 -23.56 41.49
N LEU A 338 3.55 -23.56 41.12
CA LEU A 338 4.29 -24.80 40.89
C LEU A 338 5.17 -25.13 42.08
N GLU A 339 5.68 -26.35 42.11
CA GLU A 339 6.55 -26.80 43.20
C GLU A 339 8.03 -26.56 42.88
N THR A 340 8.44 -26.95 41.67
CA THR A 340 9.85 -26.88 41.29
C THR A 340 10.08 -26.07 40.02
N VAL A 341 11.32 -25.61 39.84
CA VAL A 341 11.73 -24.88 38.65
C VAL A 341 11.60 -25.76 37.41
N SER A 342 11.78 -27.07 37.58
CA SER A 342 11.70 -28.02 36.47
C SER A 342 10.32 -28.07 35.83
N GLN A 343 9.29 -27.77 36.61
CA GLN A 343 7.91 -27.81 36.12
C GLN A 343 7.61 -26.67 35.15
N LEU A 344 8.44 -25.63 35.19
CA LEU A 344 8.35 -24.55 34.22
C LEU A 344 8.58 -25.08 32.81
N ASN A 345 9.45 -26.08 32.69
CA ASN A 345 9.84 -26.62 31.39
C ASN A 345 8.87 -27.66 30.85
N ASN A 346 7.63 -27.66 31.35
CA ASN A 346 6.61 -28.57 30.85
C ASN A 346 5.41 -27.80 30.29
N ARG A 347 5.33 -27.73 28.98
CA ARG A 347 4.33 -26.90 28.31
C ARG A 347 2.91 -27.47 28.37
N PHE A 348 2.79 -28.76 28.65
CA PHE A 348 1.48 -29.41 28.61
C PHE A 348 0.87 -29.61 30.00
N LEU A 349 1.48 -29.00 31.00
CA LEU A 349 0.97 -29.08 32.36
C LEU A 349 -0.24 -28.17 32.54
N LYS A 350 -1.43 -28.76 32.65
CA LYS A 350 -2.63 -27.98 32.89
C LYS A 350 -3.09 -28.12 34.33
N PHE A 351 -2.95 -27.06 35.11
CA PHE A 351 -3.39 -27.04 36.49
C PHE A 351 -4.89 -26.74 36.56
N ASP A 352 -5.38 -26.05 35.53
CA ASP A 352 -6.80 -25.76 35.39
C ASP A 352 -7.27 -26.13 33.98
N GLU A 353 -8.49 -26.66 33.89
CA GLU A 353 -9.06 -27.03 32.60
C GLU A 353 -10.53 -26.66 32.48
N ARG A 354 -10.85 -25.41 32.78
CA ARG A 354 -12.23 -24.93 32.70
C ARG A 354 -12.41 -23.97 31.53
N ALA A 355 -13.61 -24.01 30.93
CA ALA A 355 -13.98 -23.00 29.95
C ALA A 355 -13.99 -21.65 30.64
N PHE A 356 -13.73 -20.58 29.89
CA PHE A 356 -13.82 -19.25 30.47
C PHE A 356 -14.09 -18.18 29.43
N LYS A 357 -14.56 -17.04 29.91
CA LYS A 357 -14.63 -15.82 29.12
C LYS A 357 -14.11 -14.72 30.05
N THR A 358 -13.38 -13.77 29.50
CA THR A 358 -12.81 -12.73 30.34
C THR A 358 -12.85 -11.37 29.67
N LYS A 359 -12.85 -10.33 30.49
CA LYS A 359 -12.79 -8.96 29.98
C LYS A 359 -11.80 -8.18 30.81
N VAL A 360 -11.45 -6.97 30.37
CA VAL A 360 -10.46 -6.20 31.08
C VAL A 360 -10.75 -4.70 30.97
N ASP A 361 -10.36 -3.96 32.00
CA ASP A 361 -10.43 -2.50 31.98
C ASP A 361 -9.07 -1.92 32.31
N LEU A 362 -8.79 -0.74 31.77
CA LEU A 362 -7.65 0.04 32.22
C LEU A 362 -8.19 1.37 32.74
N THR A 363 -7.65 1.85 33.86
CA THR A 363 -8.21 3.01 34.52
C THR A 363 -7.29 4.23 34.40
N LYS A 364 -7.89 5.41 34.43
CA LYS A 364 -7.13 6.66 34.44
C LYS A 364 -7.33 7.38 35.76
N GLU A 365 -8.54 7.30 36.30
CA GLU A 365 -8.84 7.92 37.59
C GLU A 365 -8.98 6.85 38.67
N PRO A 366 -8.67 7.20 39.92
CA PRO A 366 -8.83 6.26 41.04
C PRO A 366 -10.25 5.74 41.12
N LEU A 367 -10.43 4.50 41.55
CA LEU A 367 -11.76 3.93 41.70
C LEU A 367 -12.37 4.36 43.04
N PRO A 368 -13.56 4.97 43.01
CA PRO A 368 -14.23 5.30 44.26
C PRO A 368 -14.56 4.04 45.05
N SER A 369 -14.76 4.19 46.35
CA SER A 369 -14.98 3.04 47.23
C SER A 369 -16.21 2.23 46.80
N LYS A 370 -17.19 2.91 46.21
CA LYS A 370 -18.42 2.25 45.79
C LYS A 370 -18.21 1.35 44.56
N ALA A 371 -17.20 1.65 43.76
CA ALA A 371 -16.85 0.84 42.59
C ALA A 371 -16.44 -0.56 43.03
N PHE A 372 -15.49 -0.63 43.95
CA PHE A 372 -15.04 -1.90 44.49
C PHE A 372 -16.18 -2.64 45.20
N TYR A 373 -16.99 -1.89 45.95
CA TYR A 373 -18.11 -2.48 46.68
C TYR A 373 -19.03 -3.23 45.72
N GLY A 374 -19.48 -2.55 44.67
CA GLY A 374 -20.37 -3.16 43.71
C GLY A 374 -19.75 -4.36 43.00
N LEU A 375 -18.46 -4.25 42.70
CA LEU A 375 -17.71 -5.31 42.03
C LEU A 375 -17.69 -6.59 42.89
N LEU A 376 -17.41 -6.43 44.17
CA LEU A 376 -17.41 -7.53 45.11
C LEU A 376 -18.83 -8.05 45.37
N GLU A 377 -19.80 -7.15 45.29
CA GLU A 377 -21.20 -7.51 45.49
C GLU A 377 -21.66 -8.52 44.45
N ARG A 378 -21.38 -8.23 43.18
CA ARG A 378 -21.74 -9.13 42.09
C ARG A 378 -20.89 -10.39 42.11
N LEU A 379 -19.65 -10.25 42.56
CA LEU A 379 -18.74 -11.38 42.71
C LEU A 379 -19.33 -12.43 43.67
N SER A 380 -19.93 -11.94 44.76
CA SER A 380 -20.58 -12.80 45.74
C SER A 380 -21.78 -13.53 45.14
N LYS A 381 -22.43 -12.88 44.18
CA LYS A 381 -23.58 -13.47 43.51
C LYS A 381 -23.17 -14.50 42.46
N GLU A 382 -21.87 -14.77 42.35
CA GLU A 382 -21.37 -15.69 41.32
C GLU A 382 -20.05 -16.34 41.71
N PRO A 383 -20.11 -17.57 42.23
CA PRO A 383 -18.95 -18.32 42.74
C PRO A 383 -17.95 -18.69 41.65
N ASN A 384 -18.37 -18.66 40.39
CA ASN A 384 -17.47 -18.96 39.29
C ASN A 384 -16.82 -17.70 38.73
N GLY A 385 -17.07 -16.57 39.40
CA GLY A 385 -16.50 -15.31 38.99
C GLY A 385 -15.21 -15.01 39.72
N PHE A 386 -14.30 -14.33 39.03
CA PHE A 386 -13.02 -13.93 39.62
C PHE A 386 -12.65 -12.54 39.14
N ILE A 387 -11.77 -11.88 39.89
CA ILE A 387 -11.12 -10.68 39.40
C ILE A 387 -9.62 -10.78 39.58
N ALA A 388 -8.88 -10.09 38.72
CA ALA A 388 -7.44 -9.95 38.90
C ALA A 388 -7.07 -8.50 38.72
N LEU A 389 -6.26 -7.98 39.64
CA LEU A 389 -5.97 -6.56 39.65
C LEU A 389 -4.47 -6.29 39.66
N ASN A 390 -4.04 -5.35 38.82
CA ASN A 390 -2.63 -4.95 38.78
C ASN A 390 -2.49 -3.45 38.68
N GLY A 391 -1.53 -2.90 39.42
CA GLY A 391 -1.22 -1.49 39.32
C GLY A 391 -0.14 -1.29 38.28
N PHE A 392 -0.22 -0.19 37.54
CA PHE A 392 0.87 0.16 36.65
C PHE A 392 1.83 1.08 37.40
N GLY A 393 2.15 2.22 36.80
CA GLY A 393 3.10 3.12 37.41
C GLY A 393 4.50 2.54 37.28
N GLY A 394 5.45 3.12 38.01
CA GLY A 394 6.83 2.67 37.89
C GLY A 394 7.34 2.94 36.49
N GLN A 395 7.98 1.94 35.88
CA GLN A 395 8.57 2.10 34.56
C GLN A 395 7.52 2.14 33.46
N MET A 396 6.31 1.66 33.75
CA MET A 396 5.23 1.72 32.79
C MET A 396 4.84 3.17 32.52
N SER A 397 5.14 4.05 33.47
CA SER A 397 4.84 5.47 33.31
C SER A 397 5.99 6.22 32.62
N LYS A 398 7.16 5.60 32.55
CA LYS A 398 8.33 6.25 31.98
C LYS A 398 8.58 5.86 30.53
N ILE A 399 7.90 4.81 30.08
CA ILE A 399 7.99 4.38 28.69
C ILE A 399 6.98 5.16 27.85
N SER A 400 7.45 5.77 26.78
CA SER A 400 6.59 6.56 25.90
C SER A 400 5.46 5.71 25.33
N SER A 401 4.31 6.33 25.08
CA SER A 401 3.13 5.61 24.64
C SER A 401 3.28 5.02 23.23
N ASP A 402 4.24 5.53 22.47
CA ASP A 402 4.45 5.05 21.11
C ASP A 402 5.80 4.36 20.96
N PHE A 403 6.44 4.04 22.08
CA PHE A 403 7.68 3.27 22.06
C PHE A 403 7.43 1.92 21.38
N THR A 404 6.35 1.27 21.79
CA THR A 404 5.84 0.08 21.12
C THR A 404 4.31 0.28 21.01
N PRO A 405 3.60 -0.55 20.23
CA PRO A 405 2.16 -0.33 20.05
C PRO A 405 1.30 -0.25 21.33
N PHE A 406 1.74 -0.88 22.43
CA PHE A 406 0.98 -0.80 23.68
C PHE A 406 1.03 0.63 24.22
N PRO A 407 -0.11 1.31 24.19
CA PRO A 407 -0.20 2.76 24.42
C PRO A 407 -0.45 3.16 25.88
N HIS A 408 -0.81 2.20 26.73
CA HIS A 408 -1.29 2.52 28.06
C HIS A 408 -0.15 2.64 29.06
N ARG A 409 0.52 3.78 29.01
CA ARG A 409 1.68 4.06 29.83
C ARG A 409 1.35 5.10 30.89
N SER A 410 1.99 6.27 30.82
CA SER A 410 1.76 7.33 31.80
C SER A 410 0.29 7.74 31.83
N GLY A 411 -0.25 7.89 33.03
CA GLY A 411 -1.66 8.21 33.19
C GLY A 411 -2.51 6.98 33.44
N THR A 412 -1.97 5.81 33.12
CA THR A 412 -2.67 4.55 33.36
C THR A 412 -2.35 4.05 34.76
N ARG A 413 -3.40 3.80 35.54
CA ARG A 413 -3.22 3.42 36.94
C ARG A 413 -3.34 1.92 37.18
N LEU A 414 -4.45 1.34 36.74
CA LEU A 414 -4.74 -0.06 37.04
C LEU A 414 -5.12 -0.87 35.81
N MET A 415 -4.86 -2.17 35.86
CA MET A 415 -5.46 -3.10 34.92
C MET A 415 -6.38 -4.02 35.70
N VAL A 416 -7.65 -4.03 35.33
CA VAL A 416 -8.64 -4.83 36.04
C VAL A 416 -9.23 -5.92 35.16
N GLU A 417 -9.02 -7.17 35.53
CA GLU A 417 -9.49 -8.30 34.74
C GLU A 417 -10.74 -8.92 35.37
N TYR A 418 -11.78 -9.11 34.57
CA TYR A 418 -12.98 -9.80 35.04
C TYR A 418 -13.10 -11.15 34.36
N ILE A 419 -13.12 -12.22 35.15
CA ILE A 419 -13.13 -13.57 34.60
C ILE A 419 -14.27 -14.39 35.18
N VAL A 420 -14.92 -15.18 34.33
CA VAL A 420 -15.83 -16.22 34.81
C VAL A 420 -15.45 -17.55 34.13
N ALA A 421 -15.30 -18.59 34.94
CA ALA A 421 -14.84 -19.88 34.44
C ALA A 421 -15.68 -21.02 35.00
N TRP A 422 -15.88 -22.07 34.20
CA TRP A 422 -16.76 -23.16 34.62
C TRP A 422 -16.33 -24.50 34.02
N ASN A 423 -16.55 -25.58 34.78
CA ASN A 423 -16.17 -26.90 34.31
C ASN A 423 -17.26 -27.57 33.48
N GLN A 424 -17.06 -28.84 33.15
CA GLN A 424 -17.95 -29.56 32.27
C GLN A 424 -19.29 -29.95 32.91
N SER A 425 -19.43 -29.67 34.20
CA SER A 425 -20.67 -29.95 34.90
C SER A 425 -21.68 -28.81 34.70
N GLU A 426 -21.16 -27.59 34.66
CA GLU A 426 -22.00 -26.40 34.68
C GLU A 426 -22.31 -25.86 33.29
N GLN A 427 -22.06 -26.69 32.28
CA GLN A 427 -22.13 -26.29 30.88
C GLN A 427 -23.41 -25.53 30.48
N LYS A 428 -24.55 -25.97 31.00
CA LYS A 428 -25.83 -25.35 30.66
C LYS A 428 -25.97 -23.93 31.23
N LYS A 429 -25.22 -23.64 32.28
CA LYS A 429 -25.23 -22.32 32.91
C LYS A 429 -24.39 -21.28 32.15
N LYS A 430 -23.95 -21.62 30.94
CA LYS A 430 -23.08 -20.75 30.15
C LYS A 430 -23.66 -19.34 29.98
N THR A 431 -24.84 -19.24 29.36
CA THR A 431 -25.49 -17.95 29.09
C THR A 431 -25.76 -17.13 30.36
N GLU A 432 -25.86 -17.83 31.48
CA GLU A 432 -25.93 -17.20 32.80
C GLU A 432 -24.59 -16.52 33.12
N PHE A 433 -23.52 -17.30 33.11
CA PHE A 433 -22.17 -16.81 33.38
C PHE A 433 -21.80 -15.60 32.52
N LEU A 434 -22.16 -15.66 31.24
CA LEU A 434 -21.84 -14.60 30.29
C LEU A 434 -22.63 -13.34 30.59
N ASP A 435 -23.89 -13.51 30.99
CA ASP A 435 -24.74 -12.40 31.38
C ASP A 435 -24.19 -11.68 32.61
N TRP A 436 -23.64 -12.45 33.54
CA TRP A 436 -23.01 -11.90 34.73
C TRP A 436 -21.84 -11.00 34.35
N LEU A 437 -20.93 -11.54 33.54
CA LEU A 437 -19.74 -10.83 33.13
C LEU A 437 -20.09 -9.54 32.40
N GLU A 438 -21.08 -9.62 31.53
CA GLU A 438 -21.52 -8.47 30.76
C GLU A 438 -22.06 -7.36 31.67
N LYS A 439 -22.69 -7.76 32.78
CA LYS A 439 -23.28 -6.79 33.69
C LYS A 439 -22.24 -6.20 34.65
N VAL A 440 -21.24 -7.02 35.01
CA VAL A 440 -20.09 -6.54 35.76
C VAL A 440 -19.38 -5.45 34.95
N TYR A 441 -19.23 -5.71 33.66
CA TYR A 441 -18.58 -4.79 32.74
C TYR A 441 -19.39 -3.51 32.55
N GLU A 442 -20.71 -3.66 32.52
CA GLU A 442 -21.60 -2.50 32.40
C GLU A 442 -21.56 -1.66 33.68
N PHE A 443 -21.46 -2.32 34.82
CA PHE A 443 -21.39 -1.62 36.10
C PHE A 443 -20.13 -0.77 36.22
N MET A 444 -19.00 -1.32 35.78
CA MET A 444 -17.71 -0.64 35.92
C MET A 444 -17.53 0.51 34.94
N LYS A 445 -18.42 0.59 33.95
CA LYS A 445 -18.30 1.58 32.87
C LYS A 445 -18.03 3.03 33.30
N PRO A 446 -18.74 3.54 34.32
CA PRO A 446 -18.46 4.94 34.67
C PRO A 446 -17.17 5.18 35.44
N PHE A 447 -16.54 4.13 35.98
CA PHE A 447 -15.36 4.34 36.81
C PHE A 447 -14.06 4.15 36.05
N VAL A 448 -14.14 3.47 34.92
CA VAL A 448 -12.94 3.13 34.14
C VAL A 448 -12.73 4.08 32.97
N SER A 449 -11.77 3.77 32.11
CA SER A 449 -11.43 4.62 30.98
C SER A 449 -12.62 4.84 30.05
N LYS A 450 -12.64 6.00 29.40
CA LYS A 450 -13.73 6.39 28.51
C LYS A 450 -13.22 7.14 27.29
N ASN A 451 -14.00 7.10 26.22
CA ASN A 451 -13.71 7.82 24.97
C ASN A 451 -12.27 7.68 24.47
N PRO A 452 -11.87 6.45 24.10
CA PRO A 452 -12.65 5.22 24.13
C PRO A 452 -12.44 4.43 25.40
N ARG A 453 -13.25 3.41 25.64
CA ARG A 453 -13.00 2.48 26.73
C ARG A 453 -11.87 1.55 26.32
N LEU A 454 -10.80 1.53 27.11
CA LEU A 454 -9.55 0.91 26.70
C LEU A 454 -9.53 -0.60 26.89
N GLY A 455 -8.72 -1.27 26.08
CA GLY A 455 -8.52 -2.71 26.18
C GLY A 455 -7.07 -3.08 25.93
N TYR A 456 -6.78 -4.37 25.96
CA TYR A 456 -5.42 -4.87 25.84
C TYR A 456 -5.44 -6.04 24.85
N VAL A 457 -4.63 -5.97 23.80
CA VAL A 457 -4.77 -6.89 22.67
C VAL A 457 -4.51 -8.36 23.06
N ASN A 458 -3.69 -8.58 24.08
CA ASN A 458 -3.49 -9.94 24.59
C ASN A 458 -4.72 -10.40 25.38
N HIS A 459 -5.54 -9.44 25.78
CA HIS A 459 -6.86 -9.75 26.31
C HIS A 459 -7.89 -9.55 25.22
N ILE A 460 -7.66 -10.19 24.08
CA ILE A 460 -8.52 -10.04 22.91
C ILE A 460 -9.98 -10.29 23.28
N ASP A 461 -10.86 -9.38 22.84
CA ASP A 461 -12.27 -9.40 23.23
C ASP A 461 -13.15 -9.11 22.02
N LEU A 462 -13.91 -10.10 21.58
CA LEU A 462 -14.70 -9.99 20.36
C LEU A 462 -16.07 -9.37 20.59
N ASP A 463 -16.45 -9.18 21.85
CA ASP A 463 -17.67 -8.45 22.19
C ASP A 463 -17.62 -7.05 21.60
N LEU A 464 -16.39 -6.56 21.46
CA LEU A 464 -16.12 -5.22 20.96
C LEU A 464 -16.35 -5.13 19.45
N GLY A 465 -16.63 -6.28 18.84
CA GLY A 465 -16.91 -6.35 17.41
C GLY A 465 -15.92 -7.21 16.63
N GLY A 466 -16.12 -7.31 15.32
CA GLY A 466 -15.22 -8.08 14.47
C GLY A 466 -15.43 -7.88 12.98
N ILE A 467 -14.40 -8.18 12.19
CA ILE A 467 -14.47 -8.09 10.74
C ILE A 467 -14.77 -9.43 10.10
N ASP A 468 -15.70 -9.44 9.14
CA ASP A 468 -15.87 -10.58 8.24
C ASP A 468 -15.09 -10.29 6.96
N TRP A 469 -13.92 -10.90 6.84
CA TRP A 469 -13.04 -10.65 5.68
C TRP A 469 -13.58 -11.30 4.42
N GLY A 470 -14.67 -12.05 4.54
CA GLY A 470 -15.33 -12.65 3.39
C GLY A 470 -16.47 -11.80 2.85
N ASN A 471 -16.86 -10.79 3.63
CA ASN A 471 -17.87 -9.82 3.22
C ASN A 471 -17.19 -8.61 2.60
N LYS A 472 -17.30 -8.47 1.28
CA LYS A 472 -16.59 -7.40 0.56
C LYS A 472 -17.02 -6.00 0.98
N THR A 473 -18.26 -5.86 1.44
CA THR A 473 -18.75 -4.56 1.91
C THR A 473 -17.92 -4.10 3.11
N VAL A 474 -17.78 -5.01 4.08
CA VAL A 474 -17.01 -4.75 5.29
C VAL A 474 -15.54 -4.47 4.99
N VAL A 475 -14.95 -5.32 4.16
CA VAL A 475 -13.52 -5.29 3.87
C VAL A 475 -13.05 -3.95 3.26
N ASN A 476 -13.86 -3.39 2.37
CA ASN A 476 -13.50 -2.13 1.72
C ASN A 476 -13.54 -0.95 2.68
N ASN A 477 -14.25 -1.10 3.79
CA ASN A 477 -14.32 -0.07 4.82
C ASN A 477 -13.71 -0.58 6.12
N ALA A 478 -12.74 -1.47 6.00
CA ALA A 478 -12.18 -2.19 7.14
C ALA A 478 -11.51 -1.28 8.17
N ILE A 479 -10.82 -0.25 7.69
CA ILE A 479 -10.09 0.65 8.59
C ILE A 479 -11.02 1.36 9.57
N GLU A 480 -12.08 1.97 9.06
CA GLU A 480 -13.02 2.73 9.89
C GLU A 480 -13.90 1.82 10.74
N ILE A 481 -14.19 0.62 10.25
CA ILE A 481 -14.93 -0.37 11.04
C ILE A 481 -14.06 -0.89 12.18
N SER A 482 -12.81 -1.19 11.88
CA SER A 482 -11.88 -1.71 12.88
C SER A 482 -11.35 -0.64 13.84
N ARG A 483 -11.61 0.62 13.52
CA ARG A 483 -11.14 1.73 14.36
C ARG A 483 -11.71 1.62 15.78
N SER A 484 -12.86 0.96 15.89
CA SER A 484 -13.51 0.71 17.17
C SER A 484 -12.60 0.01 18.19
N TRP A 485 -12.22 -1.22 17.88
CA TRP A 485 -11.35 -1.98 18.79
C TRP A 485 -9.90 -1.59 18.62
N GLY A 486 -9.55 -1.11 17.43
CA GLY A 486 -8.19 -0.70 17.13
C GLY A 486 -7.68 0.38 18.07
N GLU A 487 -8.46 1.44 18.22
CA GLU A 487 -8.07 2.54 19.09
C GLU A 487 -8.25 2.18 20.57
N SER A 488 -9.07 1.17 20.84
CA SER A 488 -9.22 0.68 22.21
C SER A 488 -7.94 -0.04 22.64
N TYR A 489 -7.37 -0.80 21.73
CA TYR A 489 -6.13 -1.53 22.00
C TYR A 489 -4.89 -0.65 21.89
N PHE A 490 -4.88 0.24 20.89
CA PHE A 490 -3.64 0.91 20.52
C PHE A 490 -3.71 2.44 20.52
N LEU A 491 -4.91 2.99 20.75
CA LEU A 491 -5.13 4.43 20.68
C LEU A 491 -4.58 5.03 19.38
N SER A 492 -3.72 6.04 19.51
CA SER A 492 -3.18 6.74 18.34
C SER A 492 -2.15 5.92 17.57
N ASN A 493 -1.70 4.81 18.16
CA ASN A 493 -0.76 3.93 17.48
C ASN A 493 -1.42 3.13 16.36
N TYR A 494 -2.75 3.17 16.33
CA TYR A 494 -3.54 2.44 15.34
C TYR A 494 -3.17 2.82 13.91
N GLU A 495 -2.91 4.10 13.69
CA GLU A 495 -2.59 4.62 12.36
C GLU A 495 -1.25 4.09 11.82
N ARG A 496 -0.23 4.06 12.68
CA ARG A 496 1.08 3.59 12.27
C ARG A 496 1.06 2.09 12.01
N LEU A 497 0.24 1.38 12.78
CA LEU A 497 0.08 -0.07 12.62
C LEU A 497 -0.46 -0.43 11.24
N ILE A 498 -1.37 0.40 10.73
CA ILE A 498 -1.96 0.18 9.42
C ILE A 498 -0.90 0.30 8.32
N ARG A 499 0.00 1.26 8.49
CA ARG A 499 1.11 1.43 7.55
C ARG A 499 2.06 0.25 7.59
N ALA A 500 2.36 -0.22 8.79
CA ALA A 500 3.25 -1.36 8.98
C ALA A 500 2.62 -2.63 8.40
N LYS A 501 1.31 -2.74 8.54
CA LYS A 501 0.55 -3.83 7.96
C LYS A 501 0.65 -3.83 6.43
N THR A 502 0.63 -2.63 5.86
CA THR A 502 0.67 -2.46 4.42
C THR A 502 2.08 -2.75 3.87
N LEU A 503 3.09 -2.51 4.70
CA LEU A 503 4.47 -2.79 4.32
C LEU A 503 4.75 -4.29 4.26
N ILE A 504 4.19 -5.04 5.21
CA ILE A 504 4.58 -6.44 5.40
C ILE A 504 3.53 -7.44 4.93
N ASP A 505 2.27 -7.03 4.89
CA ASP A 505 1.19 -7.93 4.46
C ASP A 505 0.06 -7.18 3.75
N PRO A 506 0.37 -6.53 2.62
CA PRO A 506 -0.65 -5.72 1.94
C PRO A 506 -1.85 -6.52 1.44
N ASN A 507 -1.66 -7.79 1.13
CA ASN A 507 -2.75 -8.62 0.63
C ASN A 507 -3.52 -9.32 1.75
N ASN A 508 -3.15 -9.00 2.99
CA ASN A 508 -3.85 -9.47 4.18
C ASN A 508 -3.94 -11.00 4.28
N VAL A 509 -2.81 -11.67 4.05
CA VAL A 509 -2.74 -13.11 4.17
C VAL A 509 -2.93 -13.52 5.64
N PHE A 510 -2.45 -12.68 6.55
CA PHE A 510 -2.59 -12.94 7.98
C PHE A 510 -3.69 -12.08 8.57
N ASN A 511 -4.84 -12.70 8.81
CA ASN A 511 -6.03 -11.98 9.28
C ASN A 511 -6.86 -12.78 10.27
N HIS A 512 -7.69 -12.06 11.04
CA HIS A 512 -8.63 -12.66 11.97
C HIS A 512 -9.65 -11.55 12.32
N PRO A 513 -10.71 -11.86 13.09
CA PRO A 513 -11.76 -10.84 13.30
C PRO A 513 -11.33 -9.44 13.75
N GLN A 514 -10.15 -9.29 14.34
CA GLN A 514 -9.74 -7.96 14.81
C GLN A 514 -8.32 -7.59 14.38
N SER A 515 -7.81 -8.25 13.35
CA SER A 515 -6.49 -7.96 12.84
C SER A 515 -6.43 -6.57 12.21
N ILE A 516 -5.25 -5.94 12.27
CA ILE A 516 -5.03 -4.63 11.68
C ILE A 516 -5.20 -4.67 10.17
N PRO A 517 -6.09 -3.83 9.63
CA PRO A 517 -6.33 -3.79 8.19
C PRO A 517 -5.22 -3.06 7.46
N PRO A 518 -4.94 -3.43 6.19
CA PRO A 518 -3.97 -2.69 5.38
C PRO A 518 -4.56 -1.35 4.94
N MET A 519 -3.76 -0.50 4.29
CA MET A 519 -4.21 0.83 3.90
C MET A 519 -5.49 0.81 3.06
N ALA A 520 -5.66 -0.26 2.28
CA ALA A 520 -6.86 -0.47 1.48
C ALA A 520 -6.98 -1.94 1.11
N ASN A 521 -8.06 -2.28 0.40
CA ASN A 521 -8.24 -3.63 -0.14
C ASN A 521 -7.45 -3.77 -1.44
N PHE A 522 -6.41 -4.60 -1.41
CA PHE A 522 -5.46 -4.68 -2.51
C PHE A 522 -5.60 -5.94 -3.37
N ASP A 523 -6.36 -6.90 -2.87
CA ASP A 523 -6.42 -8.28 -3.41
C ASP A 523 -6.31 -8.39 -4.93
N ASN B 25 -9.50 15.68 -39.10
CA ASN B 25 -8.06 15.63 -38.83
C ASN B 25 -7.56 14.23 -38.42
N ASP B 26 -6.59 14.21 -37.50
CA ASP B 26 -5.97 12.98 -37.03
C ASP B 26 -6.69 12.42 -35.81
N LEU B 27 -7.82 11.76 -36.04
CA LEU B 27 -8.63 11.20 -34.96
C LEU B 27 -7.86 10.17 -34.14
N LEU B 28 -7.06 9.34 -34.80
CA LEU B 28 -6.33 8.27 -34.12
C LEU B 28 -5.24 8.84 -33.19
N SER B 29 -4.61 9.93 -33.59
CA SER B 29 -3.61 10.55 -32.73
C SER B 29 -4.28 11.35 -31.62
N CYS B 30 -5.43 11.94 -31.92
CA CYS B 30 -6.20 12.67 -30.92
C CYS B 30 -6.56 11.73 -29.77
N LEU B 31 -7.08 10.56 -30.11
CA LEU B 31 -7.43 9.54 -29.13
C LEU B 31 -6.23 9.10 -28.31
N THR B 32 -5.11 8.86 -28.98
CA THR B 32 -3.89 8.42 -28.31
C THR B 32 -3.37 9.46 -27.32
N PHE B 33 -3.36 10.73 -27.75
CA PHE B 33 -2.95 11.82 -26.87
C PHE B 33 -3.95 11.99 -25.73
N ASN B 34 -5.20 11.64 -25.98
CA ASN B 34 -6.25 11.76 -24.96
C ASN B 34 -6.36 10.53 -24.07
N GLY B 35 -5.44 9.59 -24.25
CA GLY B 35 -5.39 8.41 -23.42
C GLY B 35 -6.46 7.38 -23.71
N VAL B 36 -7.01 7.45 -24.92
CA VAL B 36 -8.01 6.48 -25.36
C VAL B 36 -7.39 5.53 -26.37
N ARG B 37 -6.90 4.40 -25.88
CA ARG B 37 -6.04 3.52 -26.67
C ARG B 37 -6.77 2.35 -27.33
N ASN B 38 -7.90 1.93 -26.75
CA ASN B 38 -8.66 0.84 -27.35
C ASN B 38 -9.54 1.34 -28.48
N HIS B 39 -8.95 1.44 -29.67
CA HIS B 39 -9.68 1.84 -30.87
C HIS B 39 -9.18 1.05 -32.07
N THR B 40 -10.09 0.72 -32.99
CA THR B 40 -9.74 -0.04 -34.19
C THR B 40 -10.46 0.53 -35.42
N VAL B 41 -9.76 0.65 -36.54
CA VAL B 41 -10.36 1.16 -37.77
C VAL B 41 -11.11 0.06 -38.52
N PHE B 42 -11.95 0.46 -39.47
CA PHE B 42 -12.75 -0.48 -40.25
C PHE B 42 -11.90 -1.52 -40.97
N SER B 43 -12.46 -2.72 -41.08
CA SER B 43 -11.87 -3.80 -41.86
C SER B 43 -12.95 -4.82 -42.20
N ALA B 44 -13.02 -5.21 -43.47
CA ALA B 44 -14.07 -6.12 -43.93
C ALA B 44 -13.71 -7.57 -43.64
N ASP B 45 -12.50 -7.81 -43.15
CA ASP B 45 -12.07 -9.15 -42.80
C ASP B 45 -12.93 -9.73 -41.68
N SER B 46 -13.52 -10.89 -41.95
CA SER B 46 -14.39 -11.57 -40.98
C SER B 46 -13.68 -11.86 -39.66
N ASP B 47 -12.35 -11.90 -39.69
CA ASP B 47 -11.55 -12.30 -38.55
C ASP B 47 -10.93 -11.11 -37.81
N SER B 48 -11.09 -9.91 -38.36
CA SER B 48 -10.52 -8.71 -37.74
C SER B 48 -11.13 -8.43 -36.38
N ASP B 49 -10.31 -7.86 -35.48
CA ASP B 49 -10.77 -7.39 -34.19
C ASP B 49 -11.95 -6.43 -34.36
N PHE B 50 -11.85 -5.59 -35.39
CA PHE B 50 -12.91 -4.65 -35.73
C PHE B 50 -14.23 -5.35 -35.97
N ASN B 51 -14.26 -6.22 -36.98
CA ASN B 51 -15.49 -6.89 -37.38
C ASN B 51 -16.07 -7.73 -36.25
N ARG B 52 -15.21 -8.32 -35.45
CA ARG B 52 -15.63 -9.08 -34.28
C ARG B 52 -16.35 -8.18 -33.27
N PHE B 53 -15.71 -7.07 -32.91
CA PHE B 53 -16.28 -6.09 -32.00
C PHE B 53 -17.63 -5.59 -32.51
N LEU B 54 -17.68 -5.28 -33.80
CA LEU B 54 -18.87 -4.73 -34.43
C LEU B 54 -20.08 -5.66 -34.29
N HIS B 55 -19.87 -6.95 -34.56
CA HIS B 55 -20.97 -7.91 -34.62
C HIS B 55 -21.30 -8.52 -33.25
N LEU B 56 -20.36 -8.43 -32.32
CA LEU B 56 -20.52 -9.01 -30.99
C LEU B 56 -21.78 -8.49 -30.29
N SER B 57 -22.16 -7.26 -30.60
CA SER B 57 -23.32 -6.64 -29.97
C SER B 57 -24.33 -6.13 -31.00
N ILE B 58 -24.46 -6.85 -32.11
CA ILE B 58 -25.56 -6.59 -33.04
C ILE B 58 -26.67 -7.59 -32.72
N GLN B 59 -27.81 -7.09 -32.23
CA GLN B 59 -28.84 -7.96 -31.67
C GLN B 59 -30.05 -8.08 -32.58
N ASN B 60 -30.02 -7.39 -33.71
CA ASN B 60 -31.02 -7.57 -34.75
C ASN B 60 -30.30 -7.86 -36.06
N PRO B 61 -30.14 -9.14 -36.39
CA PRO B 61 -29.48 -9.64 -37.62
C PRO B 61 -29.96 -8.96 -38.90
N LEU B 62 -31.09 -8.26 -38.84
CA LEU B 62 -31.59 -7.49 -39.98
C LEU B 62 -30.60 -6.44 -40.44
N PHE B 63 -29.68 -6.05 -39.57
CA PHE B 63 -28.74 -4.98 -39.86
C PHE B 63 -27.28 -5.42 -39.82
N GLN B 64 -27.02 -6.69 -40.06
CA GLN B 64 -25.66 -7.21 -39.91
C GLN B 64 -24.91 -7.36 -41.23
N ASN B 65 -25.63 -7.44 -42.34
CA ASN B 65 -25.01 -7.79 -43.62
C ASN B 65 -24.08 -6.71 -44.16
N SER B 66 -23.18 -7.12 -45.04
CA SER B 66 -22.05 -6.29 -45.48
C SER B 66 -22.46 -4.98 -46.16
N LEU B 67 -23.73 -4.91 -46.58
CA LEU B 67 -24.23 -3.78 -47.35
C LEU B 67 -24.84 -2.70 -46.44
N ILE B 68 -24.85 -2.97 -45.14
CA ILE B 68 -25.26 -1.99 -44.14
C ILE B 68 -24.11 -1.00 -43.92
N SER B 69 -24.46 0.24 -43.57
CA SER B 69 -23.47 1.22 -43.17
C SER B 69 -22.60 0.67 -42.04
N LYS B 70 -21.30 0.91 -42.13
CA LYS B 70 -20.35 0.42 -41.15
C LYS B 70 -19.59 1.60 -40.54
N PRO B 71 -19.27 1.51 -39.24
CA PRO B 71 -18.50 2.59 -38.63
C PRO B 71 -17.06 2.59 -39.16
N SER B 72 -16.50 3.78 -39.36
CA SER B 72 -15.14 3.90 -39.89
C SER B 72 -14.12 3.51 -38.83
N ALA B 73 -14.56 3.48 -37.58
CA ALA B 73 -13.71 3.06 -36.46
C ALA B 73 -14.56 2.70 -35.26
N ILE B 74 -14.05 1.82 -34.42
CA ILE B 74 -14.72 1.46 -33.17
C ILE B 74 -13.84 1.82 -31.99
N ILE B 75 -14.41 2.49 -31.01
CA ILE B 75 -13.66 2.91 -29.83
C ILE B 75 -14.28 2.35 -28.56
N LEU B 76 -13.46 1.78 -27.69
CA LEU B 76 -13.94 1.22 -26.44
C LEU B 76 -13.37 1.98 -25.24
N PRO B 77 -14.02 3.09 -24.85
CA PRO B 77 -13.57 3.85 -23.69
C PRO B 77 -13.64 3.02 -22.41
N GLY B 78 -12.66 3.19 -21.53
CA GLY B 78 -12.56 2.39 -20.32
C GLY B 78 -12.78 3.19 -19.04
N SER B 79 -13.14 4.45 -19.20
CA SER B 79 -13.42 5.33 -18.06
C SER B 79 -14.29 6.49 -18.52
N LYS B 80 -14.85 7.23 -17.56
CA LYS B 80 -15.70 8.37 -17.91
C LYS B 80 -14.85 9.47 -18.55
N GLU B 81 -13.59 9.56 -18.13
CA GLU B 81 -12.67 10.52 -18.71
C GLU B 81 -12.37 10.16 -20.17
N GLU B 82 -12.17 8.87 -20.44
CA GLU B 82 -11.93 8.41 -21.80
C GLU B 82 -13.16 8.61 -22.67
N LEU B 83 -14.34 8.44 -22.07
CA LEU B 83 -15.60 8.67 -22.79
C LEU B 83 -15.74 10.13 -23.15
N SER B 84 -15.41 10.99 -22.20
CA SER B 84 -15.47 12.44 -22.40
C SER B 84 -14.53 12.89 -23.51
N ASN B 85 -13.29 12.43 -23.44
CA ASN B 85 -12.27 12.76 -24.45
C ASN B 85 -12.58 12.18 -25.82
N THR B 86 -13.13 10.97 -25.84
CA THR B 86 -13.53 10.32 -27.09
C THR B 86 -14.53 11.18 -27.85
N ILE B 87 -15.52 11.69 -27.12
CA ILE B 87 -16.57 12.52 -27.69
C ILE B 87 -16.00 13.82 -28.27
N ARG B 88 -15.04 14.41 -27.57
CA ARG B 88 -14.39 15.64 -28.03
C ARG B 88 -13.56 15.41 -29.29
N CYS B 89 -12.79 14.33 -29.29
CA CYS B 89 -11.92 14.00 -30.42
C CYS B 89 -12.69 13.74 -31.70
N ILE B 90 -13.68 12.85 -31.62
CA ILE B 90 -14.55 12.53 -32.74
C ILE B 90 -15.18 13.80 -33.34
N ARG B 91 -15.58 14.72 -32.46
CA ARG B 91 -16.31 15.90 -32.88
C ARG B 91 -15.44 16.92 -33.63
N LYS B 92 -14.15 16.97 -33.29
CA LYS B 92 -13.18 17.79 -34.02
C LYS B 92 -13.21 17.48 -35.51
N GLY B 93 -13.56 16.25 -35.85
CA GLY B 93 -13.70 15.84 -37.23
C GLY B 93 -15.10 16.02 -37.76
N SER B 94 -15.39 15.37 -38.89
CA SER B 94 -16.69 15.46 -39.54
C SER B 94 -17.65 14.41 -38.98
N TRP B 95 -17.10 13.48 -38.21
CA TRP B 95 -17.80 12.25 -37.83
C TRP B 95 -19.10 12.43 -37.08
N THR B 96 -20.07 11.59 -37.43
CA THR B 96 -21.28 11.40 -36.66
C THR B 96 -20.98 10.45 -35.51
N ILE B 97 -21.45 10.79 -34.31
CA ILE B 97 -21.24 9.94 -33.15
C ILE B 97 -22.33 8.87 -33.04
N ARG B 98 -21.92 7.64 -32.74
CA ARG B 98 -22.87 6.58 -32.43
C ARG B 98 -22.48 5.91 -31.13
N LEU B 99 -23.45 5.78 -30.22
CA LEU B 99 -23.22 5.12 -28.95
C LEU B 99 -23.89 3.76 -28.95
N ARG B 100 -23.21 2.76 -28.38
CA ARG B 100 -23.81 1.44 -28.23
C ARG B 100 -23.53 0.84 -26.86
N SER B 101 -24.58 0.35 -26.21
CA SER B 101 -24.43 -0.37 -24.96
C SER B 101 -24.67 -1.85 -25.20
N GLY B 102 -25.95 -2.22 -25.31
CA GLY B 102 -26.33 -3.61 -25.54
C GLY B 102 -26.60 -3.90 -27.00
N GLY B 103 -26.74 -2.87 -27.81
CA GLY B 103 -26.97 -3.01 -29.24
C GLY B 103 -28.30 -3.64 -29.59
N HIS B 104 -29.30 -3.44 -28.76
CA HIS B 104 -30.61 -4.06 -28.96
C HIS B 104 -31.58 -3.19 -29.72
N SER B 105 -31.09 -2.05 -30.23
CA SER B 105 -31.91 -1.14 -31.01
C SER B 105 -32.67 -1.89 -32.10
N TYR B 106 -34.00 -1.80 -32.05
CA TYR B 106 -34.86 -2.49 -32.99
C TYR B 106 -34.58 -2.07 -34.43
N GLU B 107 -34.08 -0.84 -34.59
CA GLU B 107 -33.74 -0.32 -35.91
C GLU B 107 -32.24 -0.20 -36.13
N GLY B 108 -31.46 -0.84 -35.26
CA GLY B 108 -30.01 -0.81 -35.37
C GLY B 108 -29.42 0.60 -35.35
N LEU B 109 -30.07 1.50 -34.62
CA LEU B 109 -29.71 2.90 -34.61
C LEU B 109 -28.44 3.20 -33.82
N SER B 110 -27.93 2.20 -33.11
CA SER B 110 -26.75 2.38 -32.29
C SER B 110 -25.47 2.04 -33.04
N TYR B 111 -25.60 1.43 -34.21
CA TYR B 111 -24.43 1.05 -34.99
C TYR B 111 -24.61 1.27 -36.49
N THR B 112 -25.56 2.12 -36.87
CA THR B 112 -25.74 2.49 -38.27
C THR B 112 -25.96 4.00 -38.41
N SER B 113 -25.58 4.54 -39.55
CA SER B 113 -25.78 5.97 -39.83
C SER B 113 -25.60 6.25 -41.33
N ASP B 114 -26.45 7.11 -41.87
CA ASP B 114 -26.41 7.44 -43.29
C ASP B 114 -25.25 8.40 -43.61
N THR B 115 -24.47 8.73 -42.59
CA THR B 115 -23.27 9.54 -42.76
C THR B 115 -22.08 8.80 -42.14
N PRO B 116 -20.85 9.14 -42.57
CA PRO B 116 -19.68 8.53 -41.94
C PRO B 116 -19.73 8.69 -40.42
N PHE B 117 -19.45 7.63 -39.68
CA PHE B 117 -19.60 7.71 -38.24
C PHE B 117 -18.55 6.91 -37.48
N ILE B 118 -18.36 7.28 -36.22
CA ILE B 118 -17.50 6.55 -35.31
C ILE B 118 -18.36 5.86 -34.26
N LEU B 119 -18.04 4.61 -33.97
CA LEU B 119 -18.82 3.86 -33.00
C LEU B 119 -18.13 3.82 -31.64
N ILE B 120 -18.78 4.40 -30.65
CA ILE B 120 -18.33 4.29 -29.26
C ILE B 120 -19.04 3.12 -28.61
N ASP B 121 -18.30 2.05 -28.34
CA ASP B 121 -18.87 0.88 -27.70
C ASP B 121 -18.53 0.87 -26.21
N LEU B 122 -19.55 0.69 -25.37
CA LEU B 122 -19.41 0.88 -23.94
C LEU B 122 -19.25 -0.41 -23.15
N MET B 123 -18.94 -1.51 -23.85
CA MET B 123 -18.88 -2.83 -23.23
C MET B 123 -17.82 -2.94 -22.13
N ASN B 124 -16.82 -2.07 -22.17
CA ASN B 124 -15.79 -2.05 -21.14
C ASN B 124 -16.20 -1.23 -19.94
N LEU B 125 -17.31 -0.51 -20.08
CA LEU B 125 -17.91 0.23 -18.97
C LEU B 125 -19.09 -0.55 -18.42
N ASN B 126 -18.81 -1.70 -17.82
CA ASN B 126 -19.88 -2.57 -17.31
C ASN B 126 -19.74 -2.86 -15.83
N ARG B 127 -19.26 -1.88 -15.07
CA ARG B 127 -19.08 -2.06 -13.63
C ARG B 127 -20.34 -1.71 -12.87
N VAL B 128 -20.64 -2.50 -11.84
CA VAL B 128 -21.78 -2.23 -10.97
C VAL B 128 -21.31 -2.07 -9.53
N SER B 129 -21.68 -0.96 -8.91
CA SER B 129 -21.31 -0.69 -7.53
C SER B 129 -22.54 -0.55 -6.66
N ILE B 130 -22.72 -1.49 -5.73
CA ILE B 130 -23.93 -1.55 -4.92
C ILE B 130 -23.71 -1.01 -3.51
N ASP B 131 -24.66 -0.19 -3.05
CA ASP B 131 -24.66 0.32 -1.69
C ASP B 131 -25.84 -0.28 -0.93
N LEU B 132 -25.55 -1.24 -0.05
CA LEU B 132 -26.60 -1.97 0.66
C LEU B 132 -27.25 -1.15 1.77
N GLU B 133 -26.62 -0.04 2.15
CA GLU B 133 -27.14 0.78 3.24
C GLU B 133 -28.18 1.81 2.79
N SER B 134 -27.90 2.50 1.70
CA SER B 134 -28.86 3.45 1.15
C SER B 134 -29.75 2.73 0.14
N GLU B 135 -29.42 1.47 -0.11
CA GLU B 135 -30.11 0.62 -1.08
C GLU B 135 -30.17 1.28 -2.46
N THR B 136 -29.01 1.68 -2.93
CA THR B 136 -28.85 2.21 -4.28
C THR B 136 -27.73 1.45 -4.98
N ALA B 137 -27.52 1.76 -6.25
CA ALA B 137 -26.40 1.19 -7.00
C ALA B 137 -25.99 2.14 -8.11
N TRP B 138 -24.68 2.27 -8.32
CA TRP B 138 -24.16 2.94 -9.50
C TRP B 138 -23.91 1.91 -10.59
N VAL B 139 -24.45 2.16 -11.78
CA VAL B 139 -24.34 1.22 -12.87
C VAL B 139 -23.77 1.87 -14.12
N GLU B 140 -22.56 1.50 -14.49
CA GLU B 140 -21.96 2.00 -15.73
C GLU B 140 -22.82 1.58 -16.91
N SER B 141 -22.97 2.47 -17.88
CA SER B 141 -24.01 2.34 -18.90
C SER B 141 -23.78 1.23 -19.92
N GLY B 142 -22.62 0.58 -19.86
CA GLY B 142 -22.34 -0.53 -20.74
C GLY B 142 -22.79 -1.83 -20.12
N SER B 143 -23.21 -1.77 -18.86
CA SER B 143 -23.71 -2.94 -18.15
C SER B 143 -25.01 -3.41 -18.77
N THR B 144 -25.16 -4.72 -18.89
CA THR B 144 -26.41 -5.31 -19.33
C THR B 144 -27.34 -5.50 -18.14
N LEU B 145 -28.61 -5.76 -18.42
CA LEU B 145 -29.59 -6.01 -17.37
C LEU B 145 -29.21 -7.25 -16.58
N GLY B 146 -28.75 -8.27 -17.30
CA GLY B 146 -28.32 -9.51 -16.69
C GLY B 146 -27.15 -9.30 -15.74
N GLU B 147 -26.16 -8.54 -16.19
CA GLU B 147 -25.01 -8.20 -15.35
C GLU B 147 -25.45 -7.41 -14.12
N LEU B 148 -26.47 -6.58 -14.29
CA LEU B 148 -27.02 -5.81 -13.18
C LEU B 148 -27.77 -6.71 -12.20
N TYR B 149 -28.68 -7.52 -12.73
CA TYR B 149 -29.45 -8.48 -11.92
C TYR B 149 -28.52 -9.38 -11.13
N TYR B 150 -27.51 -9.94 -11.82
CA TYR B 150 -26.56 -10.84 -11.20
C TYR B 150 -25.84 -10.20 -10.04
N ALA B 151 -25.35 -8.98 -10.27
CA ALA B 151 -24.57 -8.26 -9.26
C ALA B 151 -25.41 -7.99 -8.02
N ILE B 152 -26.72 -7.83 -8.20
CA ILE B 152 -27.62 -7.56 -7.10
C ILE B 152 -27.83 -8.79 -6.22
N THR B 153 -28.00 -9.95 -6.87
CA THR B 153 -28.17 -11.22 -6.15
C THR B 153 -26.97 -11.51 -5.25
N GLU B 154 -25.78 -11.31 -5.80
CA GLU B 154 -24.52 -11.60 -5.10
C GLU B 154 -24.24 -10.64 -3.94
N SER B 155 -25.14 -9.70 -3.70
CA SER B 155 -25.01 -8.75 -2.60
C SER B 155 -26.20 -8.83 -1.64
N SER B 156 -27.32 -9.33 -2.14
CA SER B 156 -28.56 -9.41 -1.36
C SER B 156 -29.57 -10.39 -1.94
N SER B 157 -30.40 -10.95 -1.05
CA SER B 157 -31.50 -11.82 -1.45
C SER B 157 -32.83 -11.08 -1.26
N LYS B 158 -32.75 -9.89 -0.68
CA LYS B 158 -33.94 -9.11 -0.36
C LYS B 158 -34.07 -7.89 -1.25
N LEU B 159 -33.29 -7.84 -2.32
CA LEU B 159 -33.29 -6.69 -3.20
C LEU B 159 -33.29 -7.09 -4.67
N GLY B 160 -33.92 -6.27 -5.49
CA GLY B 160 -33.97 -6.49 -6.92
C GLY B 160 -34.12 -5.18 -7.65
N PHE B 161 -34.43 -5.24 -8.94
CA PHE B 161 -34.64 -4.03 -9.73
C PHE B 161 -35.61 -4.31 -10.86
N THR B 162 -36.38 -3.29 -11.25
CA THR B 162 -37.41 -3.48 -12.28
C THR B 162 -36.89 -3.08 -13.66
N ALA B 163 -36.87 -4.06 -14.56
CA ALA B 163 -36.52 -3.85 -15.96
C ALA B 163 -36.89 -5.08 -16.79
N ALA B 164 -36.51 -5.04 -18.07
CA ALA B 164 -36.82 -6.08 -19.05
C ALA B 164 -36.41 -7.48 -18.60
N TRP B 165 -36.98 -8.48 -19.25
CA TRP B 165 -36.61 -9.87 -18.99
C TRP B 165 -35.38 -10.24 -19.81
N CYS B 166 -35.18 -9.56 -20.94
CA CYS B 166 -34.04 -9.80 -21.82
C CYS B 166 -32.74 -9.40 -21.13
N PRO B 167 -31.90 -10.38 -20.77
CA PRO B 167 -30.71 -10.06 -19.98
C PRO B 167 -29.53 -9.48 -20.77
N THR B 168 -29.56 -9.52 -22.10
CA THR B 168 -28.47 -8.93 -22.88
C THR B 168 -28.79 -7.50 -23.30
N VAL B 169 -29.93 -6.98 -22.88
CA VAL B 169 -30.26 -5.58 -23.10
C VAL B 169 -29.36 -4.71 -22.22
N GLY B 170 -28.81 -3.65 -22.80
CA GLY B 170 -27.91 -2.77 -22.07
C GLY B 170 -28.67 -1.71 -21.29
N THR B 171 -28.12 -1.30 -20.14
CA THR B 171 -28.73 -0.25 -19.34
C THR B 171 -28.72 1.09 -20.07
N GLY B 172 -27.71 1.28 -20.92
CA GLY B 172 -27.53 2.50 -21.66
C GLY B 172 -28.77 2.94 -22.43
N GLY B 173 -29.22 2.10 -23.37
CA GLY B 173 -30.39 2.42 -24.15
C GLY B 173 -31.70 2.12 -23.43
N HIS B 174 -31.71 1.06 -22.64
CA HIS B 174 -32.93 0.61 -21.96
C HIS B 174 -33.50 1.62 -20.99
N ILE B 175 -32.68 2.05 -20.04
CA ILE B 175 -33.09 3.00 -19.03
C ILE B 175 -33.34 4.37 -19.67
N SER B 176 -32.59 4.67 -20.72
CA SER B 176 -32.75 5.93 -21.45
C SER B 176 -34.13 6.04 -22.12
N GLY B 177 -34.74 4.89 -22.39
CA GLY B 177 -36.03 4.87 -23.04
C GLY B 177 -37.17 4.55 -22.10
N GLY B 178 -36.85 4.32 -20.83
CA GLY B 178 -37.86 3.95 -19.85
C GLY B 178 -37.55 2.60 -19.22
N GLY B 179 -37.99 1.53 -19.88
CA GLY B 179 -37.70 0.19 -19.43
C GLY B 179 -38.84 -0.48 -18.69
N PHE B 180 -39.62 -1.28 -19.41
CA PHE B 180 -40.79 -1.93 -18.86
C PHE B 180 -40.55 -3.43 -18.64
N GLY B 181 -40.98 -3.94 -17.49
CA GLY B 181 -40.80 -5.34 -17.15
C GLY B 181 -41.91 -5.92 -16.29
N MET B 182 -41.71 -7.16 -15.85
CA MET B 182 -42.71 -7.89 -15.07
C MET B 182 -42.98 -7.25 -13.70
N MET B 183 -42.08 -6.37 -13.26
CA MET B 183 -42.22 -5.74 -11.95
C MET B 183 -42.67 -4.29 -12.06
N SER B 184 -42.98 -3.85 -13.28
CA SER B 184 -43.37 -2.47 -13.53
C SER B 184 -44.72 -2.11 -12.91
N ARG B 185 -45.60 -3.11 -12.79
CA ARG B 185 -46.89 -2.90 -12.16
C ARG B 185 -46.71 -2.63 -10.67
N LYS B 186 -45.56 -3.05 -10.14
CA LYS B 186 -45.25 -2.87 -8.73
C LYS B 186 -44.30 -1.70 -8.50
N TYR B 187 -43.38 -1.47 -9.43
CA TYR B 187 -42.32 -0.48 -9.22
C TYR B 187 -42.11 0.50 -10.37
N GLY B 188 -42.99 0.48 -11.36
CA GLY B 188 -42.86 1.36 -12.51
C GLY B 188 -41.70 0.95 -13.42
N LEU B 189 -41.28 1.87 -14.27
CA LEU B 189 -40.18 1.61 -15.20
C LEU B 189 -38.83 1.65 -14.50
N ALA B 190 -37.81 1.15 -15.20
CA ALA B 190 -36.44 1.25 -14.71
C ALA B 190 -36.06 2.71 -14.51
N ALA B 191 -36.46 3.55 -15.46
CA ALA B 191 -36.18 4.97 -15.42
C ALA B 191 -36.90 5.69 -14.27
N ASP B 192 -38.01 5.10 -13.81
CA ASP B 192 -38.77 5.69 -12.70
C ASP B 192 -38.03 5.52 -11.38
N ASN B 193 -36.97 4.73 -11.39
CA ASN B 193 -36.22 4.43 -10.17
C ASN B 193 -34.76 4.89 -10.27
N VAL B 194 -34.52 5.87 -11.13
CA VAL B 194 -33.21 6.50 -11.25
C VAL B 194 -33.17 7.76 -10.37
N VAL B 195 -32.16 7.85 -9.50
CA VAL B 195 -32.11 8.97 -8.56
C VAL B 195 -30.96 9.92 -8.88
N ASP B 196 -30.02 9.45 -9.68
CA ASP B 196 -28.92 10.29 -10.16
C ASP B 196 -28.33 9.66 -11.42
N ALA B 197 -27.50 10.41 -12.11
CA ALA B 197 -26.85 9.89 -13.31
C ALA B 197 -25.63 10.71 -13.65
N ILE B 198 -24.69 10.10 -14.38
CA ILE B 198 -23.57 10.85 -14.92
C ILE B 198 -23.74 10.99 -16.43
N LEU B 199 -24.04 12.20 -16.88
CA LEU B 199 -24.21 12.47 -18.31
C LEU B 199 -23.05 13.28 -18.85
N ILE B 200 -22.51 12.83 -19.97
CA ILE B 200 -21.42 13.55 -20.63
C ILE B 200 -21.95 14.21 -21.89
N ASP B 201 -21.89 15.54 -21.94
CA ASP B 201 -22.53 16.27 -23.03
C ASP B 201 -21.64 16.40 -24.26
N ALA B 202 -22.09 17.19 -25.23
CA ALA B 202 -21.41 17.29 -26.52
C ALA B 202 -20.02 17.92 -26.43
N ASN B 203 -19.77 18.66 -25.36
CA ASN B 203 -18.47 19.30 -25.15
C ASN B 203 -17.53 18.43 -24.31
N GLY B 204 -18.03 17.27 -23.89
CA GLY B 204 -17.26 16.38 -23.04
C GLY B 204 -17.40 16.72 -21.57
N ALA B 205 -18.28 17.65 -21.25
CA ALA B 205 -18.52 18.03 -19.87
C ALA B 205 -19.19 16.90 -19.11
N ILE B 206 -18.58 16.51 -18.00
CA ILE B 206 -19.10 15.43 -17.17
C ILE B 206 -20.05 15.97 -16.12
N LEU B 207 -21.33 15.60 -16.23
CA LEU B 207 -22.39 16.21 -15.43
C LEU B 207 -23.13 15.18 -14.60
N ASP B 208 -23.43 15.52 -13.36
CA ASP B 208 -24.35 14.71 -12.56
C ASP B 208 -25.69 15.42 -12.50
N ARG B 209 -26.62 14.89 -11.71
CA ARG B 209 -27.97 15.43 -11.64
C ARG B 209 -27.99 16.91 -11.27
N GLN B 210 -27.19 17.27 -10.27
CA GLN B 210 -27.08 18.66 -9.83
C GLN B 210 -26.57 19.55 -10.95
N ALA B 211 -25.59 19.06 -11.69
CA ALA B 211 -24.93 19.86 -12.72
C ALA B 211 -25.75 19.98 -14.00
N MET B 212 -26.52 18.94 -14.32
CA MET B 212 -27.27 18.93 -15.57
C MET B 212 -28.62 19.63 -15.42
N GLY B 213 -29.05 19.84 -14.19
CA GLY B 213 -30.34 20.45 -13.94
C GLY B 213 -31.46 19.43 -14.03
N GLU B 214 -32.64 19.80 -13.54
CA GLU B 214 -33.76 18.87 -13.43
C GLU B 214 -34.46 18.58 -14.75
N ASP B 215 -34.44 19.53 -15.68
CA ASP B 215 -35.06 19.31 -16.98
C ASP B 215 -34.32 18.23 -17.77
N VAL B 216 -33.00 18.30 -17.76
CA VAL B 216 -32.16 17.31 -18.44
C VAL B 216 -32.19 15.97 -17.71
N PHE B 217 -32.14 16.02 -16.38
CA PHE B 217 -32.20 14.79 -15.58
C PHE B 217 -33.54 14.08 -15.77
N TRP B 218 -34.57 14.87 -16.03
CA TRP B 218 -35.89 14.34 -16.33
C TRP B 218 -35.90 13.71 -17.71
N ALA B 219 -35.32 14.41 -18.68
CA ALA B 219 -35.36 13.99 -20.08
C ALA B 219 -34.65 12.67 -20.34
N ILE B 220 -33.53 12.43 -19.65
CA ILE B 220 -32.76 11.21 -19.86
C ILE B 220 -33.42 9.98 -19.26
N ARG B 221 -34.41 10.20 -18.41
CA ARG B 221 -35.12 9.11 -17.75
C ARG B 221 -36.33 8.65 -18.55
N GLY B 222 -36.14 8.45 -19.85
CA GLY B 222 -37.22 7.96 -20.69
C GLY B 222 -37.30 8.66 -22.04
N GLY B 223 -36.54 9.73 -22.21
CA GLY B 223 -36.59 10.52 -23.43
C GLY B 223 -35.90 9.88 -24.62
N GLY B 224 -35.33 8.70 -24.42
CA GLY B 224 -34.70 7.96 -25.50
C GLY B 224 -33.20 8.15 -25.58
N GLY B 225 -32.48 7.08 -25.87
CA GLY B 225 -31.03 7.14 -25.98
C GLY B 225 -30.57 7.82 -27.26
N GLY B 226 -29.28 8.16 -27.29
CA GLY B 226 -28.66 8.76 -28.46
C GLY B 226 -29.11 10.16 -28.78
N VAL B 227 -29.53 10.91 -27.75
CA VAL B 227 -30.15 12.21 -27.97
C VAL B 227 -29.57 13.32 -27.08
N TRP B 228 -29.20 12.97 -25.86
CA TRP B 228 -28.87 13.96 -24.84
C TRP B 228 -27.38 14.08 -24.57
N GLY B 229 -26.63 13.09 -25.05
CA GLY B 229 -25.23 12.96 -24.71
C GLY B 229 -24.98 11.52 -24.36
N ALA B 230 -23.82 11.23 -23.78
CA ALA B 230 -23.50 9.86 -23.41
C ALA B 230 -23.69 9.64 -21.92
N ILE B 231 -24.63 8.77 -21.56
CA ILE B 231 -24.77 8.36 -20.17
C ILE B 231 -23.57 7.53 -19.79
N TYR B 232 -22.84 7.96 -18.76
CA TYR B 232 -21.72 7.17 -18.28
C TYR B 232 -22.20 6.14 -17.26
N ALA B 233 -23.08 6.56 -16.36
CA ALA B 233 -23.59 5.68 -15.32
C ALA B 233 -24.95 6.10 -14.80
N TRP B 234 -25.72 5.11 -14.34
CA TRP B 234 -27.00 5.36 -13.69
C TRP B 234 -26.88 5.12 -12.19
N LYS B 235 -27.49 5.99 -11.39
CA LYS B 235 -27.67 5.68 -9.97
C LYS B 235 -29.13 5.28 -9.75
N ILE B 236 -29.35 4.03 -9.40
CA ILE B 236 -30.70 3.48 -9.31
C ILE B 236 -31.08 3.11 -7.88
N LYS B 237 -32.37 3.16 -7.60
CA LYS B 237 -32.90 2.68 -6.33
C LYS B 237 -33.07 1.16 -6.39
N LEU B 238 -32.45 0.44 -5.46
CA LEU B 238 -32.66 -1.00 -5.37
C LEU B 238 -33.98 -1.24 -4.63
N LEU B 239 -34.71 -2.26 -5.04
CA LEU B 239 -36.08 -2.44 -4.61
C LEU B 239 -36.31 -3.72 -3.82
N PRO B 240 -37.06 -3.61 -2.70
CA PRO B 240 -37.35 -4.75 -1.82
C PRO B 240 -38.09 -5.86 -2.54
N VAL B 241 -37.59 -7.08 -2.39
CA VAL B 241 -38.25 -8.27 -2.91
C VAL B 241 -38.25 -9.34 -1.83
N PRO B 242 -39.26 -10.22 -1.82
CA PRO B 242 -39.22 -11.28 -0.82
C PRO B 242 -38.15 -12.30 -1.17
N GLU B 243 -37.72 -13.10 -0.19
CA GLU B 243 -36.67 -14.08 -0.43
C GLU B 243 -37.18 -15.24 -1.28
N LYS B 244 -38.51 -15.36 -1.35
CA LYS B 244 -39.13 -16.30 -2.28
C LYS B 244 -40.25 -15.64 -3.08
N VAL B 245 -40.21 -15.82 -4.39
CA VAL B 245 -41.27 -15.32 -5.26
C VAL B 245 -41.87 -16.48 -6.03
N THR B 246 -43.00 -16.24 -6.69
CA THR B 246 -43.68 -17.30 -7.43
C THR B 246 -43.88 -16.91 -8.89
N VAL B 247 -43.51 -17.81 -9.79
CA VAL B 247 -43.77 -17.61 -11.21
C VAL B 247 -44.36 -18.88 -11.83
N PHE B 248 -44.91 -18.73 -13.03
CA PHE B 248 -45.29 -19.89 -13.82
C PHE B 248 -45.24 -19.56 -15.31
N ARG B 249 -44.80 -20.52 -16.09
CA ARG B 249 -44.84 -20.42 -17.55
C ARG B 249 -45.67 -21.58 -18.08
N VAL B 250 -46.92 -21.28 -18.43
CA VAL B 250 -47.85 -22.32 -18.87
C VAL B 250 -48.38 -22.02 -20.26
N THR B 251 -48.08 -22.93 -21.19
CA THR B 251 -48.48 -22.75 -22.57
C THR B 251 -49.75 -23.52 -22.89
N LYS B 252 -50.66 -22.86 -23.61
CA LYS B 252 -51.89 -23.51 -24.03
C LYS B 252 -52.03 -23.55 -25.54
N ASN B 253 -51.93 -24.75 -26.09
CA ASN B 253 -52.24 -24.96 -27.48
C ASN B 253 -53.73 -25.20 -27.65
N VAL B 254 -54.46 -24.15 -28.03
CA VAL B 254 -55.92 -24.20 -28.15
C VAL B 254 -56.41 -23.58 -29.46
N ALA B 255 -57.71 -23.65 -29.69
CA ALA B 255 -58.33 -23.03 -30.87
C ALA B 255 -58.43 -21.51 -30.72
N ILE B 256 -58.51 -20.82 -31.85
CA ILE B 256 -58.73 -19.37 -31.88
C ILE B 256 -59.98 -18.99 -31.09
N ASP B 257 -60.95 -19.90 -31.06
CA ASP B 257 -62.23 -19.64 -30.43
C ASP B 257 -62.06 -19.62 -28.91
N GLU B 258 -61.30 -20.58 -28.40
CA GLU B 258 -60.99 -20.58 -26.97
C GLU B 258 -59.99 -19.48 -26.67
N ALA B 259 -59.00 -19.31 -27.55
CA ALA B 259 -57.96 -18.30 -27.36
C ALA B 259 -58.54 -16.90 -27.22
N THR B 260 -59.46 -16.58 -28.11
CA THR B 260 -60.09 -15.27 -28.15
C THR B 260 -60.81 -14.92 -26.86
N SER B 261 -61.58 -15.87 -26.33
CA SER B 261 -62.29 -15.66 -25.07
C SER B 261 -61.31 -15.61 -23.90
N LEU B 262 -60.17 -16.26 -24.06
CA LEU B 262 -59.12 -16.24 -23.04
C LEU B 262 -58.48 -14.86 -22.95
N LEU B 263 -58.12 -14.30 -24.10
CA LEU B 263 -57.53 -12.97 -24.16
C LEU B 263 -58.48 -11.91 -23.63
N HIS B 264 -59.77 -12.05 -23.96
CA HIS B 264 -60.77 -11.05 -23.58
C HIS B 264 -60.95 -10.98 -22.07
N LYS B 265 -60.83 -12.12 -21.39
CA LYS B 265 -60.90 -12.10 -19.93
C LYS B 265 -59.56 -11.65 -19.35
N TRP B 266 -58.47 -12.13 -19.95
CA TRP B 266 -57.13 -11.81 -19.46
C TRP B 266 -56.86 -10.32 -19.32
N GLN B 267 -57.34 -9.53 -20.29
CA GLN B 267 -57.07 -8.11 -20.30
C GLN B 267 -57.61 -7.41 -19.05
N PHE B 268 -58.64 -8.01 -18.46
CA PHE B 268 -59.21 -7.49 -17.23
C PHE B 268 -58.48 -8.04 -16.01
N VAL B 269 -58.11 -9.32 -16.08
CA VAL B 269 -57.34 -9.94 -15.01
C VAL B 269 -56.02 -9.21 -14.78
N ALA B 270 -55.30 -8.96 -15.87
CA ALA B 270 -53.98 -8.33 -15.81
C ALA B 270 -54.02 -6.95 -15.16
N GLU B 271 -55.09 -6.21 -15.40
CA GLU B 271 -55.20 -4.84 -14.92
C GLU B 271 -55.75 -4.76 -13.50
N GLU B 272 -56.63 -5.70 -13.16
CA GLU B 272 -57.31 -5.66 -11.86
C GLU B 272 -56.57 -6.48 -10.81
N LEU B 273 -55.52 -7.18 -11.20
CA LEU B 273 -54.65 -7.85 -10.24
C LEU B 273 -54.01 -6.80 -9.32
N GLU B 274 -53.77 -7.18 -8.06
CA GLU B 274 -53.01 -6.32 -7.17
C GLU B 274 -51.61 -6.13 -7.74
N GLU B 275 -50.94 -5.05 -7.33
CA GLU B 275 -49.64 -4.70 -7.90
C GLU B 275 -48.57 -5.75 -7.62
N ASP B 276 -48.84 -6.63 -6.66
CA ASP B 276 -47.94 -7.73 -6.34
C ASP B 276 -48.03 -8.86 -7.36
N PHE B 277 -48.91 -8.71 -8.34
CA PHE B 277 -49.09 -9.74 -9.36
C PHE B 277 -48.86 -9.19 -10.77
N THR B 278 -48.32 -10.03 -11.63
CA THR B 278 -48.22 -9.71 -13.05
C THR B 278 -48.58 -10.93 -13.89
N LEU B 279 -49.46 -10.74 -14.86
CA LEU B 279 -49.83 -11.80 -15.79
C LEU B 279 -49.70 -11.29 -17.23
N SER B 280 -48.72 -11.82 -17.96
CA SER B 280 -48.47 -11.37 -19.33
C SER B 280 -48.56 -12.56 -20.30
N VAL B 281 -48.77 -12.28 -21.59
CA VAL B 281 -49.01 -13.35 -22.58
C VAL B 281 -48.03 -13.29 -23.75
N LEU B 282 -47.55 -14.44 -24.23
CA LEU B 282 -46.71 -14.40 -25.42
C LEU B 282 -47.61 -14.54 -26.66
N GLY B 283 -47.78 -15.77 -27.13
CA GLY B 283 -48.70 -16.13 -28.19
C GLY B 283 -48.06 -16.09 -29.56
N GLY B 284 -48.30 -17.12 -30.37
CA GLY B 284 -47.85 -17.22 -31.75
C GLY B 284 -48.76 -18.26 -32.35
N ALA B 285 -48.61 -18.58 -33.64
CA ALA B 285 -49.57 -19.47 -34.29
C ALA B 285 -49.15 -19.96 -35.67
N ASP B 286 -49.83 -21.03 -36.11
CA ASP B 286 -49.66 -21.59 -37.45
C ASP B 286 -50.91 -22.40 -37.85
N GLU B 287 -51.77 -21.77 -38.66
CA GLU B 287 -53.01 -22.39 -39.14
C GLU B 287 -53.90 -22.88 -37.99
N LYS B 288 -54.53 -21.92 -37.31
CA LYS B 288 -55.41 -22.15 -36.16
C LYS B 288 -54.85 -23.05 -35.04
N GLN B 289 -53.67 -23.62 -35.25
CA GLN B 289 -52.96 -24.30 -34.19
C GLN B 289 -52.21 -23.23 -33.38
N VAL B 290 -52.95 -22.57 -32.50
CA VAL B 290 -52.45 -21.38 -31.80
C VAL B 290 -51.97 -21.71 -30.38
N TRP B 291 -50.88 -21.07 -29.96
CA TRP B 291 -50.39 -21.25 -28.60
C TRP B 291 -50.40 -19.95 -27.83
N LEU B 292 -50.78 -20.02 -26.56
CA LEU B 292 -50.73 -18.87 -25.67
C LEU B 292 -49.93 -19.21 -24.42
N THR B 293 -48.79 -18.54 -24.24
CA THR B 293 -48.00 -18.75 -23.04
C THR B 293 -48.36 -17.71 -21.99
N MET B 294 -48.95 -18.17 -20.88
CA MET B 294 -49.27 -17.30 -19.77
C MET B 294 -48.07 -17.19 -18.84
N LEU B 295 -47.60 -15.97 -18.63
CA LEU B 295 -46.46 -15.74 -17.75
C LEU B 295 -46.91 -14.98 -16.50
N GLY B 296 -46.75 -15.64 -15.35
CA GLY B 296 -47.19 -15.06 -14.09
C GLY B 296 -46.04 -14.78 -13.15
N PHE B 297 -46.22 -13.78 -12.29
CA PHE B 297 -45.26 -13.44 -11.27
C PHE B 297 -45.97 -12.92 -10.04
N HIS B 298 -45.55 -13.37 -8.87
CA HIS B 298 -46.12 -12.85 -7.63
C HIS B 298 -45.03 -12.56 -6.61
N PHE B 299 -45.06 -11.36 -6.04
CA PHE B 299 -44.17 -10.99 -4.94
C PHE B 299 -44.60 -11.72 -3.68
N GLY B 300 -44.45 -13.04 -3.67
CA GLY B 300 -44.86 -13.83 -2.52
C GLY B 300 -44.89 -15.32 -2.81
N LEU B 301 -45.71 -16.04 -2.06
CA LEU B 301 -45.64 -17.49 -2.03
C LEU B 301 -46.59 -18.19 -2.99
N LYS B 302 -46.32 -19.48 -3.19
CA LYS B 302 -47.09 -20.35 -4.06
C LYS B 302 -48.57 -20.40 -3.68
N THR B 303 -48.84 -20.40 -2.37
CA THR B 303 -50.20 -20.54 -1.85
C THR B 303 -51.11 -19.38 -2.29
N VAL B 304 -50.68 -18.16 -2.03
CA VAL B 304 -51.46 -16.98 -2.38
C VAL B 304 -51.60 -16.86 -3.90
N ALA B 305 -50.56 -17.24 -4.63
CA ALA B 305 -50.55 -17.18 -6.08
C ALA B 305 -51.68 -17.98 -6.71
N LYS B 306 -51.73 -19.27 -6.44
CA LYS B 306 -52.80 -20.12 -6.99
C LYS B 306 -54.15 -19.71 -6.45
N SER B 307 -54.21 -19.44 -5.14
CA SER B 307 -55.42 -18.98 -4.49
C SER B 307 -56.03 -17.78 -5.22
N THR B 308 -55.16 -16.85 -5.60
CA THR B 308 -55.59 -15.65 -6.30
C THR B 308 -56.05 -15.98 -7.72
N PHE B 309 -55.30 -16.80 -8.44
CA PHE B 309 -55.62 -17.08 -9.83
C PHE B 309 -56.75 -18.11 -9.98
N ASP B 310 -56.90 -19.01 -9.02
CA ASP B 310 -58.05 -19.91 -8.99
C ASP B 310 -59.33 -19.09 -9.00
N LEU B 311 -59.32 -18.05 -8.17
CA LEU B 311 -60.43 -17.11 -8.06
C LEU B 311 -60.60 -16.28 -9.34
N LEU B 312 -59.49 -15.72 -9.81
CA LEU B 312 -59.56 -14.72 -10.88
C LEU B 312 -59.51 -15.31 -12.30
N PHE B 313 -58.86 -16.46 -12.45
CA PHE B 313 -58.66 -17.06 -13.77
C PHE B 313 -58.56 -18.58 -13.72
N PRO B 314 -59.64 -19.27 -13.30
CA PRO B 314 -59.61 -20.73 -13.28
C PRO B 314 -59.49 -21.32 -14.69
N GLU B 315 -60.01 -20.62 -15.69
CA GLU B 315 -60.04 -21.12 -17.07
C GLU B 315 -58.66 -21.54 -17.60
N LEU B 316 -57.61 -21.10 -16.94
CA LEU B 316 -56.24 -21.43 -17.33
C LEU B 316 -55.82 -22.82 -16.89
N GLY B 317 -56.75 -23.57 -16.30
CA GLY B 317 -56.46 -24.90 -15.77
C GLY B 317 -55.10 -24.98 -15.10
N LEU B 318 -54.78 -23.92 -14.36
CA LEU B 318 -53.49 -23.85 -13.69
C LEU B 318 -53.53 -24.75 -12.48
N VAL B 319 -52.51 -25.59 -12.36
CA VAL B 319 -52.46 -26.57 -11.29
C VAL B 319 -51.33 -26.19 -10.33
N GLU B 320 -51.25 -26.91 -9.21
CA GLU B 320 -50.24 -26.59 -8.20
C GLU B 320 -48.82 -26.79 -8.73
N GLU B 321 -48.64 -27.77 -9.61
CA GLU B 321 -47.32 -28.10 -10.13
C GLU B 321 -46.73 -26.96 -10.96
N ASP B 322 -47.61 -26.12 -11.52
CA ASP B 322 -47.19 -25.01 -12.36
C ASP B 322 -46.50 -23.89 -11.58
N TYR B 323 -46.97 -23.64 -10.36
CA TYR B 323 -46.44 -22.56 -9.55
C TYR B 323 -45.09 -22.92 -8.95
N LEU B 324 -44.06 -22.17 -9.34
CA LEU B 324 -42.70 -22.47 -8.92
C LEU B 324 -42.15 -21.37 -8.00
N GLU B 325 -41.72 -21.77 -6.81
CA GLU B 325 -41.11 -20.83 -5.88
C GLU B 325 -39.60 -20.81 -6.03
N MET B 326 -39.03 -19.60 -5.98
CA MET B 326 -37.59 -19.40 -6.06
C MET B 326 -37.24 -17.98 -5.68
N SER B 327 -35.95 -17.67 -5.62
CA SER B 327 -35.51 -16.33 -5.30
C SER B 327 -35.85 -15.39 -6.46
N TRP B 328 -35.73 -14.09 -6.21
CA TRP B 328 -35.99 -13.10 -7.26
C TRP B 328 -35.06 -13.29 -8.44
N GLY B 329 -33.77 -13.42 -8.15
CA GLY B 329 -32.76 -13.64 -9.16
C GLY B 329 -33.06 -14.88 -9.99
N GLU B 330 -33.42 -15.97 -9.33
CA GLU B 330 -33.73 -17.22 -10.01
C GLU B 330 -34.96 -17.07 -10.91
N SER B 331 -35.90 -16.24 -10.48
CA SER B 331 -37.13 -16.02 -11.25
C SER B 331 -36.85 -15.30 -12.56
N PHE B 332 -36.03 -14.26 -12.52
CA PHE B 332 -35.69 -13.53 -13.73
C PHE B 332 -34.82 -14.36 -14.66
N ALA B 333 -33.98 -15.21 -14.09
CA ALA B 333 -33.19 -16.14 -14.89
C ALA B 333 -34.14 -17.13 -15.56
N TYR B 334 -35.14 -17.59 -14.81
CA TYR B 334 -36.12 -18.54 -15.32
C TYR B 334 -36.95 -17.95 -16.45
N LEU B 335 -37.48 -16.74 -16.22
CA LEU B 335 -38.30 -16.05 -17.22
C LEU B 335 -37.51 -15.74 -18.48
N ALA B 336 -36.19 -15.63 -18.35
CA ALA B 336 -35.33 -15.29 -19.48
C ALA B 336 -35.03 -16.51 -20.34
N GLY B 337 -35.50 -17.68 -19.90
CA GLY B 337 -35.25 -18.91 -20.62
C GLY B 337 -33.89 -19.49 -20.29
N LEU B 338 -33.38 -19.19 -19.10
CA LEU B 338 -32.07 -19.68 -18.69
C LEU B 338 -32.16 -20.81 -17.67
N GLU B 339 -31.02 -21.40 -17.35
CA GLU B 339 -30.95 -22.46 -16.35
C GLU B 339 -30.54 -21.90 -14.99
N THR B 340 -29.43 -21.15 -14.98
CA THR B 340 -28.85 -20.65 -13.75
C THR B 340 -28.77 -19.14 -13.71
N VAL B 341 -28.54 -18.60 -12.51
CA VAL B 341 -28.38 -17.16 -12.32
C VAL B 341 -27.09 -16.65 -12.96
N SER B 342 -26.06 -17.50 -12.94
CA SER B 342 -24.75 -17.12 -13.48
C SER B 342 -24.76 -16.77 -14.96
N GLN B 343 -25.71 -17.34 -15.70
CA GLN B 343 -25.85 -17.08 -17.13
C GLN B 343 -26.35 -15.67 -17.41
N LEU B 344 -26.92 -15.03 -16.39
CA LEU B 344 -27.35 -13.64 -16.49
C LEU B 344 -26.15 -12.73 -16.68
N ASN B 345 -25.03 -13.12 -16.06
CA ASN B 345 -23.81 -12.32 -16.12
C ASN B 345 -23.02 -12.57 -17.41
N ASN B 346 -23.67 -13.16 -18.40
CA ASN B 346 -23.05 -13.40 -19.70
C ASN B 346 -23.73 -12.56 -20.78
N ARG B 347 -23.10 -11.44 -21.13
CA ARG B 347 -23.67 -10.48 -22.07
C ARG B 347 -23.64 -10.97 -23.51
N PHE B 348 -22.74 -11.90 -23.80
CA PHE B 348 -22.54 -12.35 -25.17
C PHE B 348 -23.30 -13.65 -25.47
N LEU B 349 -24.22 -13.99 -24.58
CA LEU B 349 -25.04 -15.18 -24.74
C LEU B 349 -26.26 -14.89 -25.62
N LYS B 350 -26.34 -15.55 -26.78
CA LYS B 350 -27.47 -15.36 -27.67
C LYS B 350 -28.39 -16.57 -27.65
N PHE B 351 -29.52 -16.42 -26.97
CA PHE B 351 -30.54 -17.48 -26.93
C PHE B 351 -31.34 -17.46 -28.21
N ASP B 352 -31.33 -16.33 -28.90
CA ASP B 352 -31.96 -16.23 -30.20
C ASP B 352 -31.05 -15.58 -31.24
N GLU B 353 -31.21 -15.98 -32.49
CA GLU B 353 -30.35 -15.52 -33.57
C GLU B 353 -31.14 -15.17 -34.85
N ARG B 354 -32.34 -14.62 -34.70
CA ARG B 354 -33.16 -14.26 -35.86
C ARG B 354 -33.18 -12.76 -36.14
N ALA B 355 -33.28 -12.40 -37.42
CA ALA B 355 -33.64 -11.04 -37.78
C ALA B 355 -35.10 -10.84 -37.37
N PHE B 356 -35.51 -9.59 -37.15
CA PHE B 356 -36.88 -9.31 -36.76
C PHE B 356 -37.29 -7.87 -37.04
N LYS B 357 -38.59 -7.66 -37.17
CA LYS B 357 -39.14 -6.31 -37.12
C LYS B 357 -40.35 -6.36 -36.19
N THR B 358 -40.64 -5.24 -35.54
CA THR B 358 -41.73 -5.23 -34.56
C THR B 358 -42.44 -3.90 -34.54
N LYS B 359 -43.69 -3.93 -34.05
CA LYS B 359 -44.46 -2.73 -33.84
C LYS B 359 -45.17 -2.87 -32.49
N VAL B 360 -45.80 -1.80 -32.03
CA VAL B 360 -46.43 -1.82 -30.72
C VAL B 360 -47.64 -0.90 -30.67
N ASP B 361 -48.64 -1.31 -29.89
CA ASP B 361 -49.80 -0.47 -29.63
C ASP B 361 -50.00 -0.31 -28.13
N LEU B 362 -50.61 0.79 -27.74
CA LEU B 362 -51.02 0.98 -26.35
C LEU B 362 -52.51 1.29 -26.34
N THR B 363 -53.23 0.66 -25.43
CA THR B 363 -54.68 0.76 -25.42
C THR B 363 -55.19 1.62 -24.26
N LYS B 364 -56.31 2.30 -24.49
CA LYS B 364 -56.98 3.06 -23.44
C LYS B 364 -58.33 2.42 -23.14
N GLU B 365 -58.97 1.88 -24.17
CA GLU B 365 -60.25 1.19 -24.01
C GLU B 365 -60.08 -0.31 -24.17
N PRO B 366 -60.92 -1.11 -23.47
CA PRO B 366 -60.86 -2.57 -23.56
C PRO B 366 -60.94 -3.07 -25.01
N LEU B 367 -60.28 -4.17 -25.31
CA LEU B 367 -60.36 -4.74 -26.65
C LEU B 367 -61.60 -5.61 -26.78
N PRO B 368 -62.37 -5.42 -27.87
CA PRO B 368 -63.57 -6.23 -28.09
C PRO B 368 -63.21 -7.64 -28.55
N SER B 369 -63.93 -8.63 -28.02
CA SER B 369 -63.74 -10.04 -28.37
C SER B 369 -63.37 -10.28 -29.84
N LYS B 370 -63.93 -9.49 -30.74
CA LYS B 370 -63.61 -9.60 -32.17
C LYS B 370 -62.19 -9.14 -32.52
N ALA B 371 -61.66 -8.15 -31.80
CA ALA B 371 -60.31 -7.64 -32.07
C ALA B 371 -59.24 -8.73 -31.89
N PHE B 372 -59.30 -9.42 -30.75
CA PHE B 372 -58.45 -10.57 -30.48
C PHE B 372 -58.67 -11.64 -31.55
N TYR B 373 -59.94 -11.91 -31.85
CA TYR B 373 -60.33 -12.87 -32.86
C TYR B 373 -59.60 -12.63 -34.18
N GLY B 374 -59.76 -11.42 -34.72
CA GLY B 374 -59.07 -11.03 -35.93
C GLY B 374 -57.56 -11.14 -35.81
N LEU B 375 -57.01 -10.67 -34.69
CA LEU B 375 -55.59 -10.74 -34.43
C LEU B 375 -55.08 -12.16 -34.47
N LEU B 376 -55.72 -13.01 -33.67
CA LEU B 376 -55.35 -14.42 -33.57
C LEU B 376 -55.52 -15.14 -34.91
N GLU B 377 -56.46 -14.68 -35.72
CA GLU B 377 -56.70 -15.27 -37.03
C GLU B 377 -55.52 -15.04 -37.96
N ARG B 378 -55.03 -13.81 -37.98
CA ARG B 378 -53.94 -13.42 -38.87
C ARG B 378 -52.61 -13.96 -38.40
N LEU B 379 -52.52 -14.25 -37.11
CA LEU B 379 -51.30 -14.80 -36.54
C LEU B 379 -51.05 -16.20 -37.07
N SER B 380 -52.13 -16.97 -37.16
CA SER B 380 -52.04 -18.34 -37.65
C SER B 380 -51.63 -18.42 -39.10
N LYS B 381 -51.99 -17.40 -39.87
CA LYS B 381 -51.66 -17.36 -41.29
C LYS B 381 -50.19 -16.95 -41.51
N GLU B 382 -49.41 -17.00 -40.42
CA GLU B 382 -47.99 -16.63 -40.46
C GLU B 382 -47.24 -17.22 -39.26
N PRO B 383 -46.51 -18.32 -39.48
CA PRO B 383 -45.79 -19.03 -38.42
C PRO B 383 -44.65 -18.22 -37.82
N ASN B 384 -44.17 -17.21 -38.54
CA ASN B 384 -43.06 -16.39 -38.04
C ASN B 384 -43.55 -15.15 -37.28
N GLY B 385 -44.86 -15.03 -37.12
CA GLY B 385 -45.44 -13.93 -36.38
C GLY B 385 -45.62 -14.27 -34.91
N PHE B 386 -45.55 -13.23 -34.08
CA PHE B 386 -45.80 -13.37 -32.67
C PHE B 386 -46.52 -12.13 -32.18
N ILE B 387 -47.08 -12.23 -30.98
CA ILE B 387 -47.55 -11.07 -30.29
C ILE B 387 -46.84 -11.06 -28.94
N ALA B 388 -47.17 -10.07 -28.12
CA ALA B 388 -46.78 -10.00 -26.71
C ALA B 388 -47.65 -8.98 -26.01
N LEU B 389 -48.29 -9.42 -24.93
CA LEU B 389 -49.27 -8.59 -24.27
C LEU B 389 -48.91 -8.35 -22.82
N ASN B 390 -49.03 -7.11 -22.39
CA ASN B 390 -48.79 -6.74 -21.00
C ASN B 390 -49.86 -5.81 -20.48
N GLY B 391 -50.31 -6.06 -19.26
CA GLY B 391 -51.26 -5.18 -18.62
C GLY B 391 -50.54 -4.10 -17.85
N PHE B 392 -51.05 -2.87 -17.90
CA PHE B 392 -50.52 -1.83 -17.05
C PHE B 392 -51.29 -1.83 -15.74
N GLY B 393 -51.76 -0.66 -15.32
CA GLY B 393 -52.43 -0.55 -14.04
C GLY B 393 -51.41 -0.64 -12.93
N GLY B 394 -51.87 -0.85 -11.70
CA GLY B 394 -50.99 -0.88 -10.56
C GLY B 394 -50.26 0.45 -10.41
N GLN B 395 -48.95 0.40 -10.18
CA GLN B 395 -48.15 1.61 -10.01
C GLN B 395 -48.09 2.44 -11.28
N MET B 396 -48.31 1.80 -12.42
CA MET B 396 -48.32 2.50 -13.69
C MET B 396 -49.49 3.48 -13.77
N SER B 397 -50.54 3.25 -12.97
CA SER B 397 -51.66 4.18 -12.92
C SER B 397 -51.44 5.27 -11.86
N LYS B 398 -50.61 4.98 -10.86
CA LYS B 398 -50.39 5.91 -9.76
C LYS B 398 -49.25 6.88 -10.03
N ILE B 399 -48.44 6.59 -11.05
CA ILE B 399 -47.36 7.47 -11.44
C ILE B 399 -47.89 8.50 -12.45
N SER B 400 -47.67 9.78 -12.17
CA SER B 400 -48.12 10.85 -13.06
C SER B 400 -47.45 10.72 -14.43
N SER B 401 -48.14 11.15 -15.48
CA SER B 401 -47.64 10.99 -16.84
C SER B 401 -46.46 11.93 -17.15
N ASP B 402 -46.20 12.86 -16.23
CA ASP B 402 -45.13 13.82 -16.42
C ASP B 402 -43.98 13.61 -15.42
N PHE B 403 -44.09 12.57 -14.61
CA PHE B 403 -43.01 12.24 -13.67
C PHE B 403 -41.71 11.97 -14.43
N THR B 404 -41.81 11.19 -15.50
CA THR B 404 -40.72 10.98 -16.45
C THR B 404 -41.32 11.09 -17.85
N PRO B 405 -40.48 11.22 -18.90
CA PRO B 405 -41.00 11.40 -20.26
C PRO B 405 -42.01 10.34 -20.75
N PHE B 406 -41.92 9.11 -20.24
CA PHE B 406 -42.87 8.07 -20.60
C PHE B 406 -44.25 8.41 -20.08
N PRO B 407 -45.20 8.68 -20.98
CA PRO B 407 -46.48 9.30 -20.65
C PRO B 407 -47.65 8.34 -20.43
N HIS B 408 -47.46 7.06 -20.74
CA HIS B 408 -48.58 6.14 -20.76
C HIS B 408 -48.82 5.52 -19.40
N ARG B 409 -49.53 6.28 -18.56
CA ARG B 409 -49.78 5.89 -17.19
C ARG B 409 -51.27 5.62 -16.96
N SER B 410 -51.91 6.49 -16.18
CA SER B 410 -53.32 6.31 -15.83
C SER B 410 -54.20 6.24 -17.07
N GLY B 411 -55.09 5.26 -17.10
CA GLY B 411 -56.00 5.09 -18.23
C GLY B 411 -55.47 4.11 -19.26
N THR B 412 -54.17 3.87 -19.24
CA THR B 412 -53.56 2.92 -20.17
C THR B 412 -53.76 1.51 -19.63
N ARG B 413 -54.31 0.63 -20.47
CA ARG B 413 -54.63 -0.72 -20.06
C ARG B 413 -53.58 -1.73 -20.50
N LEU B 414 -53.35 -1.81 -21.80
CA LEU B 414 -52.48 -2.84 -22.35
C LEU B 414 -51.38 -2.28 -23.25
N MET B 415 -50.24 -2.96 -23.25
CA MET B 415 -49.25 -2.77 -24.29
C MET B 415 -49.27 -3.99 -25.18
N VAL B 416 -49.44 -3.79 -26.48
CA VAL B 416 -49.53 -4.90 -27.42
C VAL B 416 -48.41 -4.85 -28.45
N GLU B 417 -47.54 -5.86 -28.44
CA GLU B 417 -46.41 -5.90 -29.36
C GLU B 417 -46.66 -6.89 -30.49
N TYR B 418 -46.48 -6.45 -31.73
CA TYR B 418 -46.57 -7.35 -32.88
C TYR B 418 -45.18 -7.58 -33.46
N ILE B 419 -44.74 -8.83 -33.46
CA ILE B 419 -43.38 -9.16 -33.87
C ILE B 419 -43.37 -10.21 -34.99
N VAL B 420 -42.46 -10.06 -35.95
CA VAL B 420 -42.24 -11.12 -36.93
C VAL B 420 -40.73 -11.36 -37.05
N ALA B 421 -40.32 -12.61 -36.91
CA ALA B 421 -38.90 -12.96 -36.89
C ALA B 421 -38.60 -14.11 -37.83
N TRP B 422 -37.37 -14.14 -38.36
CA TRP B 422 -36.99 -15.19 -39.30
C TRP B 422 -35.47 -15.40 -39.32
N ASN B 423 -35.03 -16.65 -39.46
CA ASN B 423 -33.61 -16.90 -39.69
C ASN B 423 -33.31 -16.61 -41.15
N GLN B 424 -32.07 -16.79 -41.58
CA GLN B 424 -31.68 -16.38 -42.92
C GLN B 424 -32.19 -17.33 -44.03
N SER B 425 -32.45 -18.59 -43.68
CA SER B 425 -33.02 -19.54 -44.64
C SER B 425 -34.34 -19.02 -45.23
N GLU B 426 -35.07 -18.26 -44.44
CA GLU B 426 -36.36 -17.69 -44.85
C GLU B 426 -36.25 -16.26 -45.37
N GLN B 427 -35.03 -15.82 -45.74
CA GLN B 427 -34.78 -14.42 -46.07
C GLN B 427 -35.56 -13.89 -47.28
N LYS B 428 -35.77 -14.75 -48.28
CA LYS B 428 -36.44 -14.36 -49.52
C LYS B 428 -37.84 -13.81 -49.28
N LYS B 429 -38.54 -14.37 -48.30
CA LYS B 429 -39.90 -13.94 -47.97
C LYS B 429 -39.94 -12.66 -47.14
N LYS B 430 -38.83 -11.92 -47.09
CA LYS B 430 -38.70 -10.72 -46.27
C LYS B 430 -39.90 -9.79 -46.36
N THR B 431 -40.30 -9.46 -47.59
CA THR B 431 -41.41 -8.55 -47.82
C THR B 431 -42.77 -9.19 -47.51
N GLU B 432 -42.82 -10.52 -47.46
CA GLU B 432 -44.03 -11.19 -47.01
C GLU B 432 -44.27 -10.87 -45.53
N PHE B 433 -43.24 -11.08 -44.72
CA PHE B 433 -43.30 -10.81 -43.28
C PHE B 433 -43.66 -9.35 -42.99
N LEU B 434 -43.06 -8.43 -43.72
CA LEU B 434 -43.31 -6.99 -43.51
C LEU B 434 -44.74 -6.60 -43.85
N ASP B 435 -45.27 -7.18 -44.91
CA ASP B 435 -46.65 -6.93 -45.31
C ASP B 435 -47.61 -7.51 -44.28
N TRP B 436 -47.28 -8.67 -43.74
CA TRP B 436 -48.07 -9.26 -42.66
C TRP B 436 -48.13 -8.32 -41.48
N LEU B 437 -46.95 -7.86 -41.07
CA LEU B 437 -46.82 -6.94 -39.94
C LEU B 437 -47.61 -5.66 -40.20
N GLU B 438 -47.52 -5.16 -41.42
CA GLU B 438 -48.23 -3.95 -41.81
C GLU B 438 -49.74 -4.14 -41.74
N LYS B 439 -50.20 -5.34 -42.08
CA LYS B 439 -51.62 -5.66 -42.13
C LYS B 439 -52.23 -5.78 -40.73
N VAL B 440 -51.56 -6.54 -39.86
CA VAL B 440 -51.95 -6.67 -38.47
C VAL B 440 -52.09 -5.30 -37.80
N TYR B 441 -51.14 -4.43 -38.11
CA TYR B 441 -51.10 -3.09 -37.54
C TYR B 441 -52.24 -2.22 -38.06
N GLU B 442 -52.51 -2.30 -39.36
CA GLU B 442 -53.61 -1.56 -39.95
C GLU B 442 -54.94 -2.05 -39.41
N PHE B 443 -55.05 -3.36 -39.21
CA PHE B 443 -56.28 -3.96 -38.69
C PHE B 443 -56.62 -3.46 -37.29
N MET B 444 -55.58 -3.24 -36.48
CA MET B 444 -55.76 -2.92 -35.07
C MET B 444 -56.10 -1.45 -34.80
N LYS B 445 -55.95 -0.62 -35.83
CA LYS B 445 -56.18 0.82 -35.72
C LYS B 445 -57.48 1.24 -35.00
N PRO B 446 -58.63 0.59 -35.30
CA PRO B 446 -59.84 1.06 -34.62
C PRO B 446 -59.93 0.76 -33.13
N PHE B 447 -59.23 -0.27 -32.68
CA PHE B 447 -59.39 -0.76 -31.31
C PHE B 447 -58.42 -0.13 -30.32
N VAL B 448 -57.34 0.43 -30.85
CA VAL B 448 -56.25 0.92 -30.00
C VAL B 448 -56.33 2.43 -29.80
N SER B 449 -55.30 2.99 -29.18
CA SER B 449 -55.17 4.43 -29.02
C SER B 449 -55.25 5.13 -30.37
N LYS B 450 -55.89 6.29 -30.39
CA LYS B 450 -56.06 7.06 -31.61
C LYS B 450 -55.79 8.53 -31.34
N ASN B 451 -55.48 9.29 -32.40
CA ASN B 451 -55.33 10.73 -32.35
C ASN B 451 -54.58 11.28 -31.12
N PRO B 452 -53.27 11.01 -31.04
CA PRO B 452 -52.50 10.20 -31.99
C PRO B 452 -52.37 8.73 -31.56
N ARG B 453 -52.00 7.86 -32.49
CA ARG B 453 -51.74 6.46 -32.16
C ARG B 453 -50.43 6.37 -31.39
N LEU B 454 -50.48 5.77 -30.19
CA LEU B 454 -49.37 5.82 -29.25
C LEU B 454 -48.28 4.80 -29.56
N GLY B 455 -47.05 5.13 -29.16
CA GLY B 455 -45.91 4.25 -29.34
C GLY B 455 -45.00 4.27 -28.12
N TYR B 456 -43.85 3.63 -28.23
CA TYR B 456 -42.93 3.46 -27.12
C TYR B 456 -41.50 3.59 -27.63
N VAL B 457 -40.75 4.55 -27.10
CA VAL B 457 -39.46 4.92 -27.69
C VAL B 457 -38.45 3.77 -27.67
N ASN B 458 -38.54 2.90 -26.67
CA ASN B 458 -37.65 1.73 -26.62
C ASN B 458 -38.03 0.71 -27.68
N HIS B 459 -39.28 0.79 -28.15
CA HIS B 459 -39.71 0.03 -29.31
C HIS B 459 -39.72 0.94 -30.52
N ILE B 460 -38.57 1.57 -30.77
CA ILE B 460 -38.41 2.55 -31.85
C ILE B 460 -38.89 1.98 -33.18
N ASP B 461 -39.63 2.79 -33.92
CA ASP B 461 -40.26 2.34 -35.17
C ASP B 461 -40.17 3.44 -36.22
N LEU B 462 -39.35 3.19 -37.25
CA LEU B 462 -39.08 4.19 -38.26
C LEU B 462 -40.16 4.24 -39.35
N ASP B 463 -41.16 3.37 -39.23
CA ASP B 463 -42.32 3.43 -40.10
C ASP B 463 -43.06 4.74 -39.86
N LEU B 464 -42.94 5.23 -38.62
CA LEU B 464 -43.53 6.50 -38.21
C LEU B 464 -42.92 7.68 -38.95
N GLY B 465 -41.78 7.46 -39.61
CA GLY B 465 -41.08 8.50 -40.33
C GLY B 465 -39.70 8.74 -39.77
N GLY B 466 -39.00 9.74 -40.31
CA GLY B 466 -37.66 10.06 -39.87
C GLY B 466 -37.13 11.37 -40.42
N ILE B 467 -36.25 12.01 -39.65
CA ILE B 467 -35.64 13.27 -40.06
C ILE B 467 -34.34 13.04 -40.84
N ASP B 468 -34.19 13.71 -41.98
CA ASP B 468 -32.91 13.83 -42.64
C ASP B 468 -32.22 15.10 -42.15
N TRP B 469 -31.21 14.94 -41.31
CA TRP B 469 -30.51 16.08 -40.73
C TRP B 469 -29.58 16.75 -41.74
N GLY B 470 -29.47 16.15 -42.92
CA GLY B 470 -28.67 16.70 -44.00
C GLY B 470 -29.45 17.56 -44.97
N ASN B 471 -30.77 17.51 -44.86
CA ASN B 471 -31.66 18.37 -45.64
C ASN B 471 -32.01 19.62 -44.84
N LYS B 472 -31.40 20.75 -45.19
CA LYS B 472 -31.49 21.96 -44.37
C LYS B 472 -32.91 22.53 -44.28
N THR B 473 -33.71 22.35 -45.33
CA THR B 473 -35.10 22.80 -45.32
C THR B 473 -35.89 22.08 -44.24
N VAL B 474 -35.65 20.77 -44.13
CA VAL B 474 -36.32 19.93 -43.15
C VAL B 474 -35.92 20.30 -41.72
N VAL B 475 -34.62 20.47 -41.51
CA VAL B 475 -34.06 20.79 -40.20
C VAL B 475 -34.70 22.03 -39.58
N ASN B 476 -34.97 23.04 -40.41
CA ASN B 476 -35.52 24.29 -39.92
C ASN B 476 -36.97 24.18 -39.44
N ASN B 477 -37.65 23.09 -39.79
CA ASN B 477 -38.97 22.81 -39.24
C ASN B 477 -39.02 21.39 -38.67
N ALA B 478 -37.92 21.00 -38.01
CA ALA B 478 -37.79 19.65 -37.47
C ALA B 478 -38.82 19.34 -36.39
N ILE B 479 -39.17 20.34 -35.59
CA ILE B 479 -40.08 20.16 -34.47
C ILE B 479 -41.48 19.69 -34.91
N GLU B 480 -42.02 20.33 -35.94
CA GLU B 480 -43.34 19.98 -36.47
C GLU B 480 -43.32 18.62 -37.18
N ILE B 481 -42.23 18.32 -37.86
CA ILE B 481 -42.09 17.06 -38.58
C ILE B 481 -41.90 15.90 -37.59
N SER B 482 -41.12 16.14 -36.55
CA SER B 482 -40.85 15.11 -35.54
C SER B 482 -42.05 14.92 -34.61
N ARG B 483 -43.02 15.82 -34.68
CA ARG B 483 -44.18 15.77 -33.79
C ARG B 483 -45.01 14.50 -34.02
N SER B 484 -44.91 13.93 -35.22
CA SER B 484 -45.60 12.68 -35.56
C SER B 484 -45.26 11.53 -34.60
N TRP B 485 -43.98 11.17 -34.53
CA TRP B 485 -43.53 10.10 -33.65
C TRP B 485 -43.29 10.62 -32.25
N GLY B 486 -42.93 11.90 -32.15
CA GLY B 486 -42.61 12.51 -30.87
C GLY B 486 -43.78 12.51 -29.89
N GLU B 487 -44.94 12.93 -30.36
CA GLU B 487 -46.15 12.93 -29.53
C GLU B 487 -46.72 11.53 -29.40
N SER B 488 -46.38 10.67 -30.35
CA SER B 488 -46.75 9.26 -30.27
C SER B 488 -45.98 8.61 -29.12
N TYR B 489 -44.72 9.00 -28.98
CA TYR B 489 -43.87 8.46 -27.93
C TYR B 489 -44.10 9.11 -26.58
N PHE B 490 -44.33 10.43 -26.57
CA PHE B 490 -44.25 11.18 -25.32
C PHE B 490 -45.47 12.05 -25.00
N LEU B 491 -46.36 12.20 -25.98
CA LEU B 491 -47.59 13.00 -25.81
C LEU B 491 -47.31 14.39 -25.26
N SER B 492 -47.85 14.66 -24.07
CA SER B 492 -47.70 15.95 -23.41
C SER B 492 -46.25 16.28 -23.08
N ASN B 493 -45.40 15.27 -23.02
CA ASN B 493 -44.02 15.45 -22.59
C ASN B 493 -43.07 15.80 -23.73
N TYR B 494 -43.56 15.77 -24.96
CA TYR B 494 -42.71 15.99 -26.14
C TYR B 494 -42.11 17.39 -26.17
N GLU B 495 -42.87 18.40 -25.78
CA GLU B 495 -42.42 19.78 -25.93
C GLU B 495 -41.53 20.24 -24.80
N ARG B 496 -41.48 19.46 -23.72
CA ARG B 496 -40.51 19.75 -22.66
C ARG B 496 -39.18 19.11 -23.02
N LEU B 497 -39.23 17.99 -23.74
CA LEU B 497 -38.02 17.31 -24.18
C LEU B 497 -37.19 18.19 -25.10
N ILE B 498 -37.87 19.01 -25.89
CA ILE B 498 -37.22 19.97 -26.78
C ILE B 498 -36.46 21.01 -25.95
N ARG B 499 -37.07 21.44 -24.85
CA ARG B 499 -36.41 22.36 -23.92
C ARG B 499 -35.12 21.75 -23.39
N ALA B 500 -35.20 20.50 -22.93
CA ALA B 500 -34.05 19.79 -22.41
C ALA B 500 -32.96 19.59 -23.47
N LYS B 501 -33.39 19.25 -24.68
CA LYS B 501 -32.50 19.08 -25.82
C LYS B 501 -31.72 20.36 -26.09
N THR B 502 -32.39 21.50 -25.99
CA THR B 502 -31.79 22.80 -26.25
C THR B 502 -30.77 23.18 -25.19
N LEU B 503 -31.03 22.78 -23.95
CA LEU B 503 -30.12 23.06 -22.84
C LEU B 503 -28.83 22.26 -22.95
N ILE B 504 -28.95 20.99 -23.32
CA ILE B 504 -27.84 20.05 -23.21
C ILE B 504 -27.15 19.75 -24.55
N ASP B 505 -27.88 19.87 -25.65
CA ASP B 505 -27.32 19.60 -26.97
C ASP B 505 -27.90 20.54 -28.01
N PRO B 506 -27.69 21.85 -27.87
CA PRO B 506 -28.28 22.82 -28.80
C PRO B 506 -27.79 22.63 -30.24
N ASN B 507 -26.55 22.20 -30.42
CA ASN B 507 -25.98 22.01 -31.75
C ASN B 507 -26.29 20.62 -32.32
N ASN B 508 -27.09 19.85 -31.58
CA ASN B 508 -27.59 18.56 -32.04
C ASN B 508 -26.47 17.60 -32.46
N VAL B 509 -25.45 17.47 -31.62
CA VAL B 509 -24.35 16.56 -31.87
C VAL B 509 -24.83 15.12 -31.79
N PHE B 510 -25.77 14.87 -30.88
CA PHE B 510 -26.35 13.54 -30.71
C PHE B 510 -27.70 13.43 -31.40
N ASN B 511 -27.70 12.81 -32.57
CA ASN B 511 -28.90 12.78 -33.41
C ASN B 511 -29.08 11.45 -34.14
N HIS B 512 -30.32 11.18 -34.53
CA HIS B 512 -30.70 10.01 -35.33
C HIS B 512 -32.07 10.32 -35.93
N PRO B 513 -32.61 9.43 -36.81
CA PRO B 513 -33.84 9.81 -37.53
C PRO B 513 -35.02 10.30 -36.69
N GLN B 514 -35.13 9.89 -35.43
CA GLN B 514 -36.26 10.31 -34.61
C GLN B 514 -35.82 10.95 -33.31
N SER B 515 -34.57 11.39 -33.26
CA SER B 515 -34.06 12.11 -32.11
C SER B 515 -34.81 13.42 -31.89
N ILE B 516 -34.98 13.81 -30.62
CA ILE B 516 -35.63 15.07 -30.29
C ILE B 516 -34.84 16.24 -30.87
N PRO B 517 -35.49 17.06 -31.71
CA PRO B 517 -34.81 18.22 -32.28
C PRO B 517 -34.70 19.35 -31.26
N PRO B 518 -33.69 20.22 -31.39
CA PRO B 518 -33.56 21.36 -30.47
C PRO B 518 -34.57 22.47 -30.78
N MET B 519 -34.67 23.45 -29.88
CA MET B 519 -35.60 24.57 -30.03
C MET B 519 -35.44 25.27 -31.37
N ALA B 520 -34.27 25.87 -31.57
CA ALA B 520 -33.91 26.42 -32.87
C ALA B 520 -32.65 25.71 -33.35
N ASN B 521 -31.93 26.32 -34.28
CA ASN B 521 -30.64 25.78 -34.70
C ASN B 521 -29.56 26.14 -33.69
N PHE B 522 -29.99 26.45 -32.47
CA PHE B 522 -29.13 26.47 -31.30
C PHE B 522 -29.93 26.07 -30.07
N ASN C 25 12.33 -37.72 -6.46
CA ASN C 25 12.58 -38.39 -7.72
C ASN C 25 12.20 -37.53 -8.92
N ASP C 26 11.44 -36.48 -8.66
CA ASP C 26 11.04 -35.52 -9.69
C ASP C 26 11.62 -34.15 -9.35
N LEU C 27 12.83 -33.90 -9.83
CA LEU C 27 13.56 -32.71 -9.43
C LEU C 27 12.90 -31.42 -9.95
N LEU C 28 12.47 -31.43 -11.21
CA LEU C 28 11.88 -30.23 -11.81
C LEU C 28 10.56 -29.84 -11.15
N SER C 29 9.81 -30.83 -10.68
CA SER C 29 8.56 -30.55 -9.98
C SER C 29 8.83 -30.07 -8.56
N CYS C 30 9.86 -30.63 -7.94
CA CYS C 30 10.29 -30.20 -6.62
C CYS C 30 10.62 -28.72 -6.62
N LEU C 31 11.46 -28.32 -7.58
CA LEU C 31 11.84 -26.92 -7.76
C LEU C 31 10.65 -26.01 -7.98
N THR C 32 9.70 -26.47 -8.78
CA THR C 32 8.49 -25.70 -9.06
C THR C 32 7.65 -25.52 -7.80
N PHE C 33 7.46 -26.59 -7.05
CA PHE C 33 6.74 -26.53 -5.78
C PHE C 33 7.49 -25.69 -4.75
N ASN C 34 8.81 -25.66 -4.86
CA ASN C 34 9.63 -24.87 -3.95
C ASN C 34 9.79 -23.43 -4.39
N GLY C 35 9.13 -23.07 -5.48
CA GLY C 35 9.13 -21.70 -5.96
C GLY C 35 10.43 -21.31 -6.64
N VAL C 36 11.18 -22.29 -7.10
CA VAL C 36 12.39 -22.04 -7.87
C VAL C 36 12.12 -22.32 -9.34
N ARG C 37 11.83 -21.28 -10.10
CA ARG C 37 11.35 -21.44 -11.47
C ARG C 37 12.43 -21.30 -12.54
N ASN C 38 13.49 -20.55 -12.25
CA ASN C 38 14.57 -20.41 -13.23
C ASN C 38 15.46 -21.64 -13.24
N HIS C 39 15.08 -22.63 -14.04
CA HIS C 39 15.86 -23.85 -14.23
C HIS C 39 15.68 -24.38 -15.65
N THR C 40 16.76 -24.91 -16.22
CA THR C 40 16.76 -25.44 -17.59
C THR C 40 17.59 -26.73 -17.67
N VAL C 41 17.07 -27.74 -18.38
CA VAL C 41 17.79 -29.01 -18.50
C VAL C 41 18.85 -28.97 -19.60
N PHE C 42 19.72 -29.98 -19.62
CA PHE C 42 20.82 -30.03 -20.58
C PHE C 42 20.34 -30.03 -22.02
N SER C 43 21.13 -29.40 -22.88
CA SER C 43 20.92 -29.42 -24.32
C SER C 43 22.22 -29.05 -25.00
N ALA C 44 22.61 -29.81 -26.04
CA ALA C 44 23.87 -29.57 -26.71
C ALA C 44 23.73 -28.47 -27.76
N ASP C 45 22.49 -28.07 -28.02
CA ASP C 45 22.21 -27.03 -29.01
C ASP C 45 22.93 -25.73 -28.67
N SER C 46 23.79 -25.30 -29.59
CA SER C 46 24.69 -24.17 -29.39
C SER C 46 23.96 -22.90 -28.94
N ASP C 47 22.70 -22.74 -29.34
CA ASP C 47 21.96 -21.52 -29.03
C ASP C 47 20.92 -21.68 -27.93
N SER C 48 20.89 -22.85 -27.30
CA SER C 48 19.95 -23.09 -26.21
C SER C 48 20.26 -22.20 -25.01
N ASP C 49 19.23 -21.83 -24.26
CA ASP C 49 19.39 -21.08 -23.01
C ASP C 49 20.37 -21.79 -22.10
N PHE C 50 20.29 -23.12 -22.07
CA PHE C 50 21.18 -23.94 -21.27
C PHE C 50 22.65 -23.72 -21.64
N ASN C 51 22.99 -24.02 -22.89
CA ASN C 51 24.37 -23.91 -23.34
C ASN C 51 24.90 -22.49 -23.18
N ARG C 52 24.00 -21.52 -23.37
CA ARG C 52 24.35 -20.12 -23.19
C ARG C 52 24.70 -19.81 -21.73
N PHE C 53 23.82 -20.22 -20.82
CA PHE C 53 24.04 -20.05 -19.39
C PHE C 53 25.33 -20.72 -18.94
N LEU C 54 25.53 -21.96 -19.41
CA LEU C 54 26.67 -22.77 -19.01
C LEU C 54 28.01 -22.14 -19.37
N HIS C 55 28.13 -21.67 -20.61
CA HIS C 55 29.39 -21.15 -21.12
C HIS C 55 29.64 -19.70 -20.74
N LEU C 56 28.56 -18.99 -20.43
CA LEU C 56 28.64 -17.58 -20.02
C LEU C 56 29.66 -17.36 -18.89
N SER C 57 29.85 -18.37 -18.06
CA SER C 57 30.76 -18.26 -16.93
C SER C 57 31.81 -19.37 -16.86
N ILE C 58 32.24 -19.86 -18.03
CA ILE C 58 33.41 -20.73 -18.09
C ILE C 58 34.62 -19.86 -18.41
N GLN C 59 35.51 -19.71 -17.43
CA GLN C 59 36.59 -18.73 -17.55
C GLN C 59 37.93 -19.40 -17.89
N ASN C 60 37.93 -20.72 -17.96
CA ASN C 60 39.07 -21.47 -18.48
C ASN C 60 38.61 -22.40 -19.58
N PRO C 61 38.72 -21.95 -20.85
CA PRO C 61 38.35 -22.69 -22.06
C PRO C 61 38.88 -24.13 -22.11
N LEU C 62 39.84 -24.46 -21.26
CA LEU C 62 40.34 -25.83 -21.13
C LEU C 62 39.23 -26.82 -20.80
N PHE C 63 38.11 -26.32 -20.29
CA PHE C 63 37.02 -27.17 -19.86
C PHE C 63 35.70 -26.86 -20.56
N GLN C 64 35.76 -26.27 -21.75
CA GLN C 64 34.52 -25.87 -22.43
C GLN C 64 34.04 -26.88 -23.46
N ASN C 65 34.94 -27.75 -23.92
CA ASN C 65 34.64 -28.61 -25.06
C ASN C 65 33.58 -29.67 -24.76
N SER C 66 33.04 -30.26 -25.82
CA SER C 66 31.91 -31.17 -25.72
C SER C 66 32.21 -32.45 -24.92
N LEU C 67 33.48 -32.85 -24.89
CA LEU C 67 33.89 -34.07 -24.19
C LEU C 67 33.81 -33.94 -22.67
N ILE C 68 33.84 -32.70 -22.18
CA ILE C 68 33.81 -32.45 -20.74
C ILE C 68 32.45 -32.78 -20.14
N SER C 69 32.43 -33.21 -18.89
CA SER C 69 31.19 -33.43 -18.15
C SER C 69 30.31 -32.19 -18.17
N LYS C 70 29.01 -32.39 -18.35
CA LYS C 70 28.06 -31.30 -18.41
C LYS C 70 26.96 -31.51 -17.37
N PRO C 71 26.46 -30.42 -16.77
CA PRO C 71 25.39 -30.58 -15.78
C PRO C 71 24.10 -31.03 -16.45
N SER C 72 23.33 -31.87 -15.76
CA SER C 72 22.08 -32.37 -16.29
C SER C 72 21.03 -31.26 -16.30
N ALA C 73 21.28 -30.22 -15.51
CA ALA C 73 20.40 -29.06 -15.44
C ALA C 73 21.12 -27.88 -14.82
N ILE C 74 20.64 -26.67 -15.12
CA ILE C 74 21.18 -25.46 -14.52
C ILE C 74 20.08 -24.69 -13.82
N ILE C 75 20.32 -24.32 -12.56
CA ILE C 75 19.34 -23.60 -11.77
C ILE C 75 19.88 -22.25 -11.33
N LEU C 76 19.08 -21.20 -11.49
CA LEU C 76 19.49 -19.86 -11.08
C LEU C 76 18.57 -19.32 -9.99
N PRO C 77 18.86 -19.67 -8.72
CA PRO C 77 18.05 -19.18 -7.59
C PRO C 77 18.12 -17.67 -7.47
N GLY C 78 16.99 -17.04 -7.11
CA GLY C 78 16.90 -15.61 -7.08
C GLY C 78 16.79 -15.01 -5.69
N SER C 79 16.85 -15.87 -4.68
CA SER C 79 16.82 -15.43 -3.27
C SER C 79 17.51 -16.46 -2.40
N LYS C 80 17.76 -16.10 -1.13
CA LYS C 80 18.39 -17.02 -0.20
C LYS C 80 17.42 -18.18 0.09
N GLU C 81 16.13 -17.89 0.01
CA GLU C 81 15.12 -18.92 0.22
C GLU C 81 15.10 -19.91 -0.95
N GLU C 82 15.22 -19.38 -2.17
CA GLU C 82 15.28 -20.24 -3.35
C GLU C 82 16.56 -21.05 -3.36
N LEU C 83 17.65 -20.45 -2.89
CA LEU C 83 18.93 -21.16 -2.79
C LEU C 83 18.83 -22.30 -1.79
N SER C 84 18.19 -22.04 -0.66
CA SER C 84 17.98 -23.05 0.36
C SER C 84 17.18 -24.22 -0.17
N ASN C 85 16.04 -23.91 -0.79
CA ASN C 85 15.16 -24.94 -1.35
C ASN C 85 15.78 -25.68 -2.52
N THR C 86 16.63 -25.01 -3.30
CA THR C 86 17.32 -25.65 -4.41
C THR C 86 18.21 -26.78 -3.91
N ILE C 87 18.93 -26.51 -2.83
CA ILE C 87 19.84 -27.48 -2.24
C ILE C 87 19.08 -28.70 -1.69
N ARG C 88 17.92 -28.45 -1.08
CA ARG C 88 17.10 -29.54 -0.54
C ARG C 88 16.52 -30.41 -1.65
N CYS C 89 16.03 -29.77 -2.71
CA CYS C 89 15.43 -30.49 -3.84
C CYS C 89 16.42 -31.39 -4.56
N ILE C 90 17.59 -30.83 -4.90
CA ILE C 90 18.65 -31.58 -5.56
C ILE C 90 19.06 -32.81 -4.74
N ARG C 91 19.17 -32.61 -3.43
CA ARG C 91 19.64 -33.67 -2.54
C ARG C 91 18.67 -34.84 -2.41
N LYS C 92 17.37 -34.55 -2.54
CA LYS C 92 16.35 -35.59 -2.54
C LYS C 92 16.59 -36.59 -3.68
N GLY C 93 17.30 -36.13 -4.71
CA GLY C 93 17.69 -37.00 -5.81
C GLY C 93 19.09 -37.56 -5.59
N SER C 94 19.66 -38.13 -6.65
CA SER C 94 20.99 -38.72 -6.59
C SER C 94 22.08 -37.69 -6.84
N TRP C 95 21.67 -36.46 -7.16
CA TRP C 95 22.54 -35.48 -7.79
C TRP C 95 23.69 -34.96 -6.94
N THR C 96 24.84 -34.76 -7.59
CA THR C 96 25.96 -34.05 -7.03
C THR C 96 25.75 -32.55 -7.20
N ILE C 97 25.92 -31.79 -6.12
CA ILE C 97 25.73 -30.35 -6.18
C ILE C 97 26.97 -29.61 -6.66
N ARG C 98 26.79 -28.71 -7.61
CA ARG C 98 27.86 -27.83 -8.05
C ARG C 98 27.42 -26.37 -7.94
N LEU C 99 28.22 -25.58 -7.25
CA LEU C 99 27.94 -24.16 -7.09
C LEU C 99 28.87 -23.34 -7.97
N ARG C 100 28.34 -22.30 -8.60
CA ARG C 100 29.16 -21.43 -9.42
C ARG C 100 28.81 -19.96 -9.23
N SER C 101 29.83 -19.16 -8.96
CA SER C 101 29.67 -17.72 -8.84
C SER C 101 30.23 -17.02 -10.07
N GLY C 102 31.56 -17.00 -10.18
CA GLY C 102 32.24 -16.36 -11.30
C GLY C 102 32.80 -17.37 -12.28
N GLY C 103 32.91 -18.62 -11.83
CA GLY C 103 33.38 -19.70 -12.67
C GLY C 103 34.85 -19.62 -13.02
N HIS C 104 35.66 -19.05 -12.14
CA HIS C 104 37.08 -18.84 -12.41
C HIS C 104 37.96 -19.98 -11.91
N SER C 105 37.33 -21.06 -11.47
CA SER C 105 38.05 -22.25 -11.04
C SER C 105 39.09 -22.64 -12.08
N TYR C 106 40.35 -22.63 -11.66
CA TYR C 106 41.46 -22.99 -12.55
C TYR C 106 41.29 -24.41 -13.08
N GLU C 107 40.60 -25.24 -12.32
CA GLU C 107 40.40 -26.64 -12.68
C GLU C 107 38.94 -26.94 -13.06
N GLY C 108 38.15 -25.90 -13.28
CA GLY C 108 36.76 -26.04 -13.70
C GLY C 108 35.89 -26.80 -12.72
N LEU C 109 36.21 -26.70 -11.44
CA LEU C 109 35.56 -27.50 -10.41
C LEU C 109 34.17 -26.99 -10.02
N SER C 110 33.75 -25.86 -10.57
CA SER C 110 32.45 -25.29 -10.24
C SER C 110 31.38 -25.71 -11.24
N TYR C 111 31.81 -26.34 -12.33
CA TYR C 111 30.87 -26.72 -13.38
C TYR C 111 31.20 -28.07 -14.01
N THR C 112 32.03 -28.87 -13.34
CA THR C 112 32.33 -30.22 -13.80
C THR C 112 32.26 -31.22 -12.65
N SER C 113 31.96 -32.48 -12.98
CA SER C 113 31.89 -33.54 -11.99
C SER C 113 31.90 -34.89 -12.69
N ASP C 114 32.56 -35.89 -12.12
CA ASP C 114 32.61 -37.21 -12.74
C ASP C 114 31.36 -38.03 -12.41
N THR C 115 30.44 -37.41 -11.68
CA THR C 115 29.13 -37.99 -11.44
C THR C 115 28.07 -37.05 -11.99
N PRO C 116 26.86 -37.56 -12.28
CA PRO C 116 25.78 -36.67 -12.72
C PRO C 116 25.57 -35.54 -11.73
N PHE C 117 25.52 -34.30 -12.21
CA PHE C 117 25.44 -33.17 -11.30
C PHE C 117 24.49 -32.09 -11.76
N ILE C 118 24.00 -31.32 -10.80
CA ILE C 118 23.17 -30.16 -11.08
C ILE C 118 23.96 -28.90 -10.77
N LEU C 119 23.92 -27.94 -11.69
CA LEU C 119 24.65 -26.70 -11.49
C LEU C 119 23.76 -25.60 -10.91
N ILE C 120 24.12 -25.14 -9.73
CA ILE C 120 23.49 -23.97 -9.15
C ILE C 120 24.32 -22.73 -9.48
N ASP C 121 23.78 -21.89 -10.37
CA ASP C 121 24.51 -20.69 -10.78
C ASP C 121 23.94 -19.47 -10.07
N LEU C 122 24.83 -18.73 -9.41
CA LEU C 122 24.40 -17.67 -8.49
C LEU C 122 24.40 -16.28 -9.10
N MET C 123 24.45 -16.20 -10.44
CA MET C 123 24.60 -14.92 -11.13
C MET C 123 23.44 -13.96 -10.83
N ASN C 124 22.28 -14.49 -10.48
CA ASN C 124 21.14 -13.64 -10.14
C ASN C 124 21.18 -13.16 -8.70
N LEU C 125 22.15 -13.67 -7.95
CA LEU C 125 22.40 -13.20 -6.60
C LEU C 125 23.60 -12.27 -6.60
N ASN C 126 23.44 -11.10 -7.19
CA ASN C 126 24.55 -10.17 -7.35
C ASN C 126 24.29 -8.79 -6.77
N ARG C 127 23.49 -8.73 -5.71
CA ARG C 127 23.16 -7.46 -5.07
C ARG C 127 24.23 -7.05 -4.07
N VAL C 128 24.56 -5.76 -4.08
CA VAL C 128 25.48 -5.20 -3.10
C VAL C 128 24.77 -4.14 -2.28
N SER C 129 24.83 -4.27 -0.96
CA SER C 129 24.21 -3.30 -0.07
C SER C 129 25.25 -2.64 0.82
N ILE C 130 25.52 -1.37 0.57
CA ILE C 130 26.56 -0.65 1.30
C ILE C 130 25.98 0.20 2.42
N ASP C 131 26.57 0.06 3.62
CA ASP C 131 26.18 0.88 4.76
C ASP C 131 27.33 1.82 5.11
N LEU C 132 27.14 3.11 4.81
CA LEU C 132 28.22 4.10 4.93
C LEU C 132 28.52 4.49 6.37
N GLU C 133 27.60 4.18 7.29
CA GLU C 133 27.77 4.56 8.69
C GLU C 133 28.66 3.58 9.45
N SER C 134 28.42 2.28 9.27
CA SER C 134 29.26 1.26 9.89
C SER C 134 30.43 0.93 8.98
N GLU C 135 30.41 1.50 7.77
CA GLU C 135 31.40 1.24 6.72
C GLU C 135 31.56 -0.25 6.48
N THR C 136 30.42 -0.91 6.28
CA THR C 136 30.39 -2.32 5.92
C THR C 136 29.52 -2.50 4.67
N ALA C 137 29.51 -3.72 4.14
CA ALA C 137 28.67 -4.03 2.98
C ALA C 137 28.24 -5.48 3.02
N TRP C 138 27.00 -5.73 2.61
CA TRP C 138 26.54 -7.08 2.39
C TRP C 138 26.64 -7.40 0.89
N VAL C 139 27.28 -8.52 0.57
CA VAL C 139 27.51 -8.89 -0.82
C VAL C 139 26.98 -10.28 -1.12
N GLU C 140 25.92 -10.35 -1.92
CA GLU C 140 25.42 -11.64 -2.40
C GLU C 140 26.52 -12.32 -3.20
N SER C 141 26.66 -13.63 -3.01
CA SER C 141 27.86 -14.35 -3.45
C SER C 141 27.99 -14.54 -4.97
N GLY C 142 26.99 -14.11 -5.72
CA GLY C 142 27.06 -14.17 -7.17
C GLY C 142 27.74 -12.93 -7.72
N SER C 143 27.98 -11.97 -6.84
CA SER C 143 28.63 -10.72 -7.23
C SER C 143 30.08 -10.95 -7.61
N THR C 144 30.52 -10.31 -8.68
CA THR C 144 31.92 -10.34 -9.06
C THR C 144 32.68 -9.24 -8.32
N LEU C 145 34.00 -9.35 -8.29
CA LEU C 145 34.84 -8.34 -7.65
C LEU C 145 34.62 -6.98 -8.31
N GLY C 146 34.48 -6.99 -9.62
CA GLY C 146 34.24 -5.78 -10.39
C GLY C 146 32.90 -5.14 -10.05
N GLU C 147 31.87 -5.96 -9.93
CA GLU C 147 30.55 -5.49 -9.51
C GLU C 147 30.63 -4.89 -8.11
N LEU C 148 31.46 -5.50 -7.27
CA LEU C 148 31.65 -5.02 -5.90
C LEU C 148 32.44 -3.72 -5.87
N TYR C 149 33.58 -3.70 -6.56
CA TYR C 149 34.41 -2.50 -6.66
C TYR C 149 33.61 -1.32 -7.18
N TYR C 150 32.83 -1.57 -8.24
CA TYR C 150 32.01 -0.53 -8.85
C TYR C 150 31.00 0.03 -7.88
N ALA C 151 30.31 -0.87 -7.17
CA ALA C 151 29.27 -0.47 -6.24
C ALA C 151 29.81 0.43 -5.14
N ILE C 152 31.04 0.17 -4.72
CA ILE C 152 31.69 0.95 -3.67
C ILE C 152 32.00 2.38 -4.15
N THR C 153 32.62 2.49 -5.32
CA THR C 153 32.94 3.80 -5.89
C THR C 153 31.71 4.67 -6.03
N GLU C 154 30.59 4.04 -6.37
CA GLU C 154 29.31 4.74 -6.59
C GLU C 154 28.66 5.24 -5.30
N SER C 155 29.27 4.92 -4.15
CA SER C 155 28.72 5.34 -2.86
C SER C 155 29.74 6.11 -2.01
N SER C 156 31.03 5.95 -2.31
CA SER C 156 32.10 6.64 -1.58
C SER C 156 33.41 6.68 -2.37
N SER C 157 34.22 7.71 -2.10
CA SER C 157 35.53 7.84 -2.73
C SER C 157 36.65 7.60 -1.71
N LYS C 158 36.27 7.42 -0.45
CA LYS C 158 37.24 7.19 0.62
C LYS C 158 37.22 5.73 1.07
N LEU C 159 36.52 4.89 0.30
CA LEU C 159 36.36 3.49 0.67
C LEU C 159 36.69 2.57 -0.50
N GLY C 160 37.29 1.43 -0.18
CA GLY C 160 37.57 0.39 -1.15
C GLY C 160 37.54 -0.96 -0.47
N PHE C 161 38.06 -1.97 -1.16
CA PHE C 161 38.13 -3.31 -0.58
C PHE C 161 39.32 -4.07 -1.18
N THR C 162 39.91 -4.96 -0.38
CA THR C 162 41.08 -5.70 -0.84
C THR C 162 40.71 -7.05 -1.42
N ALA C 163 41.02 -7.23 -2.70
CA ALA C 163 40.85 -8.50 -3.39
C ALA C 163 41.58 -8.47 -4.73
N ALA C 164 41.37 -9.51 -5.54
CA ALA C 164 42.06 -9.69 -6.81
C ALA C 164 41.83 -8.54 -7.79
N TRP C 165 42.70 -8.44 -8.79
CA TRP C 165 42.57 -7.43 -9.82
C TRP C 165 41.55 -7.86 -10.87
N CYS C 166 41.44 -9.16 -11.09
CA CYS C 166 40.50 -9.72 -12.07
C CYS C 166 39.06 -9.41 -11.68
N PRO C 167 38.38 -8.54 -12.45
CA PRO C 167 37.04 -8.10 -12.03
C PRO C 167 35.90 -9.06 -12.36
N THR C 168 36.16 -10.13 -13.09
CA THR C 168 35.10 -11.11 -13.38
C THR C 168 35.15 -12.29 -12.41
N VAL C 169 36.14 -12.28 -11.53
CA VAL C 169 36.20 -13.26 -10.45
C VAL C 169 35.01 -13.07 -9.51
N GLY C 170 34.36 -14.16 -9.14
CA GLY C 170 33.20 -14.10 -8.27
C GLY C 170 33.56 -14.11 -6.79
N THR C 171 32.81 -13.35 -5.99
CA THR C 171 33.05 -13.28 -4.56
C THR C 171 32.83 -14.63 -3.87
N GLY C 172 31.93 -15.43 -4.45
CA GLY C 172 31.59 -16.73 -3.89
C GLY C 172 32.78 -17.65 -3.70
N GLY C 173 33.55 -17.84 -4.76
CA GLY C 173 34.74 -18.67 -4.69
C GLY C 173 35.96 -17.93 -4.17
N HIS C 174 36.09 -16.67 -4.58
CA HIS C 174 37.27 -15.86 -4.24
C HIS C 174 37.46 -15.65 -2.74
N ILE C 175 36.42 -15.15 -2.08
CA ILE C 175 36.49 -14.85 -0.66
C ILE C 175 36.53 -16.17 0.13
N SER C 176 35.87 -17.18 -0.41
CA SER C 176 35.88 -18.52 0.19
C SER C 176 37.30 -19.11 0.23
N GLY C 177 38.13 -18.73 -0.73
CA GLY C 177 39.48 -19.24 -0.81
C GLY C 177 40.51 -18.29 -0.22
N GLY C 178 40.05 -17.13 0.23
CA GLY C 178 40.94 -16.13 0.78
C GLY C 178 40.83 -14.81 0.01
N GLY C 179 41.58 -14.71 -1.08
CA GLY C 179 41.52 -13.54 -1.93
C GLY C 179 42.68 -12.58 -1.74
N PHE C 180 43.69 -12.70 -2.60
CA PHE C 180 44.89 -11.87 -2.49
C PHE C 180 44.93 -10.82 -3.58
N GLY C 181 45.38 -9.62 -3.23
CA GLY C 181 45.45 -8.52 -4.18
C GLY C 181 46.54 -7.51 -3.87
N MET C 182 46.53 -6.40 -4.60
CA MET C 182 47.55 -5.36 -4.48
C MET C 182 47.51 -4.65 -3.13
N MET C 183 46.43 -4.86 -2.37
CA MET C 183 46.26 -4.19 -1.08
C MET C 183 46.44 -5.13 0.11
N SER C 184 46.74 -6.39 -0.17
CA SER C 184 46.84 -7.37 0.90
C SER C 184 48.02 -7.06 1.83
N ARG C 185 49.02 -6.36 1.30
CA ARG C 185 50.14 -5.92 2.12
C ARG C 185 49.68 -4.86 3.12
N LYS C 186 48.57 -4.22 2.78
CA LYS C 186 47.97 -3.20 3.64
C LYS C 186 46.85 -3.76 4.51
N TYR C 187 45.95 -4.54 3.90
CA TYR C 187 44.74 -4.99 4.60
C TYR C 187 44.54 -6.49 4.67
N GLY C 188 45.52 -7.29 4.26
CA GLY C 188 45.37 -8.73 4.24
C GLY C 188 44.43 -9.19 3.15
N LEU C 189 43.94 -10.43 3.25
CA LEU C 189 43.08 -11.01 2.22
C LEU C 189 41.66 -10.47 2.30
N ALA C 190 40.87 -10.75 1.27
CA ALA C 190 39.46 -10.40 1.25
C ALA C 190 38.74 -11.07 2.41
N ALA C 191 39.07 -12.34 2.63
CA ALA C 191 38.47 -13.13 3.69
C ALA C 191 38.89 -12.62 5.08
N ASP C 192 40.01 -11.91 5.13
CA ASP C 192 40.48 -11.33 6.40
C ASP C 192 39.62 -10.19 6.86
N ASN C 193 38.72 -9.72 5.99
CA ASN C 193 37.89 -8.57 6.28
C ASN C 193 36.40 -8.90 6.24
N VAL C 194 36.09 -10.18 6.44
CA VAL C 194 34.71 -10.63 6.55
C VAL C 194 34.31 -10.64 8.03
N VAL C 195 33.19 -9.99 8.35
CA VAL C 195 32.75 -9.88 9.74
C VAL C 195 31.48 -10.69 10.01
N ASP C 196 30.80 -11.08 8.94
CA ASP C 196 29.64 -11.95 9.04
C ASP C 196 29.38 -12.60 7.68
N ALA C 197 28.52 -13.62 7.66
CA ALA C 197 28.17 -14.29 6.42
C ALA C 197 26.87 -15.04 6.56
N ILE C 198 26.18 -15.23 5.44
CA ILE C 198 25.03 -16.12 5.41
C ILE C 198 25.42 -17.42 4.71
N LEU C 199 25.47 -18.51 5.48
CA LEU C 199 25.82 -19.80 4.93
C LEU C 199 24.62 -20.73 4.95
N ILE C 200 24.36 -21.38 3.82
CA ILE C 200 23.25 -22.33 3.72
C ILE C 200 23.80 -23.75 3.66
N ASP C 201 23.52 -24.55 4.68
CA ASP C 201 24.16 -25.86 4.78
C ASP C 201 23.42 -26.94 3.97
N ALA C 202 23.86 -28.18 4.17
CA ALA C 202 23.34 -29.31 3.40
C ALA C 202 21.84 -29.54 3.60
N ASN C 203 21.32 -29.14 4.75
CA ASN C 203 19.91 -29.33 5.07
C ASN C 203 19.05 -28.14 4.64
N GLY C 204 19.70 -27.13 4.05
CA GLY C 204 19.00 -25.93 3.63
C GLY C 204 18.85 -24.91 4.75
N ALA C 205 19.45 -25.20 5.89
CA ALA C 205 19.39 -24.30 7.03
C ALA C 205 20.16 -23.02 6.73
N ILE C 206 19.51 -21.88 6.91
CA ILE C 206 20.11 -20.59 6.63
C ILE C 206 20.79 -20.03 7.88
N LEU C 207 22.12 -20.00 7.86
CA LEU C 207 22.91 -19.69 9.04
C LEU C 207 23.71 -18.40 8.89
N ASP C 208 23.72 -17.58 9.94
CA ASP C 208 24.66 -16.46 10.02
C ASP C 208 25.81 -16.85 10.95
N ARG C 209 26.71 -15.90 11.22
CA ARG C 209 27.89 -16.18 12.02
C ARG C 209 27.54 -16.74 13.40
N GLN C 210 26.57 -16.11 14.05
CA GLN C 210 26.11 -16.55 15.37
C GLN C 210 25.58 -17.97 15.30
N ALA C 211 24.81 -18.26 14.26
CA ALA C 211 24.17 -19.57 14.12
C ALA C 211 25.14 -20.67 13.70
N MET C 212 26.13 -20.34 12.87
CA MET C 212 27.03 -21.36 12.35
C MET C 212 28.17 -21.65 13.34
N GLY C 213 28.39 -20.72 14.27
CA GLY C 213 29.47 -20.88 15.23
C GLY C 213 30.80 -20.46 14.65
N GLU C 214 31.79 -20.27 15.52
CA GLU C 214 33.07 -19.69 15.11
C GLU C 214 33.97 -20.63 14.33
N ASP C 215 33.83 -21.94 14.54
CA ASP C 215 34.64 -22.90 13.80
C ASP C 215 34.28 -22.91 12.32
N VAL C 216 32.99 -22.85 12.03
CA VAL C 216 32.51 -22.83 10.66
C VAL C 216 32.74 -21.45 10.03
N PHE C 217 32.51 -20.39 10.81
CA PHE C 217 32.73 -19.04 10.31
C PHE C 217 34.20 -18.77 10.04
N TRP C 218 35.06 -19.46 10.78
CA TRP C 218 36.50 -19.42 10.55
C TRP C 218 36.82 -20.14 9.24
N ALA C 219 36.26 -21.33 9.08
CA ALA C 219 36.57 -22.20 7.95
C ALA C 219 36.17 -21.61 6.60
N ILE C 220 35.05 -20.90 6.55
CA ILE C 220 34.57 -20.37 5.28
C ILE C 220 35.39 -19.18 4.80
N ARG C 221 36.19 -18.60 5.70
CA ARG C 221 37.01 -17.45 5.37
C ARG C 221 38.39 -17.84 4.86
N GLY C 222 38.43 -18.75 3.90
CA GLY C 222 39.71 -19.16 3.33
C GLY C 222 39.86 -20.67 3.18
N GLY C 223 38.87 -21.41 3.67
CA GLY C 223 38.96 -22.87 3.64
C GLY C 223 38.60 -23.48 2.30
N GLY C 224 38.26 -22.64 1.33
CA GLY C 224 37.96 -23.12 -0.01
C GLY C 224 36.47 -23.26 -0.27
N GLY C 225 36.04 -22.90 -1.48
CA GLY C 225 34.65 -22.99 -1.84
C GLY C 225 34.20 -24.41 -2.14
N GLY C 226 32.88 -24.63 -2.17
CA GLY C 226 32.30 -25.91 -2.53
C GLY C 226 32.48 -27.00 -1.49
N VAL C 227 32.66 -26.60 -0.23
CA VAL C 227 33.00 -27.55 0.82
C VAL C 227 32.07 -27.45 2.04
N TRP C 228 31.61 -26.24 2.34
CA TRP C 228 30.94 -25.98 3.61
C TRP C 228 29.44 -25.78 3.46
N GLY C 229 29.00 -25.57 2.23
CA GLY C 229 27.63 -25.21 1.96
C GLY C 229 27.63 -24.08 0.94
N ALA C 230 26.47 -23.52 0.67
CA ALA C 230 26.39 -22.41 -0.26
C ALA C 230 26.38 -21.08 0.46
N ILE C 231 27.42 -20.27 0.23
CA ILE C 231 27.41 -18.90 0.74
C ILE C 231 26.36 -18.11 0.01
N TYR C 232 25.40 -17.55 0.74
CA TYR C 232 24.43 -16.68 0.13
C TYR C 232 24.98 -15.26 0.02
N ALA C 233 25.66 -14.82 1.08
CA ALA C 233 26.17 -13.45 1.12
C ALA C 233 27.34 -13.29 2.10
N TRP C 234 28.21 -12.33 1.80
CA TRP C 234 29.30 -11.96 2.70
C TRP C 234 29.01 -10.61 3.32
N LYS C 235 29.36 -10.45 4.60
CA LYS C 235 29.39 -9.12 5.19
C LYS C 235 30.85 -8.70 5.34
N ILE C 236 31.24 -7.64 4.63
CA ILE C 236 32.63 -7.22 4.61
C ILE C 236 32.82 -5.85 5.22
N LYS C 237 34.00 -5.62 5.78
CA LYS C 237 34.40 -4.30 6.24
C LYS C 237 34.98 -3.49 5.08
N LEU C 238 34.38 -2.35 4.80
CA LEU C 238 34.93 -1.46 3.78
C LEU C 238 36.15 -0.75 4.35
N LEU C 239 37.16 -0.55 3.52
CA LEU C 239 38.47 -0.11 4.00
C LEU C 239 38.85 1.27 3.49
N PRO C 240 39.39 2.12 4.37
CA PRO C 240 39.79 3.49 4.03
C PRO C 240 40.86 3.55 2.94
N VAL C 241 40.57 4.34 1.90
CA VAL C 241 41.54 4.58 0.84
C VAL C 241 41.61 6.09 0.62
N PRO C 242 42.78 6.62 0.21
CA PRO C 242 42.84 8.06 -0.02
C PRO C 242 42.05 8.47 -1.25
N GLU C 243 41.68 9.74 -1.35
CA GLU C 243 40.93 10.23 -2.50
C GLU C 243 41.79 10.18 -3.76
N LYS C 244 43.11 10.12 -3.57
CA LYS C 244 44.03 9.92 -4.68
C LYS C 244 45.08 8.86 -4.36
N VAL C 245 45.25 7.93 -5.28
CA VAL C 245 46.29 6.90 -5.16
C VAL C 245 47.19 6.96 -6.39
N THR C 246 48.30 6.24 -6.35
CA THR C 246 49.26 6.26 -7.44
C THR C 246 49.54 4.86 -7.95
N VAL C 247 49.46 4.69 -9.27
CA VAL C 247 49.83 3.43 -9.88
C VAL C 247 50.78 3.65 -11.06
N PHE C 248 51.46 2.58 -11.46
CA PHE C 248 52.21 2.58 -12.70
C PHE C 248 52.33 1.17 -13.25
N ARG C 249 52.20 1.05 -14.57
CA ARG C 249 52.45 -0.20 -15.25
C ARG C 249 53.54 0.03 -16.28
N VAL C 250 54.75 -0.39 -15.95
CA VAL C 250 55.93 -0.10 -16.77
C VAL C 250 56.64 -1.39 -17.17
N THR C 251 56.70 -1.65 -18.48
CA THR C 251 57.32 -2.87 -18.97
C THR C 251 58.75 -2.60 -19.45
N LYS C 252 59.69 -3.44 -19.02
CA LYS C 252 61.08 -3.31 -19.47
C LYS C 252 61.48 -4.43 -20.41
N ASN C 253 61.81 -4.08 -21.65
CA ASN C 253 62.30 -5.05 -22.64
C ASN C 253 63.82 -5.14 -22.58
N VAL C 254 64.32 -6.30 -22.19
CA VAL C 254 65.65 -6.44 -21.60
C VAL C 254 66.23 -7.85 -21.90
N ALA C 255 67.54 -8.03 -21.73
CA ALA C 255 68.16 -9.36 -21.79
C ALA C 255 68.11 -10.09 -20.44
N ILE C 256 68.35 -11.39 -20.48
CA ILE C 256 68.21 -12.28 -19.31
C ILE C 256 69.08 -11.87 -18.12
N ASP C 257 70.25 -11.31 -18.40
CA ASP C 257 71.21 -10.96 -17.35
C ASP C 257 70.75 -9.77 -16.51
N GLU C 258 70.23 -8.74 -17.16
CA GLU C 258 69.71 -7.59 -16.45
C GLU C 258 68.37 -7.95 -15.82
N ALA C 259 67.60 -8.79 -16.53
CA ALA C 259 66.35 -9.33 -16.00
C ALA C 259 66.57 -10.06 -14.69
N THR C 260 67.56 -10.93 -14.66
CA THR C 260 67.92 -11.70 -13.47
C THR C 260 68.31 -10.79 -12.30
N SER C 261 69.11 -9.77 -12.58
CA SER C 261 69.54 -8.84 -11.53
C SER C 261 68.38 -7.99 -11.02
N LEU C 262 67.47 -7.65 -11.92
CA LEU C 262 66.29 -6.86 -11.57
C LEU C 262 65.38 -7.61 -10.61
N LEU C 263 65.06 -8.85 -10.97
CA LEU C 263 64.17 -9.68 -10.17
C LEU C 263 64.82 -10.08 -8.85
N HIS C 264 66.12 -10.31 -8.86
CA HIS C 264 66.84 -10.65 -7.64
C HIS C 264 66.83 -9.48 -6.67
N LYS C 265 66.71 -8.27 -7.21
CA LYS C 265 66.56 -7.09 -6.37
C LYS C 265 65.09 -6.90 -6.00
N TRP C 266 64.19 -7.15 -6.96
CA TRP C 266 62.76 -6.94 -6.75
C TRP C 266 62.20 -7.81 -5.62
N GLN C 267 62.87 -8.91 -5.27
CA GLN C 267 62.32 -9.82 -4.25
C GLN C 267 62.48 -9.20 -2.86
N PHE C 268 63.62 -8.54 -2.64
CA PHE C 268 63.75 -7.54 -1.60
C PHE C 268 62.97 -6.32 -2.11
N VAL C 269 63.05 -5.16 -1.48
CA VAL C 269 62.11 -4.09 -1.84
C VAL C 269 60.67 -4.60 -1.64
N ALA C 270 60.12 -5.29 -2.64
CA ALA C 270 58.70 -5.73 -2.64
C ALA C 270 58.18 -6.30 -1.33
N GLU C 271 58.97 -7.18 -0.72
CA GLU C 271 58.67 -7.74 0.57
C GLU C 271 58.90 -6.72 1.68
N GLU C 272 59.79 -5.76 1.44
CA GLU C 272 60.21 -4.85 2.50
C GLU C 272 59.62 -3.44 2.40
N LEU C 273 58.92 -3.12 1.32
CA LEU C 273 58.24 -1.84 1.23
C LEU C 273 57.22 -1.75 2.37
N GLU C 274 57.00 -0.54 2.88
CA GLU C 274 55.98 -0.31 3.89
C GLU C 274 54.61 -0.67 3.31
N GLU C 275 53.64 -0.92 4.20
CA GLU C 275 52.36 -1.48 3.80
C GLU C 275 51.56 -0.61 2.83
N ASP C 276 51.95 0.66 2.71
CA ASP C 276 51.26 1.59 1.81
C ASP C 276 51.73 1.44 0.37
N PHE C 277 52.63 0.49 0.14
CA PHE C 277 53.22 0.29 -1.17
C PHE C 277 53.13 -1.17 -1.64
N THR C 278 52.95 -1.35 -2.94
CA THR C 278 52.99 -2.68 -3.53
C THR C 278 53.68 -2.65 -4.88
N LEU C 279 54.65 -3.55 -5.08
CA LEU C 279 55.33 -3.66 -6.35
C LEU C 279 55.29 -5.10 -6.86
N SER C 280 54.52 -5.34 -7.93
CA SER C 280 54.36 -6.68 -8.46
C SER C 280 54.94 -6.80 -9.86
N VAL C 281 55.21 -8.03 -10.30
CA VAL C 281 55.83 -8.25 -11.60
C VAL C 281 55.09 -9.29 -12.45
N LEU C 282 54.89 -8.96 -13.71
CA LEU C 282 54.49 -9.94 -14.72
C LEU C 282 55.65 -10.10 -15.69
N GLY C 283 56.13 -11.32 -15.85
CA GLY C 283 57.29 -11.56 -16.69
C GLY C 283 57.13 -12.74 -17.63
N GLY C 284 57.76 -12.63 -18.79
CA GLY C 284 57.78 -13.71 -19.76
C GLY C 284 58.88 -13.41 -20.75
N ALA C 285 59.12 -14.33 -21.68
CA ALA C 285 60.18 -14.13 -22.65
C ALA C 285 59.73 -14.48 -24.07
N ASP C 286 60.56 -14.13 -25.03
CA ASP C 286 60.38 -14.48 -26.43
C ASP C 286 61.76 -14.56 -27.07
N GLU C 287 62.48 -15.63 -26.75
CA GLU C 287 63.90 -15.80 -27.09
C GLU C 287 64.79 -14.64 -26.60
N LYS C 288 65.52 -14.85 -25.51
CA LYS C 288 66.48 -13.87 -24.95
C LYS C 288 65.97 -12.44 -24.83
N GLN C 289 64.88 -12.11 -25.51
CA GLN C 289 64.16 -10.87 -25.30
C GLN C 289 63.21 -11.09 -24.13
N VAL C 290 63.50 -10.41 -23.02
CA VAL C 290 62.67 -10.54 -21.85
C VAL C 290 61.83 -9.29 -21.64
N TRP C 291 60.56 -9.49 -21.28
CA TRP C 291 59.73 -8.37 -20.86
C TRP C 291 59.38 -8.52 -19.39
N LEU C 292 59.59 -7.45 -18.63
CA LEU C 292 59.18 -7.41 -17.23
C LEU C 292 58.23 -6.27 -17.01
N THR C 293 56.96 -6.57 -16.76
CA THR C 293 55.99 -5.53 -16.47
C THR C 293 55.91 -5.30 -14.97
N MET C 294 56.40 -4.14 -14.53
CA MET C 294 56.38 -3.79 -13.12
C MET C 294 55.08 -3.07 -12.77
N LEU C 295 54.36 -3.62 -11.81
CA LEU C 295 53.10 -3.02 -11.39
C LEU C 295 53.20 -2.44 -9.99
N GLY C 296 53.04 -1.13 -9.89
CA GLY C 296 53.15 -0.44 -8.62
C GLY C 296 51.85 0.17 -8.15
N PHE C 297 51.68 0.23 -6.84
CA PHE C 297 50.53 0.90 -6.23
C PHE C 297 50.96 1.58 -4.94
N HIS C 298 50.46 2.78 -4.70
CA HIS C 298 50.74 3.47 -3.45
C HIS C 298 49.50 4.15 -2.89
N PHE C 299 49.26 3.94 -1.59
CA PHE C 299 48.19 4.63 -0.89
C PHE C 299 48.58 6.07 -0.62
N GLY C 300 48.63 6.88 -1.68
CA GLY C 300 49.01 8.28 -1.52
C GLY C 300 49.36 8.92 -2.85
N LEU C 301 50.21 9.94 -2.78
CA LEU C 301 50.43 10.79 -3.95
C LEU C 301 51.69 10.46 -4.75
N LYS C 302 51.71 10.98 -5.97
CA LYS C 302 52.78 10.79 -6.94
C LYS C 302 54.17 11.13 -6.38
N THR C 303 54.24 12.24 -5.66
CA THR C 303 55.50 12.73 -5.12
C THR C 303 56.17 11.72 -4.19
N VAL C 304 55.40 11.21 -3.22
CA VAL C 304 55.91 10.23 -2.27
C VAL C 304 56.27 8.92 -2.97
N ALA C 305 55.48 8.58 -3.99
CA ALA C 305 55.69 7.34 -4.75
C ALA C 305 57.04 7.30 -5.45
N LYS C 306 57.27 8.27 -6.34
CA LYS C 306 58.54 8.32 -7.08
C LYS C 306 59.69 8.54 -6.13
N SER C 307 59.52 9.43 -5.16
CA SER C 307 60.53 9.65 -4.13
C SER C 307 60.94 8.35 -3.47
N THR C 308 59.97 7.51 -3.12
CA THR C 308 60.25 6.26 -2.44
C THR C 308 60.94 5.27 -3.40
N PHE C 309 60.46 5.20 -4.64
CA PHE C 309 61.01 4.23 -5.60
C PHE C 309 62.33 4.68 -6.22
N ASP C 310 62.52 6.00 -6.34
CA ASP C 310 63.83 6.55 -6.73
C ASP C 310 64.89 6.05 -5.75
N LEU C 311 64.54 6.08 -4.47
CA LEU C 311 65.44 5.65 -3.41
C LEU C 311 65.62 4.13 -3.38
N LEU C 312 64.51 3.38 -3.35
CA LEU C 312 64.55 1.93 -3.20
C LEU C 312 64.86 1.15 -4.49
N PHE C 313 64.43 1.68 -5.62
CA PHE C 313 64.57 0.95 -6.88
C PHE C 313 64.87 1.84 -8.09
N PRO C 314 66.04 2.51 -8.10
CA PRO C 314 66.35 3.39 -9.23
C PRO C 314 66.61 2.63 -10.54
N GLU C 315 67.15 1.42 -10.44
CA GLU C 315 67.44 0.59 -11.62
C GLU C 315 66.25 0.46 -12.55
N LEU C 316 65.07 0.64 -11.99
CA LEU C 316 63.85 0.59 -12.76
C LEU C 316 63.78 1.69 -13.81
N GLY C 317 64.43 2.82 -13.52
CA GLY C 317 64.42 3.92 -14.45
C GLY C 317 63.04 4.49 -14.71
N LEU C 318 62.23 4.55 -13.67
CA LEU C 318 60.93 5.19 -13.79
C LEU C 318 61.05 6.69 -13.84
N VAL C 319 60.22 7.28 -14.68
CA VAL C 319 60.17 8.72 -14.81
C VAL C 319 58.89 9.23 -14.18
N GLU C 320 58.74 10.55 -14.17
CA GLU C 320 57.61 11.22 -13.55
C GLU C 320 56.31 10.93 -14.29
N GLU C 321 56.40 10.72 -15.60
CA GLU C 321 55.23 10.46 -16.43
C GLU C 321 54.67 9.06 -16.18
N ASP C 322 55.51 8.17 -15.68
CA ASP C 322 55.10 6.79 -15.42
C ASP C 322 54.13 6.71 -14.24
N TYR C 323 54.25 7.64 -13.30
CA TYR C 323 53.38 7.66 -12.11
C TYR C 323 52.05 8.34 -12.43
N LEU C 324 50.97 7.56 -12.32
CA LEU C 324 49.63 8.09 -12.58
C LEU C 324 48.80 8.18 -11.32
N GLU C 325 48.34 9.39 -11.02
CA GLU C 325 47.44 9.60 -9.90
C GLU C 325 46.00 9.50 -10.37
N MET C 326 45.19 8.84 -9.56
CA MET C 326 43.78 8.64 -9.86
C MET C 326 43.07 8.17 -8.60
N SER C 327 41.75 8.08 -8.65
CA SER C 327 41.01 7.61 -7.49
C SER C 327 41.22 6.12 -7.31
N TRP C 328 40.71 5.57 -6.21
CA TRP C 328 40.88 4.16 -5.91
C TRP C 328 40.27 3.28 -6.98
N GLY C 329 39.03 3.59 -7.34
CA GLY C 329 38.30 2.82 -8.34
C GLY C 329 38.97 2.85 -9.70
N GLU C 330 39.42 4.03 -10.11
CA GLU C 330 40.07 4.21 -11.40
C GLU C 330 41.36 3.39 -11.48
N SER C 331 42.06 3.29 -10.36
CA SER C 331 43.30 2.52 -10.32
C SER C 331 43.04 1.03 -10.54
N PHE C 332 41.98 0.51 -9.92
CA PHE C 332 41.62 -0.89 -10.09
C PHE C 332 41.06 -1.14 -11.48
N ALA C 333 40.39 -0.15 -12.05
CA ALA C 333 39.95 -0.23 -13.43
C ALA C 333 41.17 -0.25 -14.34
N TYR C 334 42.11 0.64 -14.06
CA TYR C 334 43.37 0.73 -14.81
C TYR C 334 44.17 -0.56 -14.74
N LEU C 335 44.41 -1.03 -13.52
CA LEU C 335 45.22 -2.23 -13.29
C LEU C 335 44.60 -3.49 -13.90
N ALA C 336 43.28 -3.48 -14.07
CA ALA C 336 42.59 -4.61 -14.68
C ALA C 336 42.70 -4.56 -16.20
N GLY C 337 43.34 -3.53 -16.72
CA GLY C 337 43.51 -3.37 -18.15
C GLY C 337 42.27 -2.79 -18.81
N LEU C 338 41.49 -2.04 -18.04
CA LEU C 338 40.27 -1.44 -18.54
C LEU C 338 40.42 0.07 -18.74
N GLU C 339 39.44 0.69 -19.39
CA GLU C 339 39.47 2.11 -19.65
C GLU C 339 38.67 2.90 -18.63
N THR C 340 37.45 2.46 -18.35
CA THR C 340 36.60 3.16 -17.40
C THR C 340 36.16 2.29 -16.22
N VAL C 341 35.69 2.93 -15.16
CA VAL C 341 35.29 2.25 -13.93
C VAL C 341 34.00 1.43 -14.17
N SER C 342 33.18 1.89 -15.09
CA SER C 342 31.92 1.20 -15.40
C SER C 342 32.13 -0.19 -15.99
N GLN C 343 33.32 -0.41 -16.55
CA GLN C 343 33.67 -1.71 -17.12
C GLN C 343 33.87 -2.77 -16.05
N LEU C 344 34.12 -2.32 -14.81
CA LEU C 344 34.20 -3.22 -13.68
C LEU C 344 32.84 -3.90 -13.47
N ASN C 345 31.77 -3.17 -13.76
CA ASN C 345 30.41 -3.64 -13.50
C ASN C 345 29.87 -4.56 -14.60
N ASN C 346 30.75 -4.99 -15.51
CA ASN C 346 30.35 -5.95 -16.54
C ASN C 346 31.01 -7.31 -16.29
N ARG C 347 30.23 -8.25 -15.75
CA ARG C 347 30.74 -9.56 -15.36
C ARG C 347 31.11 -10.46 -16.54
N PHE C 348 30.54 -10.18 -17.70
CA PHE C 348 30.76 -11.04 -18.88
C PHE C 348 31.76 -10.43 -19.84
N LEU C 349 32.50 -9.43 -19.37
CA LEU C 349 33.46 -8.73 -20.21
C LEU C 349 34.82 -9.43 -20.21
N LYS C 350 35.02 -10.32 -21.17
CA LYS C 350 36.26 -11.09 -21.25
C LYS C 350 37.19 -10.60 -22.36
N PHE C 351 38.37 -10.09 -22.02
CA PHE C 351 39.33 -9.74 -23.07
C PHE C 351 40.16 -10.97 -23.51
N ASP C 352 40.76 -11.67 -22.55
CA ASP C 352 41.53 -12.87 -22.86
C ASP C 352 40.58 -14.06 -22.81
N GLU C 353 40.63 -14.92 -23.83
CA GLU C 353 39.86 -16.17 -23.79
C GLU C 353 40.72 -17.36 -24.18
N ARG C 354 41.82 -17.59 -23.47
CA ARG C 354 42.69 -18.71 -23.77
C ARG C 354 42.55 -19.80 -22.72
N ALA C 355 42.73 -21.04 -23.14
CA ALA C 355 42.85 -22.13 -22.19
C ALA C 355 44.15 -21.95 -21.43
N PHE C 356 44.17 -22.34 -20.17
CA PHE C 356 45.40 -22.23 -19.40
C PHE C 356 45.49 -23.27 -18.31
N LYS C 357 46.71 -23.52 -17.87
CA LYS C 357 47.00 -24.32 -16.69
C LYS C 357 48.06 -23.57 -15.92
N THR C 358 47.93 -23.51 -14.61
CA THR C 358 48.85 -22.73 -13.81
C THR C 358 49.26 -23.47 -12.55
N LYS C 359 50.39 -23.08 -11.99
CA LYS C 359 50.86 -23.64 -10.73
C LYS C 359 51.42 -22.50 -9.90
N VAL C 360 51.73 -22.76 -8.63
CA VAL C 360 52.16 -21.69 -7.76
C VAL C 360 53.16 -22.20 -6.73
N ASP C 361 54.02 -21.30 -6.26
CA ASP C 361 54.94 -21.60 -5.17
C ASP C 361 54.87 -20.48 -4.14
N LEU C 362 55.13 -20.82 -2.89
CA LEU C 362 55.33 -19.79 -1.89
C LEU C 362 56.71 -19.99 -1.29
N THR C 363 57.42 -18.89 -1.07
CA THR C 363 58.82 -18.96 -0.68
C THR C 363 59.04 -18.63 0.79
N LYS C 364 60.03 -19.27 1.37
CA LYS C 364 60.43 -19.01 2.74
C LYS C 364 61.73 -18.24 2.77
N GLU C 365 62.63 -18.61 1.85
CA GLU C 365 63.95 -18.00 1.76
C GLU C 365 64.05 -17.16 0.50
N PRO C 366 65.00 -16.19 0.49
CA PRO C 366 65.21 -15.42 -0.73
C PRO C 366 65.63 -16.34 -1.87
N LEU C 367 65.30 -15.99 -3.11
CA LEU C 367 65.71 -16.80 -4.25
C LEU C 367 67.05 -16.33 -4.78
N PRO C 368 68.02 -17.24 -4.88
CA PRO C 368 69.33 -16.92 -5.45
C PRO C 368 69.22 -16.51 -6.91
N SER C 369 70.22 -15.79 -7.41
CA SER C 369 70.20 -15.25 -8.77
C SER C 369 69.94 -16.33 -9.82
N LYS C 370 70.48 -17.52 -9.59
CA LYS C 370 70.37 -18.59 -10.57
C LYS C 370 68.94 -19.13 -10.69
N ALA C 371 68.15 -18.98 -9.65
CA ALA C 371 66.76 -19.45 -9.65
C ALA C 371 65.92 -18.67 -10.65
N PHE C 372 65.97 -17.34 -10.55
CA PHE C 372 65.33 -16.47 -11.54
C PHE C 372 65.93 -16.74 -12.92
N TYR C 373 67.26 -16.80 -12.97
CA TYR C 373 68.01 -17.05 -14.20
C TYR C 373 67.47 -18.25 -14.97
N GLY C 374 67.52 -19.43 -14.35
CA GLY C 374 66.99 -20.63 -14.97
C GLY C 374 65.51 -20.56 -15.27
N LEU C 375 64.79 -19.79 -14.46
CA LEU C 375 63.36 -19.56 -14.66
C LEU C 375 63.11 -18.75 -15.94
N LEU C 376 63.83 -17.64 -16.06
CA LEU C 376 63.82 -16.82 -17.27
C LEU C 376 64.32 -17.61 -18.49
N GLU C 377 65.25 -18.52 -18.26
CA GLU C 377 65.76 -19.40 -19.31
C GLU C 377 64.65 -20.23 -19.94
N ARG C 378 63.82 -20.83 -19.08
CA ARG C 378 62.73 -21.71 -19.51
C ARG C 378 61.58 -20.89 -20.10
N LEU C 379 61.40 -19.68 -19.59
CA LEU C 379 60.47 -18.73 -20.17
C LEU C 379 60.87 -18.42 -21.61
N SER C 380 62.17 -18.35 -21.85
CA SER C 380 62.69 -18.13 -23.21
C SER C 380 62.42 -19.35 -24.08
N LYS C 381 62.28 -20.51 -23.46
CA LYS C 381 62.01 -21.74 -24.20
C LYS C 381 60.53 -21.90 -24.54
N GLU C 382 59.71 -20.95 -24.12
CA GLU C 382 58.27 -21.06 -24.33
C GLU C 382 57.55 -19.70 -24.27
N PRO C 383 57.29 -19.11 -25.44
CA PRO C 383 56.64 -17.80 -25.59
C PRO C 383 55.22 -17.75 -25.02
N ASN C 384 54.61 -18.92 -24.81
CA ASN C 384 53.24 -18.98 -24.31
C ASN C 384 53.17 -19.04 -22.78
N GLY C 385 54.32 -19.20 -22.15
CA GLY C 385 54.39 -19.21 -20.71
C GLY C 385 54.76 -17.85 -20.17
N PHE C 386 54.30 -17.55 -18.96
CA PHE C 386 54.71 -16.33 -18.27
C PHE C 386 54.61 -16.53 -16.76
N ILE C 387 55.11 -15.55 -16.01
CA ILE C 387 55.07 -15.63 -14.56
C ILE C 387 54.46 -14.39 -13.92
N ALA C 388 53.99 -14.56 -12.69
CA ALA C 388 53.48 -13.45 -11.89
C ALA C 388 54.13 -13.51 -10.51
N LEU C 389 54.65 -12.38 -10.06
CA LEU C 389 55.35 -12.36 -8.78
C LEU C 389 54.72 -11.35 -7.82
N ASN C 390 54.63 -11.73 -6.55
CA ASN C 390 54.08 -10.85 -5.53
C ASN C 390 54.81 -11.00 -4.20
N GLY C 391 55.10 -9.88 -3.56
CA GLY C 391 55.73 -9.92 -2.26
C GLY C 391 54.69 -9.91 -1.15
N PHE C 392 54.91 -10.71 -0.11
CA PHE C 392 54.06 -10.64 1.06
C PHE C 392 54.65 -9.62 2.03
N GLY C 393 54.79 -9.99 3.30
CA GLY C 393 55.24 -9.05 4.30
C GLY C 393 54.16 -8.03 4.56
N GLY C 394 54.53 -6.90 5.16
CA GLY C 394 53.55 -5.89 5.51
C GLY C 394 52.51 -6.43 6.47
N GLN C 395 51.24 -6.21 6.17
CA GLN C 395 50.16 -6.69 7.03
C GLN C 395 50.04 -8.21 7.00
N MET C 396 50.52 -8.81 5.91
CA MET C 396 50.47 -10.26 5.76
C MET C 396 51.38 -10.96 6.76
N SER C 397 52.33 -10.22 7.32
CA SER C 397 53.23 -10.78 8.33
C SER C 397 52.73 -10.54 9.76
N LYS C 398 51.75 -9.65 9.89
CA LYS C 398 51.23 -9.29 11.20
C LYS C 398 49.98 -10.09 11.54
N ILE C 399 49.38 -10.70 10.52
CA ILE C 399 48.21 -11.55 10.72
C ILE C 399 48.66 -12.97 11.07
N SER C 400 48.11 -13.51 12.16
CA SER C 400 48.44 -14.86 12.62
C SER C 400 48.17 -15.89 11.53
N SER C 401 48.90 -16.99 11.56
CA SER C 401 48.75 -18.03 10.53
C SER C 401 47.42 -18.78 10.70
N ASP C 402 46.83 -18.68 11.89
CA ASP C 402 45.55 -19.35 12.15
C ASP C 402 44.39 -18.38 12.32
N PHE C 403 44.60 -17.11 12.00
CA PHE C 403 43.51 -16.13 12.07
C PHE C 403 42.38 -16.57 11.14
N THR C 404 42.77 -17.01 9.94
CA THR C 404 41.87 -17.61 8.97
C THR C 404 42.58 -18.86 8.41
N PRO C 405 41.89 -19.70 7.63
CA PRO C 405 42.56 -20.91 7.10
C PRO C 405 43.82 -20.66 6.25
N PHE C 406 43.93 -19.50 5.60
CA PHE C 406 45.14 -19.19 4.83
C PHE C 406 46.32 -19.04 5.77
N PRO C 407 47.29 -19.97 5.67
CA PRO C 407 48.35 -20.12 6.66
C PRO C 407 49.64 -19.37 6.34
N HIS C 408 49.79 -18.87 5.12
CA HIS C 408 51.08 -18.33 4.69
C HIS C 408 51.20 -16.86 5.02
N ARG C 409 51.60 -16.59 6.25
CA ARG C 409 51.72 -15.23 6.75
C ARG C 409 53.18 -14.88 7.02
N SER C 410 53.53 -14.67 8.28
CA SER C 410 54.91 -14.36 8.65
C SER C 410 55.86 -15.47 8.18
N GLY C 411 57.03 -15.06 7.67
CA GLY C 411 58.00 -16.01 7.17
C GLY C 411 57.81 -16.31 5.69
N THR C 412 56.70 -15.84 5.13
CA THR C 412 56.44 -16.03 3.70
C THR C 412 56.86 -14.77 2.93
N ARG C 413 57.72 -14.94 1.95
CA ARG C 413 58.28 -13.80 1.23
C ARG C 413 57.56 -13.52 -0.08
N LEU C 414 57.42 -14.55 -0.91
CA LEU C 414 56.91 -14.36 -2.26
C LEU C 414 55.81 -15.35 -2.63
N MET C 415 54.88 -14.91 -3.46
CA MET C 415 54.00 -15.84 -4.16
C MET C 415 54.40 -15.84 -5.62
N VAL C 416 54.85 -16.99 -6.12
CA VAL C 416 55.28 -17.09 -7.51
C VAL C 416 54.32 -17.94 -8.33
N GLU C 417 53.66 -17.32 -9.30
CA GLU C 417 52.72 -18.05 -10.16
C GLU C 417 53.37 -18.41 -11.50
N TYR C 418 53.26 -19.68 -11.88
CA TYR C 418 53.73 -20.11 -13.20
C TYR C 418 52.55 -20.44 -14.09
N ILE C 419 52.42 -19.72 -15.20
CA ILE C 419 51.28 -19.89 -16.08
C ILE C 419 51.71 -20.23 -17.50
N VAL C 420 50.94 -21.10 -18.16
CA VAL C 420 51.11 -21.33 -19.59
C VAL C 420 49.72 -21.30 -20.23
N ALA C 421 49.57 -20.48 -21.27
CA ALA C 421 48.27 -20.28 -21.89
C ALA C 421 48.35 -20.39 -23.41
N TRP C 422 47.25 -20.79 -24.03
CA TRP C 422 47.22 -21.00 -25.48
C TRP C 422 45.81 -20.87 -26.04
N ASN C 423 45.71 -20.37 -27.26
CA ASN C 423 44.41 -20.31 -27.94
C ASN C 423 44.14 -21.65 -28.62
N GLN C 424 42.93 -21.81 -29.16
CA GLN C 424 42.55 -23.04 -29.85
C GLN C 424 43.53 -23.42 -30.97
N SER C 425 43.97 -22.44 -31.76
CA SER C 425 44.91 -22.68 -32.86
C SER C 425 46.14 -23.48 -32.46
N GLU C 426 46.45 -23.47 -31.16
CA GLU C 426 47.62 -24.15 -30.62
C GLU C 426 47.25 -25.44 -29.89
N GLN C 427 45.98 -25.82 -29.99
CA GLN C 427 45.40 -26.99 -29.32
C GLN C 427 46.29 -28.24 -29.27
N LYS C 428 46.86 -28.57 -30.43
CA LYS C 428 47.68 -29.76 -30.58
C LYS C 428 48.91 -29.76 -29.67
N LYS C 429 49.53 -28.59 -29.51
CA LYS C 429 50.72 -28.46 -28.67
C LYS C 429 50.42 -28.48 -27.16
N LYS C 430 49.15 -28.63 -26.81
CA LYS C 430 48.71 -28.59 -25.40
C LYS C 430 49.58 -29.46 -24.48
N THR C 431 49.83 -30.69 -24.89
CA THR C 431 50.58 -31.66 -24.08
C THR C 431 52.02 -31.21 -23.79
N GLU C 432 52.60 -30.43 -24.69
CA GLU C 432 53.97 -29.95 -24.51
C GLU C 432 54.02 -28.76 -23.55
N PHE C 433 53.00 -27.89 -23.64
CA PHE C 433 52.85 -26.77 -22.71
C PHE C 433 52.83 -27.26 -21.27
N LEU C 434 52.06 -28.31 -21.03
CA LEU C 434 51.97 -28.94 -19.72
C LEU C 434 53.32 -29.53 -19.29
N ASP C 435 54.00 -30.18 -20.22
CA ASP C 435 55.32 -30.76 -19.96
C ASP C 435 56.31 -29.67 -19.58
N TRP C 436 56.25 -28.54 -20.28
CA TRP C 436 57.05 -27.36 -19.95
C TRP C 436 56.79 -26.91 -18.52
N LEU C 437 55.53 -26.58 -18.24
CA LEU C 437 55.10 -26.14 -16.92
C LEU C 437 55.53 -27.10 -15.83
N GLU C 438 55.39 -28.40 -16.10
CA GLU C 438 55.80 -29.43 -15.17
C GLU C 438 57.30 -29.34 -14.88
N LYS C 439 58.10 -29.04 -15.90
CA LYS C 439 59.55 -28.95 -15.72
C LYS C 439 59.94 -27.68 -14.97
N VAL C 440 59.28 -26.56 -15.29
CA VAL C 440 59.52 -25.30 -14.59
C VAL C 440 59.32 -25.48 -13.09
N TYR C 441 58.22 -26.15 -12.76
CA TYR C 441 57.89 -26.48 -11.37
C TYR C 441 58.95 -27.39 -10.75
N GLU C 442 59.43 -28.35 -11.52
CA GLU C 442 60.45 -29.28 -11.07
C GLU C 442 61.77 -28.56 -10.80
N PHE C 443 62.09 -27.56 -11.62
CA PHE C 443 63.32 -26.80 -11.46
C PHE C 443 63.31 -25.96 -10.18
N MET C 444 62.18 -25.34 -9.89
CA MET C 444 62.07 -24.42 -8.76
C MET C 444 62.00 -25.12 -7.41
N LYS C 445 61.75 -26.43 -7.42
CA LYS C 445 61.55 -27.22 -6.21
C LYS C 445 62.56 -26.97 -5.06
N PRO C 446 63.88 -26.90 -5.36
CA PRO C 446 64.78 -26.72 -4.21
C PRO C 446 64.81 -25.31 -3.61
N PHE C 447 64.31 -24.31 -4.35
CA PHE C 447 64.44 -22.91 -3.90
C PHE C 447 63.18 -22.40 -3.20
N VAL C 448 62.11 -23.18 -3.23
CA VAL C 448 60.86 -22.76 -2.63
C VAL C 448 60.57 -23.52 -1.35
N SER C 449 59.33 -23.44 -0.88
CA SER C 449 58.92 -24.11 0.34
C SER C 449 59.06 -25.62 0.24
N LYS C 450 59.40 -26.26 1.36
CA LYS C 450 59.65 -27.70 1.40
C LYS C 450 59.05 -28.33 2.66
N ASN C 451 58.67 -29.60 2.55
CA ASN C 451 58.12 -30.37 3.66
C ASN C 451 57.04 -29.67 4.49
N PRO C 452 55.85 -29.46 3.89
CA PRO C 452 55.53 -29.79 2.50
C PRO C 452 55.70 -28.60 1.56
N ARG C 453 55.61 -28.84 0.26
CA ARG C 453 55.64 -27.76 -0.71
C ARG C 453 54.30 -27.04 -0.74
N LEU C 454 54.30 -25.74 -0.51
CA LEU C 454 53.07 -25.01 -0.25
C LEU C 454 52.29 -24.63 -1.51
N GLY C 455 50.98 -24.45 -1.35
CA GLY C 455 50.12 -24.03 -2.42
C GLY C 455 49.04 -23.09 -1.91
N TYR C 456 48.14 -22.68 -2.78
CA TYR C 456 47.10 -21.71 -2.44
C TYR C 456 45.76 -22.18 -3.01
N VAL C 457 44.77 -22.34 -2.14
CA VAL C 457 43.54 -23.03 -2.50
C VAL C 457 42.75 -22.33 -3.62
N ASN C 458 42.92 -21.02 -3.74
CA ASN C 458 42.28 -20.30 -4.84
C ASN C 458 43.03 -20.50 -6.15
N HIS C 459 44.27 -20.96 -6.03
CA HIS C 459 45.04 -21.43 -7.18
C HIS C 459 45.01 -22.95 -7.17
N ILE C 460 43.79 -23.49 -7.18
CA ILE C 460 43.57 -24.94 -7.09
C ILE C 460 44.35 -25.69 -8.17
N ASP C 461 45.04 -26.75 -7.76
CA ASP C 461 45.91 -27.49 -8.65
C ASP C 461 45.74 -28.98 -8.37
N LEU C 462 45.17 -29.69 -9.33
CA LEU C 462 44.84 -31.10 -9.17
C LEU C 462 46.07 -32.00 -9.35
N ASP C 463 47.18 -31.41 -9.75
CA ASP C 463 48.43 -32.17 -9.90
C ASP C 463 48.89 -32.74 -8.57
N LEU C 464 48.50 -32.07 -7.48
CA LEU C 464 48.88 -32.48 -6.14
C LEU C 464 48.10 -33.72 -5.69
N GLY C 465 47.09 -34.09 -6.48
CA GLY C 465 46.30 -35.27 -6.20
C GLY C 465 44.82 -34.99 -6.04
N GLY C 466 44.04 -36.03 -5.75
CA GLY C 466 42.61 -35.88 -5.57
C GLY C 466 41.94 -37.12 -5.00
N ILE C 467 40.77 -36.93 -4.39
CA ILE C 467 40.00 -38.03 -3.80
C ILE C 467 38.94 -38.57 -4.76
N ASP C 468 38.78 -39.88 -4.80
CA ASP C 468 37.62 -40.51 -5.44
C ASP C 468 36.57 -40.78 -4.36
N TRP C 469 35.55 -39.94 -4.31
CA TRP C 469 34.51 -40.05 -3.27
C TRP C 469 33.57 -41.22 -3.52
N GLY C 470 33.61 -41.77 -4.72
CA GLY C 470 32.79 -42.92 -5.07
C GLY C 470 33.47 -44.25 -4.79
N ASN C 471 34.77 -44.19 -4.51
CA ASN C 471 35.53 -45.37 -4.12
C ASN C 471 35.64 -45.43 -2.60
N LYS C 472 34.96 -46.39 -1.99
CA LYS C 472 34.80 -46.41 -0.54
C LYS C 472 36.09 -46.67 0.24
N THR C 473 37.04 -47.40 -0.36
CA THR C 473 38.30 -47.67 0.33
C THR C 473 39.05 -46.37 0.61
N VAL C 474 38.99 -45.43 -0.33
CA VAL C 474 39.63 -44.14 -0.18
C VAL C 474 38.94 -43.31 0.90
N VAL C 475 37.62 -43.23 0.79
CA VAL C 475 36.78 -42.42 1.68
C VAL C 475 37.01 -42.70 3.16
N ASN C 476 37.22 -43.98 3.50
CA ASN C 476 37.47 -44.36 4.89
C ASN C 476 38.80 -43.83 5.41
N ASN C 477 39.74 -43.58 4.49
CA ASN C 477 41.05 -43.06 4.85
C ASN C 477 41.25 -41.68 4.24
N ALA C 478 40.15 -40.95 4.08
CA ALA C 478 40.14 -39.68 3.35
C ALA C 478 40.99 -38.62 4.01
N ILE C 479 41.04 -38.61 5.34
CA ILE C 479 41.79 -37.62 6.08
C ILE C 479 43.29 -37.69 5.77
N GLU C 480 43.84 -38.91 5.82
CA GLU C 480 45.26 -39.10 5.56
C GLU C 480 45.61 -38.96 4.09
N ILE C 481 44.71 -39.35 3.20
CA ILE C 481 44.96 -39.22 1.77
C ILE C 481 44.87 -37.76 1.34
N SER C 482 43.93 -37.01 1.91
CA SER C 482 43.75 -35.60 1.56
C SER C 482 44.82 -34.70 2.20
N ARG C 483 45.62 -35.28 3.09
CA ARG C 483 46.62 -34.51 3.84
C ARG C 483 47.67 -33.87 2.93
N SER C 484 47.91 -34.48 1.79
CA SER C 484 48.89 -34.01 0.82
C SER C 484 48.63 -32.57 0.38
N TRP C 485 47.49 -32.35 -0.26
CA TRP C 485 47.12 -31.02 -0.73
C TRP C 485 46.54 -30.17 0.40
N GLY C 486 45.97 -30.84 1.39
CA GLY C 486 45.40 -30.16 2.54
C GLY C 486 46.44 -29.37 3.31
N GLU C 487 47.55 -30.02 3.66
CA GLU C 487 48.64 -29.35 4.37
C GLU C 487 49.44 -28.44 3.45
N SER C 488 49.31 -28.65 2.14
CA SER C 488 49.94 -27.76 1.19
C SER C 488 49.19 -26.43 1.13
N TYR C 489 47.86 -26.52 1.19
CA TYR C 489 47.00 -25.34 1.15
C TYR C 489 46.88 -24.64 2.50
N PHE C 490 46.79 -25.43 3.57
CA PHE C 490 46.37 -24.91 4.85
C PHE C 490 47.34 -25.20 5.98
N LEU C 491 48.37 -26.00 5.67
CA LEU C 491 49.34 -26.44 6.69
C LEU C 491 48.62 -27.03 7.90
N SER C 492 48.92 -26.52 9.08
CA SER C 492 48.34 -27.04 10.32
C SER C 492 46.90 -26.60 10.56
N ASN C 493 46.37 -25.74 9.69
CA ASN C 493 44.96 -25.34 9.77
C ASN C 493 44.04 -26.44 9.22
N TYR C 494 44.65 -27.44 8.61
CA TYR C 494 43.94 -28.57 7.99
C TYR C 494 43.09 -29.34 8.99
N GLU C 495 43.63 -29.51 10.20
CA GLU C 495 42.97 -30.26 11.26
C GLU C 495 41.68 -29.58 11.75
N ARG C 496 41.74 -28.26 11.95
CA ARG C 496 40.58 -27.52 12.40
C ARG C 496 39.50 -27.45 11.30
N LEU C 497 39.94 -27.40 10.06
CA LEU C 497 39.04 -27.43 8.92
C LEU C 497 38.22 -28.70 8.91
N ILE C 498 38.86 -29.82 9.27
CA ILE C 498 38.18 -31.10 9.35
C ILE C 498 37.09 -31.08 10.42
N ARG C 499 37.37 -30.47 11.57
CA ARG C 499 36.37 -30.35 12.63
C ARG C 499 35.20 -29.49 12.15
N ALA C 500 35.52 -28.41 11.45
CA ALA C 500 34.48 -27.52 10.91
C ALA C 500 33.62 -28.25 9.88
N LYS C 501 34.27 -29.05 9.04
CA LYS C 501 33.56 -29.86 8.05
C LYS C 501 32.60 -30.84 8.72
N THR C 502 33.08 -31.47 9.80
CA THR C 502 32.27 -32.41 10.56
C THR C 502 31.05 -31.72 11.18
N LEU C 503 31.22 -30.46 11.57
CA LEU C 503 30.14 -29.70 12.20
C LEU C 503 29.07 -29.26 11.20
N ILE C 504 29.49 -28.87 10.01
CA ILE C 504 28.57 -28.23 9.06
C ILE C 504 28.15 -29.15 7.90
N ASP C 505 28.98 -30.14 7.56
CA ASP C 505 28.65 -31.05 6.47
C ASP C 505 29.15 -32.46 6.73
N PRO C 506 28.64 -33.11 7.79
CA PRO C 506 29.12 -34.46 8.13
C PRO C 506 28.82 -35.50 7.05
N ASN C 507 27.71 -35.33 6.33
CA ASN C 507 27.34 -36.26 5.28
C ASN C 507 28.02 -35.95 3.94
N ASN C 508 28.88 -34.93 3.96
CA ASN C 508 29.72 -34.60 2.82
C ASN C 508 28.94 -34.33 1.52
N VAL C 509 27.90 -33.52 1.62
CA VAL C 509 27.08 -33.16 0.47
C VAL C 509 27.86 -32.26 -0.49
N PHE C 510 28.69 -31.39 0.09
CA PHE C 510 29.50 -30.48 -0.72
C PHE C 510 30.93 -31.01 -0.82
N ASN C 511 31.25 -31.58 -1.98
CA ASN C 511 32.55 -32.21 -2.18
C ASN C 511 33.09 -32.00 -3.59
N HIS C 512 34.40 -32.17 -3.72
CA HIS C 512 35.07 -32.14 -5.03
C HIS C 512 36.40 -32.90 -4.84
N PRO C 513 37.20 -33.09 -5.91
CA PRO C 513 38.40 -33.94 -5.73
C PRO C 513 39.34 -33.57 -4.57
N GLN C 514 39.33 -32.33 -4.11
CA GLN C 514 40.23 -31.93 -3.03
C GLN C 514 39.50 -31.29 -1.85
N SER C 515 38.20 -31.52 -1.74
CA SER C 515 37.42 -30.94 -0.66
C SER C 515 37.82 -31.55 0.68
N ILE C 516 37.82 -30.72 1.73
CA ILE C 516 38.15 -31.17 3.08
C ILE C 516 37.25 -32.33 3.50
N PRO C 517 37.84 -33.43 3.97
CA PRO C 517 37.01 -34.54 4.44
C PRO C 517 36.50 -34.32 5.85
N PRO C 518 35.31 -34.88 6.15
CA PRO C 518 34.85 -34.93 7.54
C PRO C 518 35.49 -36.12 8.22
N MET C 519 35.26 -36.28 9.52
CA MET C 519 35.62 -37.54 10.15
C MET C 519 34.65 -38.60 9.60
N ALA C 520 35.08 -39.85 9.58
CA ALA C 520 34.28 -40.93 9.01
C ALA C 520 32.92 -41.07 9.70
N ASP D 26 5.18 15.88 -27.26
CA ASP D 26 5.23 17.33 -27.28
C ASP D 26 4.04 17.93 -26.53
N LEU D 27 4.34 18.75 -25.51
CA LEU D 27 3.33 19.30 -24.63
C LEU D 27 2.26 20.11 -25.38
N LEU D 28 2.70 20.91 -26.34
CA LEU D 28 1.79 21.76 -27.11
C LEU D 28 0.85 20.94 -27.99
N SER D 29 1.36 19.89 -28.61
CA SER D 29 0.54 18.99 -29.40
C SER D 29 -0.46 18.27 -28.50
N CYS D 30 0.03 17.81 -27.34
CA CYS D 30 -0.83 17.11 -26.38
C CYS D 30 -1.97 18.00 -25.90
N LEU D 31 -1.63 19.22 -25.49
CA LEU D 31 -2.63 20.17 -25.00
C LEU D 31 -3.63 20.53 -26.09
N THR D 32 -3.14 20.70 -27.32
CA THR D 32 -4.01 21.04 -28.45
C THR D 32 -4.99 19.92 -28.76
N PHE D 33 -4.49 18.69 -28.78
CA PHE D 33 -5.33 17.52 -29.00
C PHE D 33 -6.34 17.32 -27.87
N ASN D 34 -5.93 17.65 -26.65
CA ASN D 34 -6.78 17.45 -25.47
C ASN D 34 -7.75 18.60 -25.24
N GLY D 35 -7.74 19.58 -26.14
CA GLY D 35 -8.70 20.68 -26.07
C GLY D 35 -8.40 21.73 -25.02
N VAL D 36 -7.13 21.87 -24.65
CA VAL D 36 -6.71 22.89 -23.69
C VAL D 36 -5.96 24.00 -24.43
N ARG D 37 -6.67 25.06 -24.79
CA ARG D 37 -6.12 26.07 -25.69
C ARG D 37 -5.52 27.32 -25.02
N ASN D 38 -5.97 27.65 -23.82
CA ASN D 38 -5.40 28.81 -23.13
C ASN D 38 -4.08 28.42 -22.45
N HIS D 39 -2.99 28.53 -23.21
CA HIS D 39 -1.66 28.22 -22.73
C HIS D 39 -0.65 29.16 -23.37
N THR D 40 0.38 29.54 -22.61
CA THR D 40 1.46 30.37 -23.15
C THR D 40 2.81 29.79 -22.76
N VAL D 41 3.69 29.57 -23.74
CA VAL D 41 5.02 29.09 -23.47
C VAL D 41 5.90 30.24 -22.99
N PHE D 42 7.13 29.93 -22.55
CA PHE D 42 8.03 30.95 -22.02
C PHE D 42 8.28 32.06 -23.03
N SER D 43 8.55 33.26 -22.52
CA SER D 43 9.00 34.39 -23.30
C SER D 43 9.80 35.31 -22.40
N ALA D 44 11.04 35.61 -22.79
CA ALA D 44 11.91 36.45 -21.98
C ALA D 44 11.48 37.91 -22.08
N ASP D 45 10.58 38.20 -23.02
CA ASP D 45 10.01 39.53 -23.20
C ASP D 45 9.12 39.88 -22.01
N SER D 46 9.49 40.93 -21.27
CA SER D 46 8.73 41.34 -20.09
C SER D 46 7.33 41.84 -20.44
N ASP D 47 7.09 42.11 -21.71
CA ASP D 47 5.79 42.59 -22.16
C ASP D 47 4.90 41.47 -22.69
N SER D 48 5.39 40.23 -22.63
CA SER D 48 4.67 39.09 -23.18
C SER D 48 3.47 38.69 -22.30
N ASP D 49 2.50 38.02 -22.92
CA ASP D 49 1.38 37.44 -22.19
C ASP D 49 1.88 36.47 -21.14
N PHE D 50 2.97 35.78 -21.45
CA PHE D 50 3.58 34.84 -20.53
C PHE D 50 4.00 35.52 -19.23
N ASN D 51 4.95 36.44 -19.34
CA ASN D 51 5.46 37.18 -18.18
C ASN D 51 4.33 37.85 -17.41
N ARG D 52 3.36 38.39 -18.14
CA ARG D 52 2.21 39.05 -17.54
C ARG D 52 1.40 38.08 -16.68
N PHE D 53 1.06 36.93 -17.24
CA PHE D 53 0.32 35.90 -16.51
C PHE D 53 1.12 35.41 -15.31
N LEU D 54 2.43 35.24 -15.50
CA LEU D 54 3.30 34.74 -14.44
C LEU D 54 3.29 35.63 -13.20
N HIS D 55 3.23 36.94 -13.40
CA HIS D 55 3.42 37.89 -12.31
C HIS D 55 2.11 38.38 -11.74
N LEU D 56 1.02 38.14 -12.46
CA LEU D 56 -0.29 38.66 -12.08
C LEU D 56 -0.76 38.14 -10.73
N SER D 57 -0.31 36.96 -10.35
CA SER D 57 -0.70 36.38 -9.06
C SER D 57 0.49 36.02 -8.19
N ILE D 58 1.59 36.75 -8.34
CA ILE D 58 2.69 36.67 -7.39
C ILE D 58 2.40 37.64 -6.25
N GLN D 59 2.21 37.10 -5.05
CA GLN D 59 1.77 37.92 -3.93
C GLN D 59 2.90 38.17 -2.94
N ASN D 60 4.04 37.54 -3.18
CA ASN D 60 5.26 37.81 -2.42
C ASN D 60 6.42 38.09 -3.36
N PRO D 61 6.64 39.36 -3.70
CA PRO D 61 7.72 39.87 -4.56
C PRO D 61 9.11 39.31 -4.24
N LEU D 62 9.28 38.77 -3.04
CA LEU D 62 10.55 38.13 -2.65
C LEU D 62 10.96 37.03 -3.64
N PHE D 63 9.96 36.47 -4.33
CA PHE D 63 10.19 35.38 -5.27
C PHE D 63 9.91 35.76 -6.71
N GLN D 64 9.99 37.04 -7.04
CA GLN D 64 9.49 37.49 -8.33
C GLN D 64 10.56 37.54 -9.41
N ASN D 65 11.55 38.41 -9.21
CA ASN D 65 12.43 38.88 -10.28
C ASN D 65 13.46 37.88 -10.83
N SER D 66 13.09 37.23 -11.93
CA SER D 66 14.01 36.57 -12.86
C SER D 66 15.12 35.70 -12.29
N LEU D 67 15.86 36.20 -11.30
CA LEU D 67 16.92 35.46 -10.63
C LEU D 67 16.44 34.11 -10.08
N ILE D 68 15.15 34.01 -9.80
CA ILE D 68 14.56 32.77 -9.30
C ILE D 68 13.70 32.08 -10.37
N SER D 69 13.53 30.77 -10.20
CA SER D 69 12.99 29.88 -11.23
C SER D 69 11.68 30.31 -11.91
N LYS D 70 11.63 30.10 -13.22
CA LYS D 70 10.44 30.43 -14.02
C LYS D 70 9.90 29.21 -14.76
N PRO D 71 8.57 29.17 -14.99
CA PRO D 71 7.96 28.01 -15.67
C PRO D 71 8.23 27.99 -17.17
N SER D 72 8.33 26.78 -17.72
CA SER D 72 8.55 26.62 -19.15
C SER D 72 7.29 26.97 -19.93
N ALA D 73 6.15 26.94 -19.23
CA ALA D 73 4.86 27.30 -19.82
C ALA D 73 3.81 27.56 -18.75
N ILE D 74 2.82 28.38 -19.08
CA ILE D 74 1.70 28.64 -18.19
C ILE D 74 0.40 28.21 -18.86
N ILE D 75 -0.39 27.40 -18.16
CA ILE D 75 -1.64 26.89 -18.72
C ILE D 75 -2.82 27.31 -17.85
N LEU D 76 -3.86 27.84 -18.48
CA LEU D 76 -5.06 28.24 -17.76
C LEU D 76 -6.27 27.40 -18.20
N PRO D 77 -6.45 26.24 -17.57
CA PRO D 77 -7.60 25.37 -17.88
C PRO D 77 -8.92 26.06 -17.56
N GLY D 78 -9.94 25.80 -18.37
CA GLY D 78 -11.23 26.46 -18.22
C GLY D 78 -12.33 25.52 -17.78
N SER D 79 -11.97 24.29 -17.46
CA SER D 79 -12.92 23.29 -17.02
C SER D 79 -12.22 22.20 -16.22
N LYS D 80 -12.98 21.37 -15.52
CA LYS D 80 -12.38 20.29 -14.76
C LYS D 80 -11.80 19.24 -15.71
N GLU D 81 -12.40 19.11 -16.89
CA GLU D 81 -11.90 18.20 -17.91
C GLU D 81 -10.57 18.70 -18.47
N GLU D 82 -10.50 19.99 -18.76
CA GLU D 82 -9.26 20.60 -19.25
C GLU D 82 -8.16 20.50 -18.20
N LEU D 83 -8.55 20.63 -16.93
CA LEU D 83 -7.61 20.50 -15.82
C LEU D 83 -7.08 19.09 -15.72
N SER D 84 -7.99 18.11 -15.88
CA SER D 84 -7.62 16.71 -15.85
C SER D 84 -6.62 16.38 -16.96
N ASN D 85 -6.91 16.84 -18.17
CA ASN D 85 -6.04 16.58 -19.33
C ASN D 85 -4.73 17.36 -19.26
N THR D 86 -4.77 18.56 -18.68
CA THR D 86 -3.57 19.36 -18.51
C THR D 86 -2.55 18.61 -17.65
N ILE D 87 -3.03 18.04 -16.56
CA ILE D 87 -2.21 17.23 -15.68
C ILE D 87 -1.60 16.04 -16.42
N ARG D 88 -2.43 15.39 -17.23
CA ARG D 88 -1.99 14.24 -18.02
C ARG D 88 -0.86 14.62 -18.98
N CYS D 89 -1.04 15.70 -19.73
CA CYS D 89 -0.08 16.13 -20.74
C CYS D 89 1.26 16.57 -20.15
N ILE D 90 1.23 17.46 -19.15
CA ILE D 90 2.43 17.89 -18.45
C ILE D 90 3.27 16.71 -17.99
N ARG D 91 2.61 15.68 -17.49
CA ARG D 91 3.29 14.54 -16.91
C ARG D 91 3.95 13.62 -17.95
N LYS D 92 3.39 13.57 -19.15
CA LYS D 92 3.98 12.79 -20.25
C LYS D 92 5.38 13.28 -20.59
N GLY D 93 5.66 14.54 -20.23
CA GLY D 93 6.99 15.10 -20.34
C GLY D 93 7.76 14.91 -19.05
N SER D 94 8.76 15.76 -18.84
CA SER D 94 9.65 15.63 -17.69
C SER D 94 9.23 16.52 -16.53
N TRP D 95 8.25 17.38 -16.77
CA TRP D 95 7.98 18.52 -15.91
C TRP D 95 7.33 18.22 -14.56
N THR D 96 7.75 18.99 -13.57
CA THR D 96 7.09 19.08 -12.29
C THR D 96 5.84 19.92 -12.40
N ILE D 97 4.74 19.47 -11.80
CA ILE D 97 3.50 20.22 -11.82
C ILE D 97 3.46 21.24 -10.69
N ARG D 98 3.03 22.46 -11.01
CA ARG D 98 2.76 23.46 -9.99
C ARG D 98 1.35 24.01 -10.19
N LEU D 99 0.57 24.00 -9.12
CA LEU D 99 -0.78 24.58 -9.15
C LEU D 99 -0.76 25.94 -8.47
N ARG D 100 -1.47 26.90 -9.05
CA ARG D 100 -1.61 28.21 -8.41
C ARG D 100 -3.04 28.68 -8.46
N SER D 101 -3.58 29.08 -7.31
CA SER D 101 -4.92 29.64 -7.23
C SER D 101 -4.85 31.15 -7.03
N GLY D 102 -4.52 31.55 -5.81
CA GLY D 102 -4.38 32.96 -5.49
C GLY D 102 -2.93 33.40 -5.44
N GLY D 103 -2.03 32.44 -5.34
CA GLY D 103 -0.60 32.71 -5.34
C GLY D 103 -0.09 33.35 -4.06
N HIS D 104 -0.78 33.10 -2.95
CA HIS D 104 -0.44 33.73 -1.68
C HIS D 104 0.53 32.93 -0.83
N SER D 105 1.10 31.87 -1.40
CA SER D 105 2.11 31.07 -0.72
C SER D 105 3.21 31.97 -0.16
N TYR D 106 3.37 31.92 1.17
CA TYR D 106 4.37 32.71 1.85
C TYR D 106 5.78 32.40 1.32
N GLU D 107 5.94 31.18 0.82
CA GLU D 107 7.23 30.73 0.31
C GLU D 107 7.22 30.56 -1.21
N GLY D 108 6.20 31.11 -1.88
CA GLY D 108 6.11 31.08 -3.33
C GLY D 108 6.05 29.71 -3.96
N LEU D 109 5.52 28.75 -3.20
CA LEU D 109 5.54 27.35 -3.61
C LEU D 109 4.55 27.02 -4.74
N SER D 110 3.74 27.99 -5.15
CA SER D 110 2.76 27.75 -6.21
C SER D 110 3.27 28.17 -7.58
N TYR D 111 4.43 28.84 -7.61
CA TYR D 111 4.96 29.33 -8.88
C TYR D 111 6.48 29.25 -8.95
N THR D 112 7.08 28.47 -8.06
CA THR D 112 8.52 28.20 -8.13
C THR D 112 8.80 26.73 -7.93
N SER D 113 9.93 26.27 -8.46
CA SER D 113 10.35 24.88 -8.33
C SER D 113 11.84 24.78 -8.66
N ASP D 114 12.56 23.90 -7.95
CA ASP D 114 13.99 23.76 -8.22
C ASP D 114 14.25 22.78 -9.35
N THR D 115 13.18 22.34 -10.01
CA THR D 115 13.28 21.54 -11.22
C THR D 115 12.43 22.19 -12.30
N PRO D 116 12.69 21.86 -13.58
CA PRO D 116 11.85 22.41 -14.65
C PRO D 116 10.38 22.10 -14.42
N PHE D 117 9.50 23.09 -14.57
CA PHE D 117 8.12 22.90 -14.19
C PHE D 117 7.13 23.61 -15.08
N ILE D 118 5.89 23.13 -15.08
CA ILE D 118 4.79 23.79 -15.78
C ILE D 118 3.83 24.36 -14.76
N LEU D 119 3.42 25.61 -14.97
CA LEU D 119 2.53 26.27 -14.03
C LEU D 119 1.08 26.21 -14.49
N ILE D 120 0.23 25.58 -13.69
CA ILE D 120 -1.20 25.54 -13.93
C ILE D 120 -1.88 26.64 -13.14
N ASP D 121 -2.34 27.68 -13.83
CA ASP D 121 -3.03 28.77 -13.14
C ASP D 121 -4.54 28.60 -13.25
N LEU D 122 -5.22 28.62 -12.11
CA LEU D 122 -6.63 28.27 -12.03
C LEU D 122 -7.57 29.47 -12.04
N MET D 123 -7.05 30.63 -12.42
CA MET D 123 -7.80 31.89 -12.33
C MET D 123 -9.09 31.88 -13.14
N ASN D 124 -9.16 31.04 -14.16
CA ASN D 124 -10.36 30.96 -14.98
C ASN D 124 -11.39 30.01 -14.40
N LEU D 125 -10.98 29.25 -13.39
CA LEU D 125 -11.89 28.40 -12.65
C LEU D 125 -12.35 29.13 -11.41
N ASN D 126 -13.19 30.15 -11.59
CA ASN D 126 -13.61 30.99 -10.47
C ASN D 126 -15.13 31.15 -10.39
N ARG D 127 -15.84 30.07 -10.66
CA ARG D 127 -17.31 30.11 -10.65
C ARG D 127 -17.86 29.64 -9.31
N VAL D 128 -18.86 30.35 -8.81
CA VAL D 128 -19.55 29.96 -7.58
C VAL D 128 -21.01 29.68 -7.88
N SER D 129 -21.48 28.51 -7.45
CA SER D 129 -22.87 28.13 -7.66
C SER D 129 -23.56 27.85 -6.32
N ILE D 130 -24.47 28.73 -5.93
CA ILE D 130 -25.11 28.65 -4.62
C ILE D 130 -26.48 27.98 -4.68
N ASP D 131 -26.69 27.00 -3.79
CA ASP D 131 -27.99 26.38 -3.61
C ASP D 131 -28.55 26.81 -2.25
N LEU D 132 -29.47 27.77 -2.28
CA LEU D 132 -30.01 28.38 -1.07
C LEU D 132 -30.94 27.46 -0.28
N GLU D 133 -31.32 26.34 -0.88
CA GLU D 133 -32.30 25.45 -0.30
C GLU D 133 -31.63 24.37 0.54
N SER D 134 -30.42 23.98 0.14
CA SER D 134 -29.60 23.09 0.92
C SER D 134 -28.59 23.92 1.70
N GLU D 135 -28.56 25.21 1.39
CA GLU D 135 -27.62 26.16 1.97
C GLU D 135 -26.18 25.68 1.80
N THR D 136 -25.86 25.27 0.59
CA THR D 136 -24.51 24.87 0.22
C THR D 136 -24.09 25.63 -1.03
N ALA D 137 -22.80 25.54 -1.37
CA ALA D 137 -22.30 26.20 -2.57
C ALA D 137 -21.13 25.43 -3.16
N TRP D 138 -21.07 25.36 -4.48
CA TRP D 138 -19.90 24.82 -5.17
C TRP D 138 -18.97 25.95 -5.57
N VAL D 139 -17.71 25.84 -5.18
CA VAL D 139 -16.74 26.90 -5.43
C VAL D 139 -15.52 26.38 -6.17
N GLU D 140 -15.36 26.80 -7.41
CA GLU D 140 -14.19 26.40 -8.19
C GLU D 140 -12.93 26.96 -7.54
N SER D 141 -11.85 26.19 -7.58
CA SER D 141 -10.70 26.44 -6.72
C SER D 141 -9.85 27.64 -7.10
N GLY D 142 -10.18 28.30 -8.21
CA GLY D 142 -9.48 29.50 -8.62
C GLY D 142 -10.12 30.74 -8.02
N SER D 143 -11.31 30.54 -7.45
CA SER D 143 -12.02 31.61 -6.78
C SER D 143 -11.23 32.15 -5.60
N THR D 144 -11.18 33.48 -5.48
CA THR D 144 -10.61 34.08 -4.29
C THR D 144 -11.69 34.13 -3.20
N LEU D 145 -11.26 34.32 -1.96
CA LEU D 145 -12.20 34.47 -0.85
C LEU D 145 -13.14 35.62 -1.11
N GLY D 146 -12.59 36.72 -1.62
CA GLY D 146 -13.37 37.90 -1.94
C GLY D 146 -14.43 37.62 -2.99
N GLU D 147 -14.05 36.90 -4.04
CA GLU D 147 -15.01 36.51 -5.07
C GLU D 147 -16.11 35.64 -4.51
N LEU D 148 -15.76 34.80 -3.53
CA LEU D 148 -16.72 33.92 -2.88
C LEU D 148 -17.66 34.69 -1.95
N TYR D 149 -17.10 35.56 -1.12
CA TYR D 149 -17.88 36.38 -0.20
C TYR D 149 -18.94 37.19 -0.95
N TYR D 150 -18.48 37.90 -1.97
CA TYR D 150 -19.33 38.68 -2.85
C TYR D 150 -20.53 37.87 -3.37
N ALA D 151 -20.23 36.70 -3.92
CA ALA D 151 -21.25 35.86 -4.54
C ALA D 151 -22.32 35.43 -3.54
N ILE D 152 -21.90 35.15 -2.31
CA ILE D 152 -22.83 34.76 -1.25
C ILE D 152 -23.77 35.89 -0.89
N THR D 153 -23.22 37.10 -0.75
CA THR D 153 -24.02 38.29 -0.46
C THR D 153 -25.10 38.51 -1.51
N GLU D 154 -24.70 38.43 -2.78
CA GLU D 154 -25.60 38.64 -3.91
C GLU D 154 -26.68 37.57 -4.03
N SER D 155 -26.63 36.58 -3.14
CA SER D 155 -27.58 35.48 -3.17
C SER D 155 -28.44 35.45 -1.91
N SER D 156 -27.88 35.96 -0.81
CA SER D 156 -28.56 35.96 0.47
C SER D 156 -27.89 36.92 1.45
N SER D 157 -28.67 37.42 2.41
CA SER D 157 -28.13 38.28 3.45
C SER D 157 -28.22 37.59 4.80
N LYS D 158 -28.76 36.37 4.78
CA LYS D 158 -28.91 35.58 6.00
C LYS D 158 -27.84 34.50 6.04
N LEU D 159 -26.86 34.59 5.14
CA LEU D 159 -25.85 33.56 4.98
C LEU D 159 -24.45 34.14 4.78
N GLY D 160 -23.45 33.44 5.31
CA GLY D 160 -22.06 33.82 5.14
C GLY D 160 -21.16 32.60 5.19
N PHE D 161 -19.85 32.81 5.29
CA PHE D 161 -18.89 31.71 5.35
C PHE D 161 -17.62 32.14 6.06
N THR D 162 -16.99 31.19 6.76
CA THR D 162 -15.83 31.52 7.59
C THR D 162 -14.50 31.27 6.87
N ALA D 163 -13.74 32.35 6.70
CA ALA D 163 -12.38 32.28 6.17
C ALA D 163 -11.65 33.60 6.41
N ALA D 164 -10.44 33.70 5.85
CA ALA D 164 -9.55 34.84 6.06
C ALA D 164 -10.17 36.19 5.71
N TRP D 165 -9.50 37.26 6.16
CA TRP D 165 -9.91 38.61 5.84
C TRP D 165 -9.31 39.05 4.51
N CYS D 166 -8.15 38.48 4.17
CA CYS D 166 -7.47 38.76 2.91
C CYS D 166 -8.30 38.31 1.73
N PRO D 167 -8.85 39.26 0.97
CA PRO D 167 -9.84 38.92 -0.07
C PRO D 167 -9.25 38.34 -1.35
N THR D 168 -7.95 38.51 -1.58
CA THR D 168 -7.33 38.00 -2.80
C THR D 168 -6.74 36.61 -2.62
N VAL D 169 -6.85 36.08 -1.40
CA VAL D 169 -6.40 34.71 -1.13
C VAL D 169 -7.28 33.71 -1.89
N GLY D 170 -6.65 32.75 -2.56
CA GLY D 170 -7.38 31.76 -3.32
C GLY D 170 -7.93 30.64 -2.44
N THR D 171 -9.12 30.16 -2.77
CA THR D 171 -9.74 29.05 -2.04
C THR D 171 -8.95 27.77 -2.20
N GLY D 172 -8.23 27.66 -3.32
CA GLY D 172 -7.44 26.48 -3.63
C GLY D 172 -6.42 26.15 -2.55
N GLY D 173 -5.57 27.10 -2.21
CA GLY D 173 -4.56 26.88 -1.20
C GLY D 173 -5.08 27.08 0.21
N HIS D 174 -5.95 28.08 0.38
CA HIS D 174 -6.47 28.45 1.70
C HIS D 174 -7.24 27.31 2.38
N ILE D 175 -8.27 26.81 1.70
CA ILE D 175 -9.09 25.73 2.24
C ILE D 175 -8.27 24.45 2.38
N SER D 176 -7.34 24.25 1.45
CA SER D 176 -6.45 23.08 1.47
C SER D 176 -5.58 23.02 2.72
N GLY D 177 -5.29 24.18 3.29
CA GLY D 177 -4.43 24.25 4.46
C GLY D 177 -5.17 24.49 5.76
N GLY D 178 -6.50 24.59 5.68
CA GLY D 178 -7.31 24.87 6.85
C GLY D 178 -8.16 26.12 6.64
N GLY D 179 -7.61 27.27 6.96
CA GLY D 179 -8.29 28.53 6.73
C GLY D 179 -8.89 29.15 7.98
N PHE D 180 -8.10 29.99 8.65
CA PHE D 180 -8.54 30.62 9.90
C PHE D 180 -8.99 32.05 9.67
N GLY D 181 -10.08 32.44 10.34
CA GLY D 181 -10.64 33.78 10.18
C GLY D 181 -11.37 34.32 11.39
N MET D 182 -11.99 35.49 11.23
CA MET D 182 -12.66 36.19 12.33
C MET D 182 -13.91 35.47 12.83
N MET D 183 -14.40 34.51 12.07
CA MET D 183 -15.59 33.77 12.47
C MET D 183 -15.26 32.34 12.88
N SER D 184 -13.96 32.03 12.96
CA SER D 184 -13.52 30.66 13.25
C SER D 184 -13.82 30.25 14.68
N ARG D 185 -13.90 31.22 15.59
CA ARG D 185 -14.27 30.92 16.97
C ARG D 185 -15.73 30.48 17.04
N LYS D 186 -16.50 30.89 16.03
CA LYS D 186 -17.90 30.49 15.93
C LYS D 186 -18.08 29.25 15.04
N TYR D 187 -17.34 29.17 13.94
CA TYR D 187 -17.62 28.12 12.97
C TYR D 187 -16.43 27.24 12.62
N GLY D 188 -15.28 27.51 13.21
CA GLY D 188 -14.07 26.76 12.91
C GLY D 188 -13.46 27.20 11.60
N LEU D 189 -12.55 26.38 11.07
CA LEU D 189 -11.85 26.71 9.85
C LEU D 189 -12.74 26.59 8.61
N ALA D 190 -12.31 27.21 7.52
CA ALA D 190 -13.00 27.08 6.24
C ALA D 190 -13.10 25.62 5.84
N ALA D 191 -12.03 24.87 6.10
CA ALA D 191 -11.95 23.46 5.76
C ALA D 191 -12.86 22.61 6.63
N ASP D 192 -13.20 23.12 7.82
CA ASP D 192 -14.11 22.43 8.73
C ASP D 192 -15.53 22.43 8.20
N ASN D 193 -15.81 23.31 7.24
CA ASN D 193 -17.15 23.46 6.70
C ASN D 193 -17.26 23.00 5.25
N VAL D 194 -16.40 22.07 4.86
CA VAL D 194 -16.42 21.49 3.52
C VAL D 194 -17.10 20.12 3.55
N VAL D 195 -18.13 19.94 2.72
CA VAL D 195 -18.91 18.70 2.76
C VAL D 195 -18.66 17.81 1.55
N ASP D 196 -18.12 18.39 0.48
CA ASP D 196 -17.77 17.61 -0.70
C ASP D 196 -16.70 18.37 -1.48
N ALA D 197 -16.07 17.69 -2.44
CA ALA D 197 -15.04 18.31 -3.25
C ALA D 197 -14.78 17.52 -4.51
N ILE D 198 -14.35 18.20 -5.56
CA ILE D 198 -13.88 17.51 -6.75
C ILE D 198 -12.36 17.53 -6.74
N LEU D 199 -11.75 16.35 -6.61
CA LEU D 199 -10.31 16.22 -6.64
C LEU D 199 -9.89 15.51 -7.92
N ILE D 200 -8.88 16.06 -8.59
CA ILE D 200 -8.36 15.45 -9.81
C ILE D 200 -6.97 14.88 -9.53
N ASP D 201 -6.83 13.56 -9.62
CA ASP D 201 -5.58 12.93 -9.19
C ASP D 201 -4.54 12.87 -10.30
N ALA D 202 -3.43 12.22 -10.00
CA ALA D 202 -2.28 12.21 -10.90
C ALA D 202 -2.55 11.58 -12.26
N ASN D 203 -3.58 10.75 -12.34
CA ASN D 203 -3.94 10.12 -13.62
C ASN D 203 -5.02 10.89 -14.36
N GLY D 204 -5.46 12.00 -13.79
CA GLY D 204 -6.49 12.81 -14.40
C GLY D 204 -7.90 12.35 -14.03
N ALA D 205 -7.97 11.37 -13.13
CA ALA D 205 -9.25 10.85 -12.66
C ALA D 205 -10.00 11.93 -11.86
N ILE D 206 -11.26 12.16 -12.23
CA ILE D 206 -12.06 13.19 -11.59
C ILE D 206 -12.89 12.57 -10.47
N LEU D 207 -12.54 12.89 -9.22
CA LEU D 207 -13.11 12.22 -8.06
C LEU D 207 -13.91 13.16 -7.16
N ASP D 208 -15.05 12.70 -6.68
CA ASP D 208 -15.75 13.40 -5.60
C ASP D 208 -15.48 12.71 -4.28
N ARG D 209 -16.16 13.14 -3.22
CA ARG D 209 -15.95 12.57 -1.89
C ARG D 209 -16.15 11.06 -1.88
N GLN D 210 -17.25 10.60 -2.48
CA GLN D 210 -17.53 9.18 -2.57
C GLN D 210 -16.41 8.42 -3.25
N ALA D 211 -15.92 8.97 -4.36
CA ALA D 211 -14.91 8.31 -5.17
C ALA D 211 -13.53 8.29 -4.52
N MET D 212 -13.14 9.40 -3.88
CA MET D 212 -11.80 9.51 -3.32
C MET D 212 -11.68 8.79 -1.97
N GLY D 213 -12.80 8.56 -1.31
CA GLY D 213 -12.78 7.92 -0.01
C GLY D 213 -12.59 8.91 1.12
N GLU D 214 -12.87 8.49 2.34
CA GLU D 214 -12.88 9.40 3.49
C GLU D 214 -11.50 9.79 3.98
N ASP D 215 -10.51 8.93 3.77
CA ASP D 215 -9.13 9.25 4.13
C ASP D 215 -8.62 10.43 3.32
N VAL D 216 -8.89 10.41 2.03
CA VAL D 216 -8.43 11.46 1.12
C VAL D 216 -9.27 12.74 1.27
N PHE D 217 -10.59 12.57 1.44
CA PHE D 217 -11.46 13.72 1.65
C PHE D 217 -11.12 14.42 2.96
N TRP D 218 -10.57 13.65 3.89
CA TRP D 218 -10.08 14.18 5.15
C TRP D 218 -8.81 14.98 4.94
N ALA D 219 -7.86 14.38 4.21
CA ALA D 219 -6.54 14.97 4.00
C ALA D 219 -6.58 16.33 3.31
N ILE D 220 -7.47 16.49 2.33
CA ILE D 220 -7.52 17.72 1.56
C ILE D 220 -8.15 18.88 2.34
N ARG D 221 -8.79 18.55 3.46
CA ARG D 221 -9.43 19.58 4.29
C ARG D 221 -8.50 20.09 5.38
N GLY D 222 -7.27 20.46 5.00
CA GLY D 222 -6.32 21.00 5.95
C GLY D 222 -4.92 20.46 5.82
N GLY D 223 -4.76 19.38 5.05
CA GLY D 223 -3.48 18.73 4.90
C GLY D 223 -2.48 19.47 4.03
N GLY D 224 -2.91 20.58 3.44
CA GLY D 224 -2.01 21.40 2.65
C GLY D 224 -2.18 21.23 1.15
N GLY D 225 -2.08 22.32 0.41
CA GLY D 225 -2.22 22.29 -1.03
C GLY D 225 -0.99 21.73 -1.72
N GLY D 226 -1.17 21.32 -2.98
CA GLY D 226 -0.09 20.84 -3.82
C GLY D 226 0.45 19.47 -3.45
N VAL D 227 -0.39 18.65 -2.83
CA VAL D 227 0.08 17.39 -2.27
C VAL D 227 -0.75 16.18 -2.74
N TRP D 228 -2.04 16.40 -2.93
CA TRP D 228 -2.98 15.29 -3.11
C TRP D 228 -3.49 15.18 -4.54
N GLY D 229 -3.24 16.23 -5.31
CA GLY D 229 -3.81 16.36 -6.63
C GLY D 229 -4.32 17.76 -6.78
N ALA D 230 -5.10 18.01 -7.82
CA ALA D 230 -5.63 19.35 -8.05
C ALA D 230 -7.09 19.43 -7.67
N ILE D 231 -7.39 20.19 -6.62
CA ILE D 231 -8.77 20.48 -6.28
C ILE D 231 -9.40 21.28 -7.39
N TYR D 232 -10.48 20.77 -7.97
CA TYR D 232 -11.21 21.54 -8.98
C TYR D 232 -12.21 22.46 -8.30
N ALA D 233 -12.92 21.94 -7.31
CA ALA D 233 -13.96 22.72 -6.65
C ALA D 233 -14.23 22.23 -5.22
N TRP D 234 -14.61 23.16 -4.34
CA TRP D 234 -15.04 22.84 -3.00
C TRP D 234 -16.56 22.92 -2.89
N LYS D 235 -17.16 21.97 -2.20
CA LYS D 235 -18.56 22.12 -1.82
C LYS D 235 -18.63 22.48 -0.34
N ILE D 236 -19.01 23.72 -0.06
CA ILE D 236 -19.01 24.23 1.29
C ILE D 236 -20.42 24.36 1.86
N LYS D 237 -20.52 24.24 3.18
CA LYS D 237 -21.77 24.51 3.87
C LYS D 237 -21.85 26.00 4.20
N LEU D 238 -22.87 26.68 3.67
CA LEU D 238 -23.06 28.09 3.99
C LEU D 238 -23.61 28.22 5.40
N LEU D 239 -23.17 29.26 6.11
CA LEU D 239 -23.40 29.37 7.54
C LEU D 239 -24.37 30.50 7.89
N PRO D 240 -25.29 30.25 8.82
CA PRO D 240 -26.26 31.25 9.28
C PRO D 240 -25.56 32.46 9.88
N VAL D 241 -25.92 33.66 9.42
CA VAL D 241 -25.45 34.90 10.00
C VAL D 241 -26.60 35.88 10.15
N PRO D 242 -26.57 36.73 11.19
CA PRO D 242 -27.54 37.81 11.35
C PRO D 242 -27.57 38.75 10.16
N GLU D 243 -28.68 39.45 9.97
CA GLU D 243 -28.81 40.47 8.93
C GLU D 243 -27.92 41.67 9.23
N LYS D 244 -27.64 41.85 10.52
CA LYS D 244 -26.73 42.89 10.96
C LYS D 244 -25.75 42.35 11.98
N VAL D 245 -24.48 42.65 11.76
CA VAL D 245 -23.42 42.26 12.68
C VAL D 245 -22.68 43.52 13.09
N THR D 246 -21.81 43.42 14.09
CA THR D 246 -21.11 44.60 14.55
C THR D 246 -19.60 44.42 14.52
N VAL D 247 -18.91 45.42 13.99
CA VAL D 247 -17.46 45.43 13.94
C VAL D 247 -16.92 46.78 14.39
N PHE D 248 -15.64 46.81 14.73
CA PHE D 248 -14.95 48.06 15.03
C PHE D 248 -13.45 47.90 14.81
N ARG D 249 -12.84 48.93 14.23
CA ARG D 249 -11.39 48.96 14.06
C ARG D 249 -10.81 50.16 14.80
N VAL D 250 -10.26 49.90 15.98
CA VAL D 250 -9.72 50.96 16.83
C VAL D 250 -8.22 50.79 17.05
N THR D 251 -7.47 51.85 16.77
CA THR D 251 -6.01 51.81 16.91
C THR D 251 -5.56 52.56 18.16
N LYS D 252 -4.59 51.99 18.87
CA LYS D 252 -4.06 52.62 20.07
C LYS D 252 -2.56 52.89 19.96
N ASN D 253 -2.21 54.17 19.89
CA ASN D 253 -0.81 54.58 19.91
C ASN D 253 -0.36 54.86 21.35
N VAL D 254 0.34 53.90 21.95
CA VAL D 254 0.73 53.96 23.36
C VAL D 254 2.15 53.49 23.60
N ALA D 255 2.67 53.79 24.80
CA ALA D 255 4.01 53.34 25.21
C ALA D 255 4.06 51.82 25.39
N ILE D 256 5.29 51.28 25.36
CA ILE D 256 5.52 49.84 25.47
C ILE D 256 4.93 49.24 26.75
N ASP D 257 4.90 50.04 27.82
CA ASP D 257 4.40 49.58 29.10
C ASP D 257 2.88 49.44 29.12
N GLU D 258 2.16 50.40 28.52
CA GLU D 258 0.71 50.27 28.44
C GLU D 258 0.34 49.17 27.46
N ALA D 259 1.05 49.15 26.33
CA ALA D 259 0.86 48.14 25.30
C ALA D 259 1.03 46.75 25.86
N THR D 260 2.08 46.56 26.64
CA THR D 260 2.35 45.28 27.29
C THR D 260 1.17 44.86 28.18
N SER D 261 0.62 45.83 28.91
CA SER D 261 -0.49 45.56 29.82
C SER D 261 -1.78 45.29 29.06
N LEU D 262 -1.98 45.99 27.96
CA LEU D 262 -3.14 45.77 27.10
C LEU D 262 -3.09 44.36 26.50
N LEU D 263 -1.96 44.03 25.87
CA LEU D 263 -1.77 42.72 25.25
C LEU D 263 -1.84 41.58 26.28
N HIS D 264 -1.29 41.80 27.46
CA HIS D 264 -1.31 40.75 28.49
C HIS D 264 -2.73 40.46 28.95
N LYS D 265 -3.61 41.45 28.86
CA LYS D 265 -5.00 41.23 29.22
C LYS D 265 -5.79 40.73 28.01
N TRP D 266 -5.42 41.23 26.83
CA TRP D 266 -6.12 40.86 25.58
C TRP D 266 -6.18 39.35 25.41
N GLN D 267 -5.09 38.66 25.73
CA GLN D 267 -4.97 37.23 25.50
C GLN D 267 -6.07 36.43 26.22
N PHE D 268 -6.49 36.95 27.36
CA PHE D 268 -7.50 36.28 28.17
C PHE D 268 -8.88 36.62 27.62
N VAL D 269 -9.09 37.90 27.31
CA VAL D 269 -10.34 38.35 26.72
C VAL D 269 -10.60 37.63 25.40
N ALA D 270 -9.60 37.60 24.54
CA ALA D 270 -9.72 36.99 23.21
C ALA D 270 -10.16 35.53 23.28
N GLU D 271 -9.54 34.78 24.19
CA GLU D 271 -9.83 33.34 24.29
C GLU D 271 -11.12 33.05 25.06
N GLU D 272 -11.46 33.91 26.02
CA GLU D 272 -12.58 33.66 26.91
C GLU D 272 -13.91 34.21 26.40
N LEU D 273 -13.85 35.10 25.41
CA LEU D 273 -15.06 35.65 24.80
C LEU D 273 -15.98 34.53 24.34
N GLU D 274 -17.30 34.77 24.42
CA GLU D 274 -18.27 33.85 23.86
C GLU D 274 -18.00 33.69 22.36
N GLU D 275 -18.39 32.55 21.80
CA GLU D 275 -18.05 32.22 20.42
C GLU D 275 -18.67 33.21 19.41
N ASP D 276 -19.62 34.01 19.85
CA ASP D 276 -20.23 35.03 19.00
C ASP D 276 -19.38 36.30 18.95
N PHE D 277 -18.18 36.25 19.53
CA PHE D 277 -17.28 37.39 19.55
C PHE D 277 -15.89 37.03 19.04
N THR D 278 -15.22 38.00 18.41
CA THR D 278 -13.82 37.84 18.04
C THR D 278 -13.09 39.16 18.23
N LEU D 279 -11.95 39.11 18.93
CA LEU D 279 -11.11 40.29 19.11
C LEU D 279 -9.68 40.01 18.68
N SER D 280 -9.24 40.65 17.61
CA SER D 280 -7.91 40.39 17.06
C SER D 280 -7.02 41.62 17.15
N VAL D 281 -5.71 41.41 17.07
CA VAL D 281 -4.76 42.50 17.22
C VAL D 281 -3.73 42.55 16.09
N LEU D 282 -3.57 43.73 15.50
CA LEU D 282 -2.45 43.99 14.61
C LEU D 282 -1.53 44.99 15.30
N GLY D 283 -0.26 44.64 15.43
CA GLY D 283 0.70 45.49 16.12
C GLY D 283 1.89 45.86 15.26
N GLY D 284 2.46 47.03 15.49
CA GLY D 284 3.60 47.48 14.72
C GLY D 284 4.42 48.56 15.41
N ALA D 285 5.56 48.87 14.82
CA ALA D 285 6.46 49.85 15.41
C ALA D 285 6.25 51.25 14.83
N ASP D 286 6.32 52.24 15.70
CA ASP D 286 6.71 53.57 15.26
C ASP D 286 7.74 54.08 16.27
N GLU D 287 8.82 54.67 15.74
CA GLU D 287 9.92 55.19 16.56
C GLU D 287 10.35 54.22 17.66
N LYS D 288 9.75 54.37 18.85
CA LYS D 288 9.88 53.38 19.93
C LYS D 288 8.56 53.32 20.71
N GLN D 289 7.52 53.96 20.19
CA GLN D 289 6.17 53.66 20.65
C GLN D 289 5.76 52.38 19.94
N VAL D 290 4.58 51.88 20.25
CA VAL D 290 3.98 50.86 19.40
C VAL D 290 2.54 51.24 19.14
N TRP D 291 2.01 50.80 18.00
CA TRP D 291 0.59 50.97 17.76
C TRP D 291 -0.10 49.62 17.79
N LEU D 292 -1.28 49.59 18.40
CA LEU D 292 -2.06 48.36 18.44
C LEU D 292 -3.43 48.62 17.84
N THR D 293 -3.76 47.88 16.79
CA THR D 293 -5.09 47.99 16.20
C THR D 293 -5.96 46.84 16.70
N MET D 294 -6.97 47.16 17.48
CA MET D 294 -7.91 46.17 17.97
C MET D 294 -9.02 45.98 16.95
N LEU D 295 -9.21 44.76 16.49
CA LEU D 295 -10.27 44.48 15.53
C LEU D 295 -11.33 43.59 16.14
N GLY D 296 -12.57 44.07 16.14
CA GLY D 296 -13.66 43.36 16.78
C GLY D 296 -14.75 42.95 15.81
N PHE D 297 -15.41 41.84 16.11
CA PHE D 297 -16.54 41.36 15.33
C PHE D 297 -17.50 40.65 16.26
N HIS D 298 -18.80 40.88 16.06
CA HIS D 298 -19.81 40.22 16.87
C HIS D 298 -20.99 39.78 16.03
N PHE D 299 -21.45 38.55 16.26
CA PHE D 299 -22.63 38.03 15.57
C PHE D 299 -23.90 38.58 16.21
N GLY D 300 -24.12 39.88 16.05
CA GLY D 300 -25.26 40.55 16.62
C GLY D 300 -25.07 42.05 16.58
N LEU D 301 -25.92 42.79 17.29
CA LEU D 301 -25.86 44.25 17.25
C LEU D 301 -25.03 44.81 18.40
N LYS D 302 -24.84 46.13 18.38
CA LYS D 302 -23.98 46.83 19.32
C LYS D 302 -24.38 46.66 20.79
N THR D 303 -25.68 46.62 21.05
CA THR D 303 -26.19 46.53 22.42
C THR D 303 -25.53 45.38 23.21
N VAL D 304 -25.62 44.18 22.67
CA VAL D 304 -24.97 43.02 23.28
C VAL D 304 -23.44 43.15 23.17
N ALA D 305 -22.98 43.86 22.14
CA ALA D 305 -21.56 44.02 21.91
C ALA D 305 -20.91 44.99 22.90
N LYS D 306 -21.52 46.16 23.08
CA LYS D 306 -20.97 47.16 23.99
C LYS D 306 -20.99 46.68 25.43
N SER D 307 -22.14 46.13 25.82
CA SER D 307 -22.31 45.52 27.14
C SER D 307 -21.18 44.55 27.48
N THR D 308 -20.79 43.74 26.50
CA THR D 308 -19.79 42.72 26.70
C THR D 308 -18.38 43.30 26.85
N PHE D 309 -18.04 44.26 26.00
CA PHE D 309 -16.69 44.82 26.02
C PHE D 309 -16.52 45.92 27.07
N ASP D 310 -17.61 46.55 27.47
CA ASP D 310 -17.59 47.45 28.62
C ASP D 310 -17.16 46.66 29.85
N LEU D 311 -17.78 45.49 30.02
CA LEU D 311 -17.49 44.61 31.14
C LEU D 311 -16.11 43.97 31.05
N LEU D 312 -15.83 43.33 29.92
CA LEU D 312 -14.65 42.48 29.78
C LEU D 312 -13.36 43.24 29.46
N PHE D 313 -13.47 44.31 28.70
CA PHE D 313 -12.28 45.06 28.29
C PHE D 313 -12.52 46.56 28.26
N PRO D 314 -12.84 47.17 29.42
CA PRO D 314 -13.09 48.61 29.45
C PRO D 314 -11.85 49.43 29.12
N GLU D 315 -10.67 48.85 29.32
CA GLU D 315 -9.40 49.53 29.06
C GLU D 315 -9.24 49.95 27.60
N LEU D 316 -10.00 49.34 26.70
CA LEU D 316 -9.94 49.69 25.29
C LEU D 316 -10.46 51.09 25.02
N GLY D 317 -11.21 51.64 25.97
CA GLY D 317 -11.79 52.96 25.82
C GLY D 317 -12.70 53.04 24.60
N LEU D 318 -13.37 51.94 24.30
CA LEU D 318 -14.31 51.88 23.19
C LEU D 318 -15.50 52.80 23.43
N VAL D 319 -15.83 53.61 22.42
CA VAL D 319 -17.01 54.46 22.49
C VAL D 319 -18.12 53.81 21.67
N GLU D 320 -19.32 54.40 21.69
CA GLU D 320 -20.42 53.89 20.90
C GLU D 320 -20.22 54.24 19.41
N GLU D 321 -19.49 55.32 19.16
CA GLU D 321 -19.20 55.73 17.79
C GLU D 321 -18.37 54.70 17.04
N ASP D 322 -17.53 53.98 17.77
CA ASP D 322 -16.62 53.02 17.14
C ASP D 322 -17.35 51.78 16.66
N TYR D 323 -18.47 51.47 17.30
CA TYR D 323 -19.23 50.27 16.97
C TYR D 323 -20.05 50.48 15.71
N LEU D 324 -19.68 49.78 14.64
CA LEU D 324 -20.36 49.92 13.36
C LEU D 324 -21.23 48.71 13.08
N GLU D 325 -22.52 48.95 12.78
CA GLU D 325 -23.42 47.88 12.41
C GLU D 325 -23.55 47.80 10.90
N MET D 326 -23.56 46.58 10.38
CA MET D 326 -23.68 46.35 8.96
C MET D 326 -23.98 44.88 8.68
N SER D 327 -24.25 44.56 7.41
CA SER D 327 -24.48 43.17 7.03
C SER D 327 -23.17 42.40 7.07
N TRP D 328 -23.25 41.08 6.97
CA TRP D 328 -22.06 40.24 7.01
C TRP D 328 -21.06 40.62 5.94
N GLY D 329 -21.56 40.88 4.73
CA GLY D 329 -20.72 41.21 3.60
C GLY D 329 -19.94 42.51 3.79
N GLU D 330 -20.64 43.55 4.24
CA GLU D 330 -20.02 44.85 4.44
C GLU D 330 -18.91 44.80 5.48
N SER D 331 -19.12 43.99 6.51
CA SER D 331 -18.15 43.85 7.59
C SER D 331 -16.84 43.24 7.10
N PHE D 332 -16.93 42.14 6.36
CA PHE D 332 -15.74 41.50 5.80
C PHE D 332 -15.08 42.41 4.77
N ALA D 333 -15.89 43.16 4.05
CA ALA D 333 -15.37 44.19 3.16
C ALA D 333 -14.63 45.23 4.00
N TYR D 334 -15.27 45.69 5.06
CA TYR D 334 -14.67 46.68 5.96
C TYR D 334 -13.42 46.13 6.64
N LEU D 335 -13.53 44.93 7.21
CA LEU D 335 -12.41 44.29 7.90
C LEU D 335 -11.21 44.09 6.97
N ALA D 336 -11.49 43.86 5.69
CA ALA D 336 -10.42 43.71 4.70
C ALA D 336 -9.75 45.03 4.38
N GLY D 337 -10.29 46.12 4.94
CA GLY D 337 -9.76 47.45 4.67
C GLY D 337 -10.28 47.99 3.36
N LEU D 338 -11.49 47.56 2.99
CA LEU D 338 -12.09 48.00 1.73
C LEU D 338 -13.16 49.06 1.96
N GLU D 339 -13.66 49.62 0.86
CA GLU D 339 -14.66 50.67 0.91
C GLU D 339 -16.05 50.12 0.58
N THR D 340 -16.14 49.33 -0.49
CA THR D 340 -17.40 48.73 -0.88
C THR D 340 -17.30 47.22 -1.01
N VAL D 341 -18.45 46.56 -1.03
CA VAL D 341 -18.52 45.10 -1.17
C VAL D 341 -18.01 44.67 -2.54
N SER D 342 -18.24 45.50 -3.55
CA SER D 342 -17.85 45.19 -4.93
C SER D 342 -16.34 45.00 -5.10
N GLN D 343 -15.55 45.57 -4.20
CA GLN D 343 -14.10 45.45 -4.26
C GLN D 343 -13.64 44.06 -3.85
N LEU D 344 -14.50 43.33 -3.16
CA LEU D 344 -14.23 41.94 -2.81
C LEU D 344 -14.10 41.10 -4.07
N ASN D 345 -14.94 41.40 -5.06
CA ASN D 345 -14.99 40.63 -6.29
C ASN D 345 -13.89 41.01 -7.29
N ASN D 346 -12.84 41.69 -6.83
CA ASN D 346 -11.69 41.97 -7.67
C ASN D 346 -10.44 41.28 -7.13
N ARG D 347 -10.06 40.18 -7.79
CA ARG D 347 -8.97 39.32 -7.32
C ARG D 347 -7.59 39.98 -7.46
N PHE D 348 -7.50 41.01 -8.28
CA PHE D 348 -6.20 41.62 -8.57
C PHE D 348 -5.93 42.90 -7.80
N LEU D 349 -6.81 43.23 -6.87
CA LEU D 349 -6.61 44.45 -6.07
C LEU D 349 -5.58 44.22 -4.98
N LYS D 350 -4.34 44.60 -5.25
CA LYS D 350 -3.29 44.56 -4.23
C LYS D 350 -2.93 45.97 -3.79
N PHE D 351 -3.45 46.40 -2.64
CA PHE D 351 -3.10 47.70 -2.07
C PHE D 351 -1.73 47.66 -1.38
N ASP D 352 -1.06 46.51 -1.49
CA ASP D 352 0.31 46.32 -1.03
C ASP D 352 1.16 45.89 -2.22
N GLU D 353 2.48 45.91 -2.05
CA GLU D 353 3.43 45.51 -3.08
C GLU D 353 4.75 45.10 -2.44
N ARG D 354 4.72 44.86 -1.14
CA ARG D 354 5.92 44.53 -0.37
C ARG D 354 6.26 43.04 -0.43
N ALA D 355 7.56 42.76 -0.55
CA ALA D 355 8.06 41.43 -0.28
C ALA D 355 7.94 41.22 1.23
N PHE D 356 7.79 39.98 1.66
CA PHE D 356 7.73 39.70 3.09
C PHE D 356 8.25 38.33 3.44
N LYS D 357 8.53 38.15 4.72
CA LYS D 357 8.91 36.87 5.30
C LYS D 357 8.20 36.83 6.64
N THR D 358 7.67 35.67 7.01
CA THR D 358 6.86 35.59 8.21
C THR D 358 7.04 34.26 8.92
N LYS D 359 6.71 34.27 10.20
CA LYS D 359 6.72 33.05 11.01
C LYS D 359 5.50 33.09 11.91
N VAL D 360 5.23 31.98 12.59
CA VAL D 360 4.05 31.89 13.43
C VAL D 360 4.29 30.98 14.63
N ASP D 361 3.59 31.28 15.73
CA ASP D 361 3.60 30.43 16.90
C ASP D 361 2.17 30.11 17.31
N LEU D 362 1.97 28.95 17.94
CA LEU D 362 0.73 28.68 18.62
C LEU D 362 1.07 28.41 20.07
N THR D 363 0.24 28.90 20.99
CA THR D 363 0.58 28.85 22.41
C THR D 363 -0.32 27.88 23.18
N LYS D 364 0.23 27.31 24.24
CA LYS D 364 -0.53 26.44 25.13
C LYS D 364 -0.70 27.10 26.48
N GLU D 365 0.32 27.87 26.89
CA GLU D 365 0.28 28.58 28.16
C GLU D 365 0.08 30.07 27.93
N PRO D 366 -0.51 30.75 28.93
CA PRO D 366 -0.62 32.21 28.86
C PRO D 366 0.76 32.84 28.74
N LEU D 367 0.85 33.94 28.00
CA LEU D 367 2.13 34.64 27.87
C LEU D 367 2.34 35.56 29.06
N PRO D 368 3.50 35.43 29.73
CA PRO D 368 3.83 36.31 30.85
C PRO D 368 4.04 37.75 30.36
N SER D 369 3.99 38.71 31.27
CA SER D 369 4.09 40.12 30.92
C SER D 369 5.38 40.43 30.18
N LYS D 370 6.46 39.73 30.55
CA LYS D 370 7.76 40.00 29.94
C LYS D 370 7.85 39.47 28.50
N ALA D 371 7.07 38.44 28.19
CA ALA D 371 7.00 37.91 26.83
C ALA D 371 6.49 38.99 25.87
N PHE D 372 5.37 39.61 26.24
CA PHE D 372 4.83 40.71 25.47
C PHE D 372 5.77 41.91 25.49
N TYR D 373 6.40 42.14 26.64
CA TYR D 373 7.32 43.26 26.78
C TYR D 373 8.47 43.14 25.80
N GLY D 374 9.18 42.02 25.85
CA GLY D 374 10.31 41.79 24.97
C GLY D 374 9.92 41.82 23.50
N LEU D 375 8.76 41.27 23.20
CA LEU D 375 8.23 41.24 21.84
C LEU D 375 8.01 42.65 21.29
N LEU D 376 7.34 43.47 22.08
CA LEU D 376 7.05 44.85 21.71
C LEU D 376 8.31 45.69 21.67
N GLU D 377 9.28 45.33 22.52
CA GLU D 377 10.55 46.05 22.58
C GLU D 377 11.32 45.87 21.28
N ARG D 378 11.40 44.62 20.82
CA ARG D 378 12.05 44.29 19.55
C ARG D 378 11.23 44.80 18.36
N LEU D 379 9.91 44.78 18.51
CA LEU D 379 9.01 45.32 17.50
C LEU D 379 9.35 46.79 17.27
N SER D 380 9.31 47.56 18.35
CA SER D 380 9.58 49.00 18.32
C SER D 380 10.93 49.35 17.67
N LYS D 381 11.88 48.44 17.70
CA LYS D 381 13.20 48.68 17.13
C LYS D 381 13.26 48.42 15.62
N GLU D 382 12.11 48.11 15.03
CA GLU D 382 12.07 47.73 13.62
C GLU D 382 10.78 48.19 12.94
N PRO D 383 10.86 49.32 12.21
CA PRO D 383 9.70 49.94 11.55
C PRO D 383 9.06 49.01 10.53
N ASN D 384 9.83 48.06 10.02
CA ASN D 384 9.31 47.10 9.04
C ASN D 384 8.82 45.81 9.69
N GLY D 385 8.79 45.80 11.02
CA GLY D 385 8.31 44.64 11.76
C GLY D 385 6.85 44.81 12.13
N PHE D 386 6.13 43.70 12.19
CA PHE D 386 4.70 43.71 12.53
C PHE D 386 4.34 42.43 13.29
N ILE D 387 3.21 42.46 13.98
CA ILE D 387 2.66 41.24 14.57
C ILE D 387 1.15 41.17 14.39
N ALA D 388 0.62 39.95 14.35
CA ALA D 388 -0.82 39.72 14.35
C ALA D 388 -1.14 38.65 15.36
N LEU D 389 -2.15 38.90 16.17
CA LEU D 389 -2.49 37.98 17.25
C LEU D 389 -3.97 37.57 17.16
N ASN D 390 -4.22 36.28 17.34
CA ASN D 390 -5.59 35.77 17.40
C ASN D 390 -5.76 34.84 18.59
N GLY D 391 -6.94 34.88 19.20
CA GLY D 391 -7.26 33.95 20.25
C GLY D 391 -8.08 32.81 19.67
N PHE D 392 -7.84 31.59 20.14
CA PHE D 392 -8.70 30.48 19.74
C PHE D 392 -9.86 30.38 20.72
N GLY D 393 -10.01 29.23 21.36
CA GLY D 393 -11.16 29.02 22.22
C GLY D 393 -12.41 28.90 21.39
N GLY D 394 -13.57 29.02 22.03
CA GLY D 394 -14.84 28.87 21.33
C GLY D 394 -14.95 27.52 20.65
N GLN D 395 -15.37 27.53 19.39
CA GLN D 395 -15.53 26.29 18.62
C GLN D 395 -14.21 25.59 18.33
N MET D 396 -13.13 26.36 18.24
CA MET D 396 -11.80 25.80 18.02
C MET D 396 -11.40 24.87 19.16
N SER D 397 -12.01 25.03 20.34
CA SER D 397 -11.80 24.11 21.44
C SER D 397 -12.76 22.92 21.42
N LYS D 398 -13.89 23.07 20.73
CA LYS D 398 -14.91 22.01 20.68
C LYS D 398 -14.74 21.03 19.52
N ILE D 399 -13.93 21.40 18.54
CA ILE D 399 -13.64 20.52 17.42
C ILE D 399 -12.49 19.58 17.80
N SER D 400 -12.68 18.28 17.60
CA SER D 400 -11.64 17.30 17.91
C SER D 400 -10.40 17.55 17.06
N SER D 401 -9.23 17.20 17.59
CA SER D 401 -7.96 17.47 16.91
C SER D 401 -7.80 16.67 15.62
N ASP D 402 -8.54 15.57 15.49
CA ASP D 402 -8.43 14.70 14.32
C ASP D 402 -9.61 14.83 13.37
N PHE D 403 -10.51 15.78 13.63
CA PHE D 403 -11.66 16.02 12.76
C PHE D 403 -11.18 16.31 11.33
N THR D 404 -10.20 17.21 11.24
CA THR D 404 -9.49 17.49 9.99
C THR D 404 -7.99 17.56 10.33
N PRO D 405 -7.10 17.57 9.33
CA PRO D 405 -5.66 17.59 9.62
C PRO D 405 -5.16 18.70 10.54
N PHE D 406 -5.82 19.84 10.59
CA PHE D 406 -5.42 20.91 11.50
C PHE D 406 -5.68 20.50 12.93
N PRO D 407 -4.60 20.28 13.71
CA PRO D 407 -4.67 19.63 15.02
C PRO D 407 -4.76 20.58 16.22
N HIS D 408 -4.62 21.88 15.99
CA HIS D 408 -4.51 22.81 17.11
C HIS D 408 -5.87 23.30 17.58
N ARG D 409 -6.51 22.47 18.40
CA ARG D 409 -7.84 22.75 18.86
C ARG D 409 -7.83 23.01 20.37
N SER D 410 -8.42 22.09 21.16
CA SER D 410 -8.45 22.25 22.60
C SER D 410 -7.04 22.34 23.16
N GLY D 411 -6.83 23.28 24.08
CA GLY D 411 -5.51 23.48 24.67
C GLY D 411 -4.73 24.57 23.98
N THR D 412 -5.16 24.96 22.79
CA THR D 412 -4.51 26.02 22.04
C THR D 412 -5.15 27.35 22.40
N ARG D 413 -4.35 28.33 22.78
CA ARG D 413 -4.86 29.61 23.23
C ARG D 413 -4.73 30.70 22.17
N LEU D 414 -3.53 30.87 21.65
CA LEU D 414 -3.25 31.97 20.73
C LEU D 414 -2.52 31.53 19.48
N MET D 415 -2.74 32.26 18.39
CA MET D 415 -1.87 32.17 17.23
C MET D 415 -1.16 33.50 17.10
N VAL D 416 0.17 33.46 17.07
CA VAL D 416 0.97 34.68 17.02
C VAL D 416 1.79 34.75 15.74
N GLU D 417 1.48 35.72 14.88
CA GLU D 417 2.21 35.90 13.63
C GLU D 417 3.28 36.98 13.76
N TYR D 418 4.49 36.67 13.29
CA TYR D 418 5.55 37.66 13.23
C TYR D 418 5.90 37.96 11.77
N ILE D 419 5.60 39.18 11.32
CA ILE D 419 5.81 39.54 9.93
C ILE D 419 6.84 40.66 9.77
N VAL D 420 7.69 40.53 8.77
CA VAL D 420 8.53 41.66 8.35
C VAL D 420 8.33 41.85 6.85
N ALA D 421 7.94 43.06 6.46
CA ALA D 421 7.68 43.37 5.07
C ALA D 421 8.47 44.58 4.64
N TRP D 422 8.80 44.65 3.35
CA TRP D 422 9.54 45.78 2.83
C TRP D 422 9.31 45.95 1.34
N ASN D 423 9.06 47.19 0.91
CA ASN D 423 9.10 47.52 -0.51
C ASN D 423 10.54 47.38 -0.98
N GLN D 424 10.79 47.69 -2.24
CA GLN D 424 12.15 47.81 -2.76
C GLN D 424 12.96 48.87 -2.00
N SER D 425 13.98 49.47 -2.61
CA SER D 425 14.84 50.45 -1.92
C SER D 425 15.43 49.90 -0.61
N GLU D 426 14.56 49.50 0.32
CA GLU D 426 14.95 48.82 1.55
C GLU D 426 15.48 47.39 1.30
N GLN D 427 15.49 46.96 0.04
CA GLN D 427 15.88 45.59 -0.33
C GLN D 427 17.33 45.23 0.01
N LYS D 428 18.19 46.24 0.19
CA LYS D 428 19.55 45.98 0.65
C LYS D 428 19.55 45.47 2.09
N LYS D 429 18.69 46.05 2.92
CA LYS D 429 18.58 45.67 4.32
C LYS D 429 17.96 44.27 4.52
N LYS D 430 17.58 43.60 3.43
CA LYS D 430 16.93 42.28 3.49
C LYS D 430 17.47 41.33 4.57
N THR D 431 18.79 41.18 4.62
CA THR D 431 19.46 40.35 5.62
C THR D 431 19.20 40.85 7.05
N GLU D 432 19.10 42.17 7.20
CA GLU D 432 18.74 42.80 8.48
C GLU D 432 17.33 42.41 8.92
N PHE D 433 16.35 42.67 8.06
CA PHE D 433 14.95 42.31 8.31
C PHE D 433 14.77 40.87 8.75
N LEU D 434 15.43 39.96 8.04
CA LEU D 434 15.33 38.53 8.32
C LEU D 434 16.02 38.19 9.64
N ASP D 435 17.11 38.89 9.94
CA ASP D 435 17.81 38.70 11.21
C ASP D 435 16.94 39.11 12.38
N TRP D 436 16.19 40.20 12.22
CA TRP D 436 15.23 40.64 13.23
C TRP D 436 14.20 39.56 13.48
N LEU D 437 13.61 39.07 12.40
CA LEU D 437 12.56 38.06 12.48
C LEU D 437 13.03 36.82 13.24
N GLU D 438 14.25 36.38 12.96
CA GLU D 438 14.79 35.21 13.63
C GLU D 438 15.00 35.48 15.12
N LYS D 439 15.45 36.68 15.45
CA LYS D 439 15.66 37.09 16.83
C LYS D 439 14.35 37.07 17.62
N VAL D 440 13.32 37.69 17.05
CA VAL D 440 11.97 37.68 17.60
C VAL D 440 11.50 36.26 17.88
N TYR D 441 11.66 35.40 16.89
CA TYR D 441 11.28 34.00 16.97
C TYR D 441 12.08 33.26 18.04
N GLU D 442 13.38 33.54 18.10
CA GLU D 442 14.23 32.92 19.11
C GLU D 442 13.87 33.42 20.51
N PHE D 443 13.50 34.69 20.61
CA PHE D 443 13.11 35.26 21.90
C PHE D 443 11.85 34.59 22.44
N MET D 444 10.89 34.32 21.56
CA MET D 444 9.59 33.79 21.96
C MET D 444 9.63 32.31 22.30
N LYS D 445 10.71 31.63 21.93
CA LYS D 445 10.82 30.18 22.07
C LYS D 445 10.43 29.61 23.44
N PRO D 446 10.86 30.24 24.55
CA PRO D 446 10.46 29.61 25.82
C PRO D 446 9.00 29.83 26.22
N PHE D 447 8.31 30.78 25.59
CA PHE D 447 6.95 31.12 26.03
C PHE D 447 5.86 30.40 25.23
N VAL D 448 6.24 29.87 24.07
CA VAL D 448 5.27 29.28 23.16
C VAL D 448 5.25 27.76 23.25
N SER D 449 4.47 27.14 22.36
CA SER D 449 4.39 25.68 22.30
C SER D 449 5.77 25.07 22.13
N LYS D 450 5.95 23.88 22.68
CA LYS D 450 7.23 23.20 22.67
C LYS D 450 7.07 21.71 22.57
N ASN D 451 8.12 21.05 22.10
CA ASN D 451 8.16 19.60 21.95
C ASN D 451 6.95 18.99 21.24
N PRO D 452 6.79 19.30 19.93
CA PRO D 452 7.65 20.21 19.16
C PRO D 452 7.10 21.64 19.15
N ARG D 453 7.85 22.58 18.58
CA ARG D 453 7.33 23.92 18.38
C ARG D 453 6.37 23.91 17.19
N LEU D 454 5.12 24.29 17.44
CA LEU D 454 4.05 24.10 16.46
C LEU D 454 4.05 25.13 15.34
N GLY D 455 3.45 24.77 14.22
CA GLY D 455 3.28 25.65 13.09
C GLY D 455 1.93 25.45 12.44
N TYR D 456 1.70 26.11 11.31
CA TYR D 456 0.42 26.09 10.63
C TYR D 456 0.69 26.02 9.13
N VAL D 457 0.22 24.97 8.48
CA VAL D 457 0.66 24.65 7.12
C VAL D 457 0.33 25.77 6.12
N ASN D 458 -0.71 26.54 6.39
CA ASN D 458 -1.03 27.68 5.55
C ASN D 458 -0.04 28.83 5.77
N HIS D 459 0.66 28.77 6.91
CA HIS D 459 1.78 29.66 7.15
C HIS D 459 3.07 28.89 6.95
N ILE D 460 3.19 28.31 5.75
CA ILE D 460 4.31 27.46 5.38
C ILE D 460 5.65 28.16 5.64
N ASP D 461 6.54 27.46 6.32
CA ASP D 461 7.82 28.02 6.75
C ASP D 461 8.95 27.05 6.44
N LEU D 462 9.74 27.36 5.43
CA LEU D 462 10.79 26.47 4.97
C LEU D 462 12.03 26.49 5.88
N ASP D 463 12.05 27.43 6.83
CA ASP D 463 13.12 27.46 7.83
C ASP D 463 13.11 26.17 8.64
N LEU D 464 11.92 25.58 8.77
CA LEU D 464 11.74 24.33 9.49
C LEU D 464 12.40 23.16 8.77
N GLY D 465 12.87 23.39 7.54
CA GLY D 465 13.54 22.36 6.76
C GLY D 465 12.80 22.04 5.47
N GLY D 466 13.34 21.12 4.67
CA GLY D 466 12.73 20.75 3.41
C GLY D 466 13.34 19.53 2.73
N ILE D 467 12.55 18.87 1.89
CA ILE D 467 12.97 17.68 1.16
C ILE D 467 13.52 18.00 -0.23
N ASP D 468 14.65 17.39 -0.59
CA ASP D 468 15.15 17.41 -1.96
C ASP D 468 14.71 16.12 -2.65
N TRP D 469 13.65 16.20 -3.47
CA TRP D 469 13.09 15.01 -4.09
C TRP D 469 13.94 14.47 -5.22
N GLY D 470 15.03 15.17 -5.56
CA GLY D 470 15.95 14.72 -6.58
C GLY D 470 17.11 13.92 -6.00
N ASN D 471 17.24 13.97 -4.69
CA ASN D 471 18.23 13.18 -3.97
C ASN D 471 17.58 11.88 -3.47
N LYS D 472 17.95 10.76 -4.08
CA LYS D 472 17.31 9.48 -3.81
C LYS D 472 17.46 8.98 -2.37
N THR D 473 18.64 9.21 -1.77
CA THR D 473 18.89 8.80 -0.39
C THR D 473 17.95 9.52 0.59
N VAL D 474 17.65 10.79 0.32
CA VAL D 474 16.66 11.54 1.09
C VAL D 474 15.26 10.93 0.92
N VAL D 475 14.83 10.81 -0.33
CA VAL D 475 13.51 10.29 -0.68
C VAL D 475 13.19 8.94 -0.03
N ASN D 476 14.20 8.09 0.11
CA ASN D 476 14.02 6.79 0.72
C ASN D 476 13.75 6.85 2.22
N ASN D 477 14.15 7.95 2.86
CA ASN D 477 13.85 8.16 4.27
C ASN D 477 13.00 9.42 4.46
N ALA D 478 12.19 9.72 3.47
CA ALA D 478 11.41 10.96 3.43
C ALA D 478 10.45 11.12 4.60
N ILE D 479 9.90 10.00 5.08
CA ILE D 479 8.93 10.04 6.16
C ILE D 479 9.53 10.55 7.46
N GLU D 480 10.70 10.05 7.80
CA GLU D 480 11.39 10.45 9.02
C GLU D 480 11.97 11.85 8.92
N ILE D 481 12.44 12.20 7.73
CA ILE D 481 13.01 13.53 7.49
C ILE D 481 11.91 14.60 7.53
N SER D 482 10.76 14.30 6.93
CA SER D 482 9.66 15.26 6.88
C SER D 482 8.92 15.38 8.21
N ARG D 483 9.27 14.52 9.16
CA ARG D 483 8.57 14.45 10.44
C ARG D 483 8.73 15.73 11.26
N SER D 484 9.79 16.48 11.00
CA SER D 484 10.06 17.73 11.70
C SER D 484 8.92 18.73 11.52
N TRP D 485 8.71 19.18 10.29
CA TRP D 485 7.64 20.13 9.99
C TRP D 485 6.28 19.43 9.95
N GLY D 486 6.30 18.14 9.62
CA GLY D 486 5.08 17.35 9.55
C GLY D 486 4.33 17.32 10.87
N GLU D 487 5.04 16.97 11.94
CA GLU D 487 4.44 16.95 13.28
C GLU D 487 4.24 18.35 13.81
N SER D 488 5.02 19.30 13.30
CA SER D 488 4.85 20.70 13.67
C SER D 488 3.53 21.22 13.15
N TYR D 489 3.22 20.86 11.90
CA TYR D 489 1.98 21.28 11.27
C TYR D 489 0.78 20.46 11.73
N PHE D 490 0.97 19.15 11.88
CA PHE D 490 -0.16 18.24 12.00
C PHE D 490 -0.14 17.33 13.23
N LEU D 491 0.98 17.29 13.94
CA LEU D 491 1.14 16.45 15.13
C LEU D 491 0.77 14.99 14.87
N SER D 492 -0.22 14.52 15.61
CA SER D 492 -0.65 13.12 15.55
C SER D 492 -1.41 12.77 14.27
N ASN D 493 -1.81 13.78 13.51
CA ASN D 493 -2.53 13.56 12.26
C ASN D 493 -1.58 13.18 11.12
N TYR D 494 -0.28 13.28 11.39
CA TYR D 494 0.76 13.09 10.38
C TYR D 494 0.77 11.69 9.76
N GLU D 495 0.47 10.68 10.56
CA GLU D 495 0.42 9.30 10.07
C GLU D 495 -0.68 9.09 9.04
N ARG D 496 -1.88 9.59 9.34
CA ARG D 496 -3.03 9.39 8.46
C ARG D 496 -2.89 10.16 7.16
N LEU D 497 -2.17 11.28 7.19
CA LEU D 497 -1.88 12.05 6.00
C LEU D 497 -0.99 11.25 5.06
N ILE D 498 -0.08 10.48 5.66
CA ILE D 498 0.81 9.61 4.89
C ILE D 498 0.02 8.52 4.17
N ARG D 499 -1.01 8.01 4.85
CA ARG D 499 -1.87 6.98 4.25
C ARG D 499 -2.65 7.55 3.07
N ALA D 500 -3.24 8.73 3.27
CA ALA D 500 -4.01 9.38 2.22
C ALA D 500 -3.15 9.72 1.02
N LYS D 501 -1.91 10.12 1.28
CA LYS D 501 -0.95 10.43 0.22
C LYS D 501 -0.63 9.17 -0.61
N THR D 502 -0.50 8.05 0.09
CA THR D 502 -0.19 6.78 -0.55
C THR D 502 -1.37 6.30 -1.42
N LEU D 503 -2.58 6.59 -0.96
CA LEU D 503 -3.80 6.17 -1.68
C LEU D 503 -4.06 7.01 -2.92
N ILE D 504 -3.76 8.31 -2.84
CA ILE D 504 -4.15 9.24 -3.90
C ILE D 504 -2.98 9.67 -4.80
N ASP D 505 -1.75 9.58 -4.29
CA ASP D 505 -0.59 9.99 -5.09
C ASP D 505 0.67 9.20 -4.71
N PRO D 506 0.64 7.87 -4.89
CA PRO D 506 1.80 7.05 -4.49
C PRO D 506 3.08 7.35 -5.28
N ASN D 507 2.95 7.83 -6.51
CA ASN D 507 4.11 8.15 -7.33
C ASN D 507 4.60 9.58 -7.10
N ASN D 508 3.99 10.26 -6.12
CA ASN D 508 4.42 11.59 -5.68
C ASN D 508 4.50 12.62 -6.81
N VAL D 509 3.50 12.63 -7.66
CA VAL D 509 3.44 13.59 -8.77
C VAL D 509 3.27 15.00 -8.24
N PHE D 510 2.53 15.14 -7.14
CA PHE D 510 2.34 16.44 -6.51
C PHE D 510 3.22 16.55 -5.28
N ASN D 511 4.31 17.31 -5.44
CA ASN D 511 5.31 17.43 -4.39
C ASN D 511 5.86 18.85 -4.27
N HIS D 512 6.39 19.18 -3.10
CA HIS D 512 7.10 20.44 -2.89
C HIS D 512 8.02 20.22 -1.67
N PRO D 513 8.86 21.21 -1.31
CA PRO D 513 9.83 20.96 -0.23
C PRO D 513 9.28 20.38 1.08
N GLN D 514 7.99 20.56 1.37
CA GLN D 514 7.45 20.04 2.62
C GLN D 514 6.17 19.22 2.42
N SER D 515 5.97 18.71 1.22
CA SER D 515 4.79 17.92 0.92
C SER D 515 4.83 16.57 1.65
N ILE D 516 3.65 16.09 2.07
CA ILE D 516 3.53 14.80 2.72
C ILE D 516 4.06 13.69 1.84
N PRO D 517 5.00 12.88 2.35
CA PRO D 517 5.53 11.77 1.56
C PRO D 517 4.62 10.55 1.61
N PRO D 518 4.63 9.72 0.56
CA PRO D 518 3.92 8.44 0.62
C PRO D 518 4.74 7.43 1.41
N MET D 519 4.16 6.26 1.69
CA MET D 519 4.78 5.31 2.61
C MET D 519 6.11 4.76 2.12
N ALA D 520 6.39 4.93 0.82
CA ALA D 520 7.64 4.44 0.24
C ALA D 520 8.00 5.14 -1.06
N ASN D 521 9.22 4.90 -1.54
CA ASN D 521 9.69 5.44 -2.80
C ASN D 521 9.28 4.55 -3.96
N PHE D 522 7.99 4.58 -4.29
CA PHE D 522 7.45 3.78 -5.38
C PHE D 522 8.11 4.11 -6.71
#